data_9MQ8
#
_entry.id   9MQ8
#
_cell.length_a   1.00
_cell.length_b   1.00
_cell.length_c   1.00
_cell.angle_alpha   90.00
_cell.angle_beta   90.00
_cell.angle_gamma   90.00
#
_symmetry.space_group_name_H-M   'P 1'
#
loop_
_entity.id
_entity.type
_entity.pdbx_description
1 polymer 'Hemagglutinin HA1 chain'
2 polymer 'Hemagglutinin HA2 chain'
3 polymer '310-33-1_H02 Fab Heavy chain'
4 polymer '310-33-1_H02 Fab Light chain'
#
loop_
_entity_poly.entity_id
_entity_poly.type
_entity_poly.pdbx_seq_one_letter_code
_entity_poly.pdbx_strand_id
1 'polypeptide(L)'
;MENIVLLLAIVSLVKSDQICIGYHANNSTEQVDTIMEKNVTVTHAQDILEKTHNGKLCDLNGVKPLILKDCSVAGWLLGN
PMCDEFIRVPEWSYIVERANPANDLCFPGSLNDYEELKHMLSRINHFEKIQIIPKSSWPNHETSLGVSAACPYQGAPSFF
RNVVWLIKKNDAYPTIKISYNNTNREDLLILWGIHHSNNAEEQTNLYKNPITYISVGTSTLNQRLAPKIATRSQVNGQRG
RMDFFWTILKPDDAIHFESNGNFIAPEYAYKIVKKGDSTIMKSGVEYGHCNTKCQTPVGAINSSMPFHNIHPLTIGECPK
YVKSNKLVLATGLRNSPLREKR
;
A,C,E
2 'polypeptide(L)'
;GLFGAIAGFIEGGWQGMVDGWYGYHHSNEQGSGYAADKESTQKAIDGVTNKVNSIIDKMNTQFEAVGREFNNLERRIENL
NKKMEDGFLDVWTYNAELLVLMENERTLDFHDSNVKNLYDKVRLQLRDNAKELGNGCFEFYHKCDNECMESVRNGTYDYP
QYSEEARLKREEISGSGYIPEAPRDGQAYVRKDGEWVLLSTFLGSGLNDIFEAQKIEWHEGHHHHHH
;
B,D,F
3 'polypeptide(L)'
;EVQLVESGGGLVKPGGSLRLSCEASGFIFSNAWMSWVRQAPGKGLEWVGRIKIQTDGGTADYAAPVKGRFTISRDDSKNT
LYLQMNSLRTEDTAVYYCTTLYCAITTCFSPRYWGQGTPVTVSS
;
H,I,J
4 'polypeptide(L)'
;QSALTQPASVSGSPGQSITISCTGTSSDVGSYNLVFWYQQHPGKAPKLIIYEVSKRPSGVSYRFSGSKSGNTASLKISGL
QAEDEAEYYCCSYVGSDTWGVFGGGTKLTVL
;
L,M,N
#
# COMPACT_ATOMS: atom_id res chain seq x y z
N CYS A 20 -40.69 59.74 35.75
CA CYS A 20 -39.49 60.54 35.90
C CYS A 20 -38.24 59.70 35.70
N ILE A 21 -38.25 58.48 36.25
CA ILE A 21 -37.12 57.58 36.12
C ILE A 21 -37.06 57.03 34.70
N GLY A 22 -35.85 57.02 34.11
CA GLY A 22 -35.65 56.55 32.76
C GLY A 22 -34.63 55.43 32.72
N TYR A 23 -34.41 54.94 31.50
CA TYR A 23 -33.44 53.89 31.27
C TYR A 23 -32.03 54.38 31.58
N HIS A 24 -31.20 53.47 32.09
CA HIS A 24 -29.83 53.83 32.45
C HIS A 24 -29.02 54.15 31.20
N ALA A 25 -28.20 55.20 31.31
CA ALA A 25 -27.32 55.63 30.23
C ALA A 25 -25.88 55.57 30.72
N ASN A 26 -25.00 55.01 29.90
CA ASN A 26 -23.61 54.83 30.29
C ASN A 26 -22.66 55.27 29.20
N ASN A 27 -21.36 55.06 29.41
CA ASN A 27 -20.34 55.50 28.45
C ASN A 27 -19.34 54.36 28.23
N SER A 28 -18.81 54.31 27.01
CA SER A 28 -17.81 53.32 26.64
C SER A 28 -17.05 53.84 25.43
N THR A 29 -15.94 53.16 25.11
CA THR A 29 -15.07 53.56 24.02
C THR A 29 -14.69 52.37 23.15
N GLU A 30 -15.65 51.49 22.87
CA GLU A 30 -15.42 50.30 22.07
C GLU A 30 -16.55 50.12 21.08
N GLN A 31 -16.33 49.24 20.10
CA GLN A 31 -17.28 49.00 19.02
C GLN A 31 -17.48 47.50 18.82
N VAL A 32 -18.68 47.14 18.35
CA VAL A 32 -19.05 45.76 18.11
C VAL A 32 -19.79 45.68 16.77
N ASP A 33 -19.76 44.50 16.16
CA ASP A 33 -20.42 44.25 14.88
C ASP A 33 -21.49 43.17 15.06
N THR A 34 -22.50 43.23 14.19
CA THR A 34 -23.59 42.26 14.21
C THR A 34 -24.29 42.28 12.86
N ILE A 35 -25.31 41.43 12.72
CA ILE A 35 -26.10 41.41 11.49
C ILE A 35 -26.92 42.69 11.34
N MET A 36 -27.46 43.20 12.45
CA MET A 36 -28.40 44.32 12.38
C MET A 36 -27.78 45.56 11.75
N GLU A 37 -26.48 45.75 11.91
CA GLU A 37 -25.81 46.95 11.39
C GLU A 37 -24.45 46.53 10.85
N LYS A 38 -23.58 47.51 10.63
CA LYS A 38 -22.20 47.27 10.24
C LYS A 38 -21.24 47.37 11.42
N ASN A 39 -21.41 48.39 12.26
CA ASN A 39 -20.59 48.53 13.46
C ASN A 39 -21.38 49.34 14.48
N VAL A 40 -21.40 48.84 15.73
CA VAL A 40 -22.15 49.47 16.81
C VAL A 40 -21.24 49.61 18.01
N THR A 41 -21.38 50.72 18.74
CA THR A 41 -20.64 50.89 19.98
C THR A 41 -21.08 49.86 21.00
N VAL A 42 -20.14 49.42 21.84
CA VAL A 42 -20.38 48.37 22.82
C VAL A 42 -19.92 48.85 24.18
N THR A 43 -20.74 48.59 25.20
CA THR A 43 -20.41 49.00 26.56
C THR A 43 -19.19 48.25 27.08
N HIS A 44 -19.07 46.96 26.78
CA HIS A 44 -17.98 46.15 27.28
C HIS A 44 -17.55 45.18 26.19
N ALA A 45 -16.33 45.35 25.67
CA ALA A 45 -15.83 44.55 24.57
C ALA A 45 -15.08 43.34 25.13
N GLN A 46 -15.81 42.23 25.27
CA GLN A 46 -15.23 40.98 25.72
C GLN A 46 -14.97 40.09 24.50
N ASP A 47 -13.69 39.82 24.23
CA ASP A 47 -13.30 39.11 23.03
C ASP A 47 -13.37 37.59 23.21
N ILE A 48 -13.18 36.87 22.11
CA ILE A 48 -13.15 35.43 22.13
C ILE A 48 -11.76 34.87 21.80
N LEU A 49 -10.96 35.58 21.03
CA LEU A 49 -9.64 35.12 20.65
C LEU A 49 -8.56 36.01 21.27
N GLU A 50 -7.34 35.49 21.27
CA GLU A 50 -6.19 36.26 21.69
C GLU A 50 -4.99 35.82 20.87
N LYS A 51 -4.06 36.76 20.65
CA LYS A 51 -2.86 36.48 19.88
C LYS A 51 -1.59 36.75 20.69
N THR A 52 -1.70 36.78 22.01
CA THR A 52 -0.56 37.08 22.88
C THR A 52 0.25 35.80 23.16
N HIS A 53 0.79 35.24 22.08
CA HIS A 53 1.62 34.05 22.20
C HIS A 53 3.04 34.43 22.58
N ASN A 54 3.68 33.58 23.40
CA ASN A 54 5.01 33.88 23.89
C ASN A 54 6.05 33.87 22.78
N GLY A 55 5.86 33.02 21.77
CA GLY A 55 6.86 32.87 20.74
C GLY A 55 8.02 31.99 21.12
N LYS A 56 7.92 31.26 22.22
CA LYS A 56 8.99 30.39 22.70
C LYS A 56 8.38 29.08 23.19
N LEU A 57 9.26 28.10 23.43
CA LEU A 57 8.83 26.81 23.94
C LEU A 57 8.29 26.95 25.36
N VAL A 63 6.66 16.61 30.81
CA VAL A 63 8.11 16.55 30.82
C VAL A 63 8.69 17.52 29.79
N LYS A 64 9.98 17.80 29.90
CA LYS A 64 10.63 18.69 28.95
C LYS A 64 10.76 18.01 27.60
N PRO A 65 10.24 18.60 26.53
CA PRO A 65 10.44 18.01 25.20
C PRO A 65 11.91 18.05 24.80
N LEU A 66 12.30 17.09 23.97
CA LEU A 66 13.66 17.05 23.48
C LEU A 66 13.97 18.31 22.68
N ILE A 67 15.11 18.92 22.97
CA ILE A 67 15.56 20.13 22.30
C ILE A 67 16.90 19.81 21.66
N LEU A 68 16.88 19.37 20.41
CA LEU A 68 18.08 19.13 19.63
C LEU A 68 18.35 20.31 18.71
N LYS A 69 19.64 20.56 18.45
CA LYS A 69 20.03 21.73 17.69
C LYS A 69 19.87 21.51 16.19
N ASP A 70 20.62 20.55 15.64
CA ASP A 70 20.59 20.32 14.20
C ASP A 70 20.49 18.85 13.82
N CYS A 71 20.71 17.92 14.74
CA CYS A 71 20.70 16.50 14.41
C CYS A 71 19.31 16.04 13.97
N SER A 72 19.28 15.23 12.93
CA SER A 72 18.03 14.68 12.44
C SER A 72 17.61 13.48 13.28
N VAL A 73 16.34 13.10 13.15
CA VAL A 73 15.83 11.96 13.91
C VAL A 73 16.56 10.69 13.50
N ALA A 74 16.68 10.46 12.19
CA ALA A 74 17.42 9.30 11.71
C ALA A 74 18.88 9.37 12.13
N GLY A 75 19.49 10.55 12.03
CA GLY A 75 20.87 10.70 12.44
C GLY A 75 21.07 10.48 13.92
N TRP A 76 20.13 10.98 14.74
CA TRP A 76 20.23 10.78 16.18
C TRP A 76 20.09 9.30 16.54
N LEU A 77 19.09 8.63 15.96
CA LEU A 77 18.89 7.22 16.28
C LEU A 77 20.06 6.38 15.81
N LEU A 78 20.56 6.65 14.60
CA LEU A 78 21.70 5.89 14.09
C LEU A 78 23.01 6.31 14.74
N GLY A 79 23.02 7.41 15.50
CA GLY A 79 24.23 7.85 16.14
C GLY A 79 25.19 8.55 15.21
N ASN A 80 24.76 9.68 14.66
CA ASN A 80 25.66 10.48 13.83
C ASN A 80 26.81 11.03 14.68
N PRO A 81 27.98 11.23 14.08
CA PRO A 81 29.15 11.64 14.87
C PRO A 81 28.95 12.94 15.62
N MET A 82 28.04 13.81 15.17
CA MET A 82 27.80 15.09 15.81
C MET A 82 26.67 15.04 16.83
N CYS A 83 26.31 13.84 17.30
CA CYS A 83 25.22 13.69 18.26
C CYS A 83 25.70 13.19 19.61
N ASP A 84 26.97 13.42 19.96
CA ASP A 84 27.48 12.96 21.23
C ASP A 84 26.93 13.73 22.42
N GLU A 85 26.24 14.85 22.18
CA GLU A 85 25.65 15.66 23.23
C GLU A 85 24.23 15.24 23.58
N PHE A 86 23.76 14.13 23.03
CA PHE A 86 22.37 13.70 23.19
C PHE A 86 22.29 12.27 23.68
N ILE A 87 21.10 11.67 23.58
CA ILE A 87 20.79 10.28 23.90
C ILE A 87 20.51 10.14 25.40
N ARG A 88 21.40 10.69 26.23
CA ARG A 88 21.25 10.59 27.68
C ARG A 88 20.13 11.52 28.13
N VAL A 89 18.90 11.07 27.89
CA VAL A 89 17.70 11.84 28.24
C VAL A 89 16.76 10.94 29.03
N PRO A 90 16.25 11.39 30.18
CA PRO A 90 15.36 10.54 30.98
C PRO A 90 14.03 10.26 30.30
N GLU A 91 13.35 11.31 29.85
CA GLU A 91 12.02 11.16 29.29
C GLU A 91 11.68 12.39 28.47
N TRP A 92 10.97 12.20 27.36
CA TRP A 92 10.52 13.28 26.51
C TRP A 92 9.06 13.06 26.14
N SER A 93 8.38 14.16 25.80
CA SER A 93 6.99 14.13 25.39
C SER A 93 6.79 14.31 23.90
N TYR A 94 7.57 15.19 23.26
CA TYR A 94 7.50 15.38 21.82
C TYR A 94 8.85 15.88 21.31
N ILE A 95 9.02 15.80 20.00
CA ILE A 95 10.29 16.10 19.35
C ILE A 95 10.24 17.49 18.74
N VAL A 96 11.30 18.26 18.97
CA VAL A 96 11.47 19.58 18.35
C VAL A 96 12.59 19.48 17.33
N GLU A 97 12.29 19.81 16.08
CA GLU A 97 13.26 19.72 15.01
C GLU A 97 12.94 20.76 13.94
N ARG A 98 13.98 21.30 13.32
CA ARG A 98 13.83 22.31 12.28
C ARG A 98 13.91 21.67 10.90
N ALA A 99 13.35 22.38 9.93
CA ALA A 99 13.33 21.88 8.55
C ALA A 99 14.72 21.87 7.94
N ASN A 100 14.97 20.88 7.10
CA ASN A 100 16.23 20.69 6.39
C ASN A 100 17.42 20.71 7.33
N PRO A 101 17.54 19.71 8.21
CA PRO A 101 18.69 19.67 9.12
C PRO A 101 19.99 19.44 8.37
N ALA A 102 21.06 20.06 8.85
CA ALA A 102 22.37 19.88 8.25
C ALA A 102 23.08 18.64 8.75
N ASN A 103 22.61 18.04 9.84
CA ASN A 103 23.21 16.83 10.39
C ASN A 103 22.43 15.58 10.01
N ASP A 104 21.86 15.55 8.81
CA ASP A 104 21.13 14.38 8.35
C ASP A 104 22.11 13.25 8.01
N LEU A 105 21.58 12.17 7.47
CA LEU A 105 22.40 11.03 7.07
C LEU A 105 23.45 11.47 6.07
N CYS A 106 24.72 11.44 6.48
CA CYS A 106 25.80 11.77 5.55
C CYS A 106 25.84 10.79 4.39
N PHE A 107 25.68 9.51 4.68
CA PHE A 107 25.57 8.52 3.62
C PHE A 107 24.16 8.55 3.03
N PRO A 108 24.01 8.68 1.72
CA PRO A 108 22.67 8.71 1.12
C PRO A 108 21.91 7.43 1.38
N GLY A 109 20.60 7.55 1.54
CA GLY A 109 19.76 6.41 1.80
C GLY A 109 18.47 6.85 2.46
N SER A 110 17.68 5.85 2.84
CA SER A 110 16.40 6.12 3.48
C SER A 110 16.00 4.92 4.31
N LEU A 111 15.02 5.13 5.19
CA LEU A 111 14.50 4.08 6.06
C LEU A 111 13.14 3.63 5.56
N ASN A 112 12.98 2.32 5.39
CA ASN A 112 11.67 1.79 5.03
C ASN A 112 10.67 2.05 6.14
N ASP A 113 9.46 2.42 5.75
CA ASP A 113 8.40 2.76 6.70
C ASP A 113 8.86 3.86 7.65
N TYR A 114 9.52 4.88 7.08
CA TYR A 114 10.11 5.93 7.91
C TYR A 114 9.03 6.68 8.69
N GLU A 115 7.89 6.95 8.06
CA GLU A 115 6.83 7.67 8.76
C GLU A 115 6.28 6.86 9.93
N GLU A 116 6.25 5.53 9.80
CA GLU A 116 5.77 4.70 10.90
C GLU A 116 6.64 4.87 12.13
N LEU A 117 7.95 4.93 11.94
CA LEU A 117 8.86 5.07 13.07
C LEU A 117 8.63 6.40 13.79
N LYS A 118 8.43 7.48 13.03
CA LYS A 118 8.16 8.77 13.65
C LYS A 118 6.86 8.74 14.43
N HIS A 119 5.83 8.10 13.87
CA HIS A 119 4.55 8.00 14.57
C HIS A 119 4.69 7.23 15.87
N MET A 120 5.42 6.11 15.83
CA MET A 120 5.60 5.32 17.05
C MET A 120 6.41 6.09 18.09
N LEU A 121 7.45 6.78 17.67
CA LEU A 121 8.35 7.48 18.58
C LEU A 121 7.77 8.78 19.11
N SER A 122 6.48 9.04 18.89
CA SER A 122 5.87 10.26 19.42
C SER A 122 5.79 10.21 20.93
N ARG A 123 5.29 9.11 21.49
CA ARG A 123 5.20 8.92 22.93
C ARG A 123 6.00 7.67 23.27
N ILE A 124 6.96 7.82 24.17
CA ILE A 124 7.89 6.72 24.46
C ILE A 124 8.03 6.52 25.96
N ASN A 125 7.49 7.46 26.74
CA ASN A 125 7.70 7.49 28.20
C ASN A 125 9.21 7.62 28.42
N HIS A 126 9.84 6.73 29.17
CA HIS A 126 11.28 6.78 29.32
C HIS A 126 11.96 5.95 28.24
N PHE A 127 13.22 6.29 27.98
CA PHE A 127 13.98 5.72 26.86
C PHE A 127 15.38 5.37 27.37
N GLU A 128 15.64 4.08 27.54
CA GLU A 128 16.90 3.60 28.09
C GLU A 128 17.68 2.83 27.03
N LYS A 129 18.96 3.14 26.90
CA LYS A 129 19.82 2.46 25.95
C LYS A 129 20.60 1.35 26.66
N ILE A 130 20.56 0.15 26.09
CA ILE A 130 21.21 -1.02 26.69
C ILE A 130 21.91 -1.81 25.59
N GLN A 131 23.14 -2.23 25.86
CA GLN A 131 23.91 -3.02 24.91
C GLN A 131 23.49 -4.47 25.01
N ILE A 132 22.63 -4.91 24.09
CA ILE A 132 22.23 -6.31 24.08
C ILE A 132 23.37 -7.20 23.61
N ILE A 133 24.11 -6.77 22.60
CA ILE A 133 25.15 -7.58 21.98
C ILE A 133 26.49 -6.91 22.23
N PRO A 134 27.43 -7.57 22.92
CA PRO A 134 28.75 -6.97 23.11
C PRO A 134 29.56 -6.99 21.83
N LYS A 135 30.56 -6.11 21.78
CA LYS A 135 31.42 -6.02 20.62
C LYS A 135 32.29 -7.26 20.45
N SER A 136 32.70 -7.88 21.55
CA SER A 136 33.58 -9.04 21.49
C SER A 136 32.91 -10.26 20.87
N SER A 137 31.60 -10.24 20.67
CA SER A 137 30.84 -11.36 20.13
C SER A 137 31.11 -11.61 18.66
N TRP A 138 32.07 -10.95 18.03
CA TRP A 138 32.37 -11.15 16.61
C TRP A 138 33.87 -11.40 16.46
N PRO A 139 34.34 -12.59 16.83
CA PRO A 139 35.78 -12.86 16.78
C PRO A 139 36.28 -13.14 15.37
N ASN A 140 35.46 -13.77 14.55
CA ASN A 140 35.85 -14.19 13.21
C ASN A 140 35.67 -13.11 12.17
N HIS A 141 35.15 -11.94 12.55
CA HIS A 141 34.90 -10.85 11.62
C HIS A 141 35.59 -9.59 12.12
N GLU A 142 35.91 -8.70 11.20
CA GLU A 142 36.67 -7.50 11.51
C GLU A 142 35.74 -6.30 11.64
N THR A 143 36.18 -5.32 12.44
CA THR A 143 35.37 -4.15 12.76
C THR A 143 36.10 -2.82 12.58
N SER A 144 37.43 -2.79 12.67
CA SER A 144 38.14 -1.52 12.77
C SER A 144 37.98 -0.66 11.53
N LEU A 145 38.09 -1.23 10.34
CA LEU A 145 38.19 -0.46 9.11
C LEU A 145 36.84 -0.13 8.49
N GLY A 146 35.77 -0.14 9.28
CA GLY A 146 34.48 0.29 8.75
C GLY A 146 34.20 1.74 9.05
N VAL A 147 34.50 2.63 8.10
CA VAL A 147 34.27 4.07 8.25
C VAL A 147 33.79 4.64 6.93
N SER A 148 33.19 5.82 7.01
CA SER A 148 32.75 6.56 5.85
C SER A 148 33.30 7.98 5.93
N ALA A 149 33.80 8.48 4.80
CA ALA A 149 34.33 9.84 4.75
C ALA A 149 33.25 10.89 4.51
N ALA A 150 31.99 10.47 4.34
CA ALA A 150 30.93 11.44 4.10
C ALA A 150 30.72 12.35 5.30
N CYS A 151 30.76 11.79 6.51
CA CYS A 151 30.56 12.54 7.75
C CYS A 151 31.73 12.24 8.70
N PRO A 152 32.88 12.86 8.47
CA PRO A 152 34.03 12.62 9.34
C PRO A 152 33.85 13.30 10.69
N TYR A 153 34.68 12.88 11.63
CA TYR A 153 34.64 13.41 13.00
C TYR A 153 36.05 13.68 13.47
N GLN A 154 36.21 14.79 14.20
CA GLN A 154 37.50 15.31 14.68
C GLN A 154 38.61 15.17 13.65
N GLY A 155 38.31 15.47 12.38
CA GLY A 155 39.31 15.43 11.34
C GLY A 155 39.72 14.05 10.89
N ALA A 156 38.94 13.03 11.20
CA ALA A 156 39.24 11.67 10.78
C ALA A 156 37.97 11.01 10.27
N PRO A 157 38.08 10.09 9.30
CA PRO A 157 36.91 9.35 8.86
C PRO A 157 36.34 8.52 10.00
N SER A 158 35.01 8.38 10.01
CA SER A 158 34.35 7.66 11.09
C SER A 158 33.10 7.00 10.52
N PHE A 159 32.20 6.59 11.40
CA PHE A 159 30.96 5.92 11.01
C PHE A 159 29.99 6.01 12.17
N PHE A 160 28.77 5.54 11.93
CA PHE A 160 27.78 5.48 12.99
C PHE A 160 28.29 4.60 14.13
N ARG A 161 28.10 5.07 15.37
CA ARG A 161 28.58 4.34 16.53
C ARG A 161 27.53 3.42 17.13
N ASN A 162 26.33 3.33 16.53
CA ASN A 162 25.31 2.43 17.01
C ASN A 162 25.23 1.13 16.23
N VAL A 163 25.88 1.04 15.06
CA VAL A 163 25.86 -0.16 14.24
C VAL A 163 27.28 -0.47 13.81
N VAL A 164 27.48 -1.69 13.33
CA VAL A 164 28.78 -2.16 12.86
C VAL A 164 28.68 -2.54 11.40
N TRP A 165 29.58 -2.00 10.58
CA TRP A 165 29.73 -2.38 9.19
C TRP A 165 30.73 -3.52 9.14
N LEU A 166 30.24 -4.75 9.18
CA LEU A 166 31.13 -5.90 9.13
C LEU A 166 31.74 -6.02 7.74
N ILE A 167 33.06 -6.23 7.70
CA ILE A 167 33.81 -6.31 6.45
C ILE A 167 34.63 -7.59 6.47
N LYS A 168 35.07 -8.00 5.29
CA LYS A 168 35.92 -9.17 5.16
C LYS A 168 37.16 -9.02 6.04
N LYS A 169 37.45 -10.07 6.81
CA LYS A 169 38.52 -10.05 7.79
C LYS A 169 39.78 -10.75 7.29
N ASN A 170 39.63 -11.99 6.82
CA ASN A 170 40.74 -12.82 6.38
C ASN A 170 40.42 -13.45 5.04
N ASP A 171 40.02 -12.61 4.08
CA ASP A 171 39.48 -13.01 2.78
C ASP A 171 38.52 -14.17 2.91
N ALA A 172 37.68 -14.13 3.95
CA ALA A 172 36.64 -15.12 4.17
C ALA A 172 35.52 -14.46 4.94
N TYR A 173 34.33 -15.06 4.86
CA TYR A 173 33.13 -14.51 5.48
C TYR A 173 32.29 -15.63 6.06
N PRO A 174 32.59 -16.06 7.29
CA PRO A 174 31.74 -17.06 7.94
C PRO A 174 30.32 -16.55 8.11
N THR A 175 29.37 -17.48 8.00
CA THR A 175 27.97 -17.13 8.14
C THR A 175 27.65 -16.71 9.57
N ILE A 176 26.89 -15.63 9.71
CA ILE A 176 26.51 -15.12 11.01
C ILE A 176 25.19 -15.76 11.43
N LYS A 177 25.17 -16.34 12.62
CA LYS A 177 23.99 -17.03 13.13
C LYS A 177 23.71 -16.64 14.57
N ILE A 178 23.82 -15.35 14.87
CA ILE A 178 23.57 -14.90 16.23
C ILE A 178 22.08 -15.02 16.56
N SER A 179 21.77 -15.02 17.85
CA SER A 179 20.40 -15.10 18.31
C SER A 179 20.29 -14.40 19.66
N TYR A 180 19.07 -14.00 20.00
CA TYR A 180 18.79 -13.35 21.28
C TYR A 180 17.50 -13.91 21.84
N ASN A 181 17.38 -13.88 23.16
CA ASN A 181 16.22 -14.46 23.84
C ASN A 181 15.31 -13.43 24.50
N ASN A 182 15.81 -12.22 24.75
CA ASN A 182 15.03 -11.16 25.40
C ASN A 182 14.50 -11.63 26.76
N THR A 183 15.45 -11.91 27.66
CA THR A 183 15.09 -12.37 29.00
C THR A 183 14.45 -11.28 29.86
N ASN A 184 14.50 -10.03 29.43
CA ASN A 184 13.94 -8.94 30.22
C ASN A 184 12.41 -8.96 30.12
N ARG A 185 11.79 -7.99 30.79
CA ARG A 185 10.34 -7.90 30.86
C ARG A 185 9.80 -6.67 30.13
N GLU A 186 10.58 -6.10 29.22
CA GLU A 186 10.17 -4.92 28.47
C GLU A 186 10.46 -5.14 26.99
N ASP A 187 9.74 -4.39 26.16
CA ASP A 187 9.93 -4.47 24.71
C ASP A 187 11.29 -3.91 24.32
N LEU A 188 11.87 -4.50 23.28
CA LEU A 188 13.14 -4.06 22.74
C LEU A 188 12.98 -3.65 21.28
N LEU A 189 13.74 -2.65 20.87
CA LEU A 189 13.74 -2.14 19.51
C LEU A 189 15.10 -2.39 18.88
N ILE A 190 15.11 -2.99 17.69
CA ILE A 190 16.34 -3.38 17.01
C ILE A 190 16.40 -2.68 15.66
N LEU A 191 17.61 -2.52 15.15
CA LEU A 191 17.84 -1.95 13.83
C LEU A 191 18.94 -2.71 13.11
N TRP A 192 18.78 -2.87 11.80
CA TRP A 192 19.80 -3.49 10.97
C TRP A 192 19.66 -2.94 9.56
N GLY A 193 20.74 -3.07 8.78
CA GLY A 193 20.78 -2.48 7.46
C GLY A 193 21.38 -3.40 6.43
N ILE A 194 21.20 -3.02 5.16
CA ILE A 194 21.73 -3.73 4.02
C ILE A 194 22.40 -2.73 3.09
N HIS A 195 23.56 -3.10 2.57
CA HIS A 195 24.40 -2.19 1.79
C HIS A 195 24.31 -2.52 0.31
N HIS A 196 24.07 -1.50 -0.51
CA HIS A 196 24.04 -1.65 -1.96
C HIS A 196 25.37 -1.19 -2.54
N SER A 197 26.07 -2.10 -3.21
CA SER A 197 27.35 -1.76 -3.79
C SER A 197 27.15 -0.89 -5.04
N ASN A 198 28.20 -0.14 -5.38
CA ASN A 198 28.14 0.73 -6.55
C ASN A 198 28.25 -0.06 -7.84
N ASN A 199 29.04 -1.13 -7.85
CA ASN A 199 29.26 -1.93 -9.05
C ASN A 199 29.78 -3.29 -8.63
N ALA A 200 30.20 -4.09 -9.62
CA ALA A 200 30.64 -5.46 -9.33
C ALA A 200 31.95 -5.48 -8.57
N GLU A 201 32.87 -4.57 -8.89
CA GLU A 201 34.19 -4.58 -8.27
C GLU A 201 34.12 -4.31 -6.78
N GLU A 202 33.26 -3.36 -6.36
CA GLU A 202 33.09 -3.09 -4.95
C GLU A 202 32.60 -4.32 -4.19
N GLN A 203 31.60 -5.00 -4.75
CA GLN A 203 31.09 -6.21 -4.14
C GLN A 203 32.13 -7.32 -4.13
N THR A 204 33.06 -7.30 -5.07
CA THR A 204 34.03 -8.38 -5.20
C THR A 204 35.05 -8.36 -4.07
N ASN A 205 35.57 -7.18 -3.74
CA ASN A 205 36.67 -7.08 -2.78
C ASN A 205 36.20 -6.90 -1.35
N LEU A 206 35.05 -6.25 -1.12
CA LEU A 206 34.56 -6.07 0.25
C LEU A 206 33.98 -7.36 0.81
N TYR A 207 33.34 -8.17 -0.02
CA TYR A 207 32.74 -9.42 0.41
C TYR A 207 33.13 -10.51 -0.57
N LYS A 208 33.30 -11.73 -0.05
CA LYS A 208 33.78 -12.82 -0.89
C LYS A 208 32.69 -13.35 -1.82
N ASN A 209 31.45 -13.41 -1.34
CA ASN A 209 30.38 -14.01 -2.12
C ASN A 209 29.90 -13.04 -3.20
N PRO A 210 29.96 -13.42 -4.48
CA PRO A 210 29.40 -12.54 -5.52
C PRO A 210 27.90 -12.29 -5.36
N ILE A 211 27.16 -13.29 -4.89
CA ILE A 211 25.72 -13.17 -4.65
C ILE A 211 25.47 -13.42 -3.17
N THR A 212 24.75 -12.51 -2.53
CA THR A 212 24.51 -12.58 -1.10
C THR A 212 23.02 -12.42 -0.82
N TYR A 213 22.65 -12.75 0.41
CA TYR A 213 21.28 -12.55 0.88
C TYR A 213 21.30 -12.49 2.39
N ILE A 214 20.23 -11.94 2.96
CA ILE A 214 20.06 -11.90 4.40
C ILE A 214 18.72 -12.56 4.73
N SER A 215 18.63 -13.07 5.96
CA SER A 215 17.41 -13.73 6.41
C SER A 215 17.11 -13.31 7.84
N VAL A 216 15.85 -12.95 8.08
CA VAL A 216 15.38 -12.55 9.40
C VAL A 216 14.23 -13.45 9.78
N GLY A 217 14.29 -14.02 10.98
CA GLY A 217 13.26 -14.93 11.44
C GLY A 217 12.79 -14.57 12.84
N THR A 218 11.47 -14.59 13.02
CA THR A 218 10.86 -14.33 14.32
C THR A 218 9.47 -14.95 14.30
N SER A 219 8.64 -14.56 15.27
CA SER A 219 7.31 -15.15 15.39
C SER A 219 6.43 -14.78 14.21
N THR A 220 6.35 -13.50 13.89
CA THR A 220 5.37 -13.00 12.92
C THR A 220 6.02 -12.10 11.89
N LEU A 221 7.16 -12.52 11.34
CA LEU A 221 7.81 -11.75 10.29
C LEU A 221 8.83 -12.64 9.59
N ASN A 222 8.73 -12.71 8.26
CA ASN A 222 9.70 -13.40 7.42
C ASN A 222 10.27 -12.41 6.43
N GLN A 223 11.59 -12.43 6.26
CA GLN A 223 12.25 -11.44 5.43
C GLN A 223 13.36 -12.10 4.62
N ARG A 224 13.42 -11.77 3.33
CA ARG A 224 14.50 -12.21 2.46
C ARG A 224 14.84 -11.07 1.52
N LEU A 225 16.13 -10.75 1.41
CA LEU A 225 16.57 -9.60 0.65
C LEU A 225 17.85 -9.94 -0.10
N ALA A 226 18.11 -9.18 -1.15
CA ALA A 226 19.30 -9.35 -1.97
C ALA A 226 19.86 -7.98 -2.34
N PRO A 227 21.17 -7.87 -2.55
CA PRO A 227 21.76 -6.60 -2.94
C PRO A 227 21.35 -6.21 -4.36
N LYS A 228 21.37 -4.90 -4.61
CA LYS A 228 21.00 -4.33 -5.90
C LYS A 228 22.22 -3.66 -6.48
N ILE A 229 22.65 -4.14 -7.66
CA ILE A 229 23.86 -3.63 -8.31
C ILE A 229 23.45 -2.98 -9.62
N ALA A 230 23.75 -1.68 -9.75
CA ALA A 230 23.47 -0.94 -10.97
C ALA A 230 24.20 0.39 -10.89
N THR A 231 24.50 0.95 -12.07
CA THR A 231 25.13 2.26 -12.10
C THR A 231 24.17 3.34 -11.61
N ARG A 232 24.73 4.36 -10.97
CA ARG A 232 23.93 5.41 -10.38
C ARG A 232 24.68 6.73 -10.47
N SER A 233 23.94 7.82 -10.32
CA SER A 233 24.54 9.15 -10.35
C SER A 233 25.25 9.44 -9.02
N GLN A 234 25.96 10.56 -9.00
CA GLN A 234 26.67 11.01 -7.81
C GLN A 234 25.83 12.07 -7.11
N VAL A 235 25.26 11.71 -5.97
CA VAL A 235 24.41 12.64 -5.22
C VAL A 235 25.22 13.35 -4.13
N ASN A 236 26.02 12.62 -3.37
CA ASN A 236 26.80 13.21 -2.29
C ASN A 236 28.01 12.32 -2.05
N GLY A 237 29.17 12.74 -2.55
CA GLY A 237 30.38 11.96 -2.40
C GLY A 237 30.30 10.60 -3.06
N GLN A 238 30.24 9.55 -2.25
CA GLN A 238 30.14 8.21 -2.79
C GLN A 238 28.76 7.99 -3.41
N ARG A 239 28.69 7.07 -4.36
CA ARG A 239 27.47 6.79 -5.10
C ARG A 239 26.65 5.65 -4.51
N GLY A 240 27.10 5.05 -3.40
CA GLY A 240 26.33 3.99 -2.76
C GLY A 240 25.14 4.52 -1.99
N ARG A 241 24.32 3.59 -1.52
CA ARG A 241 23.11 3.96 -0.79
C ARG A 241 22.90 2.99 0.36
N MET A 242 22.22 3.49 1.40
CA MET A 242 21.93 2.74 2.61
C MET A 242 20.44 2.42 2.68
N ASP A 243 20.12 1.26 3.25
CA ASP A 243 18.74 0.86 3.50
C ASP A 243 18.64 0.28 4.90
N PHE A 244 17.70 0.78 5.69
CA PHE A 244 17.58 0.40 7.08
C PHE A 244 16.15 -0.03 7.38
N PHE A 245 16.03 -0.99 8.29
CA PHE A 245 14.74 -1.51 8.71
C PHE A 245 14.67 -1.52 10.23
N TRP A 246 13.48 -1.79 10.76
CA TRP A 246 13.29 -1.88 12.20
C TRP A 246 12.17 -2.85 12.50
N THR A 247 12.15 -3.36 13.73
CA THR A 247 11.16 -4.33 14.14
C THR A 247 10.92 -4.20 15.63
N ILE A 248 9.80 -4.77 16.08
CA ILE A 248 9.40 -4.76 17.47
C ILE A 248 9.49 -6.18 18.00
N LEU A 249 10.15 -6.34 19.15
CA LEU A 249 10.38 -7.66 19.74
C LEU A 249 9.51 -7.84 20.97
N LYS A 250 8.85 -8.99 21.06
CA LYS A 250 7.99 -9.29 22.19
C LYS A 250 8.83 -9.55 23.45
N PRO A 251 8.26 -9.30 24.63
CA PRO A 251 9.04 -9.48 25.86
C PRO A 251 9.55 -10.89 26.08
N ASP A 252 8.78 -11.91 25.69
CA ASP A 252 9.13 -13.31 25.95
C ASP A 252 9.29 -14.09 24.66
N ASP A 253 9.99 -13.52 23.69
CA ASP A 253 10.17 -14.17 22.41
C ASP A 253 11.59 -13.96 21.93
N ALA A 254 12.03 -14.84 21.04
CA ALA A 254 13.39 -14.79 20.52
C ALA A 254 13.43 -14.20 19.11
N ILE A 255 14.64 -13.90 18.65
CA ILE A 255 14.87 -13.40 17.31
C ILE A 255 16.08 -14.12 16.74
N HIS A 256 16.18 -14.15 15.41
CA HIS A 256 17.27 -14.85 14.75
C HIS A 256 17.74 -14.05 13.55
N PHE A 257 19.02 -14.25 13.19
CA PHE A 257 19.64 -13.57 12.07
C PHE A 257 20.47 -14.55 11.26
N GLU A 258 20.43 -14.39 9.94
CA GLU A 258 21.27 -15.18 9.05
C GLU A 258 21.67 -14.30 7.87
N SER A 259 22.95 -14.32 7.52
CA SER A 259 23.44 -13.52 6.40
C SER A 259 24.70 -14.14 5.84
N ASN A 260 25.02 -13.79 4.60
CA ASN A 260 26.22 -14.26 3.93
C ASN A 260 27.00 -13.13 3.27
N GLY A 261 26.82 -11.91 3.75
CA GLY A 261 27.52 -10.75 3.22
C GLY A 261 26.64 -9.51 3.25
N ASN A 262 27.29 -8.35 3.18
CA ASN A 262 26.63 -7.05 3.12
C ASN A 262 25.73 -6.80 4.32
N PHE A 263 25.98 -7.48 5.43
CA PHE A 263 25.14 -7.35 6.62
C PHE A 263 25.66 -6.26 7.53
N ILE A 264 24.74 -5.55 8.18
CA ILE A 264 25.07 -4.55 9.19
C ILE A 264 24.49 -5.04 10.50
N ALA A 265 25.35 -5.27 11.49
CA ALA A 265 24.78 -5.81 12.71
C ALA A 265 24.67 -4.73 13.78
N PRO A 266 23.64 -4.79 14.62
CA PRO A 266 23.49 -3.79 15.68
C PRO A 266 24.37 -4.09 16.88
N GLU A 267 24.70 -3.03 17.61
CA GLU A 267 25.44 -3.14 18.85
C GLU A 267 24.62 -2.77 20.08
N TYR A 268 23.59 -1.94 19.92
CA TYR A 268 22.80 -1.48 21.04
C TYR A 268 21.33 -1.53 20.68
N ALA A 269 20.51 -1.85 21.67
CA ALA A 269 19.07 -1.87 21.52
C ALA A 269 18.47 -0.93 22.56
N TYR A 270 17.25 -0.49 22.30
CA TYR A 270 16.58 0.49 23.14
C TYR A 270 15.43 -0.17 23.86
N LYS A 271 15.40 -0.01 25.18
CA LYS A 271 14.39 -0.61 26.04
C LYS A 271 13.28 0.39 26.30
N ILE A 272 12.06 0.04 25.94
CA ILE A 272 10.89 0.89 26.14
C ILE A 272 9.82 0.07 26.83
N VAL A 273 8.84 0.78 27.40
CA VAL A 273 7.78 0.15 28.18
C VAL A 273 6.46 0.09 27.41
N LYS A 274 6.01 1.23 26.91
CA LYS A 274 4.68 1.30 26.30
C LYS A 274 4.61 2.53 25.41
N LYS A 275 3.39 2.84 24.96
CA LYS A 275 3.16 4.00 24.12
C LYS A 275 3.35 5.29 24.91
N ILE A 280 4.59 15.37 16.05
CA ILE A 280 5.90 15.97 15.81
C ILE A 280 5.76 17.43 15.42
N MET A 281 6.57 18.29 16.03
CA MET A 281 6.61 19.71 15.72
C MET A 281 7.84 19.97 14.86
N LYS A 282 7.66 20.70 13.77
CA LYS A 282 8.72 20.93 12.78
C LYS A 282 8.92 22.43 12.58
N SER A 283 9.82 23.00 13.37
CA SER A 283 10.21 24.40 13.27
C SER A 283 11.42 24.61 14.17
N GLY A 284 11.86 25.87 14.29
CA GLY A 284 12.96 26.20 15.17
C GLY A 284 12.82 27.55 15.81
N VAL A 285 12.87 27.60 17.15
CA VAL A 285 12.74 28.85 17.88
C VAL A 285 13.33 28.64 19.26
N GLU A 286 13.66 29.73 19.93
CA GLU A 286 14.31 29.67 21.24
C GLU A 286 13.34 29.17 22.31
N TYR A 287 13.91 28.62 23.37
CA TYR A 287 13.14 28.10 24.50
C TYR A 287 12.29 29.19 25.15
N THR A 292 2.29 25.05 29.92
CA THR A 292 1.02 24.97 29.20
C THR A 292 0.93 23.68 28.40
N LYS A 293 -0.30 23.23 28.15
CA LYS A 293 -0.54 21.99 27.42
C LYS A 293 -0.64 22.20 25.91
N CYS A 294 -0.69 23.44 25.45
CA CYS A 294 -0.86 23.74 24.03
C CYS A 294 0.42 24.35 23.48
N GLN A 295 0.91 23.80 22.38
CA GLN A 295 2.14 24.27 21.76
C GLN A 295 1.97 24.29 20.25
N THR A 296 2.53 25.32 19.62
CA THR A 296 2.51 25.51 18.18
C THR A 296 3.92 25.82 17.70
N PRO A 297 4.25 25.47 16.45
CA PRO A 297 5.64 25.65 15.97
C PRO A 297 6.17 27.07 16.01
N VAL A 298 5.34 28.05 16.37
CA VAL A 298 5.81 29.42 16.49
C VAL A 298 5.88 29.89 17.95
N GLY A 299 5.04 29.36 18.84
CA GLY A 299 5.08 29.78 20.22
C GLY A 299 4.35 28.79 21.11
N ALA A 300 4.17 29.19 22.37
CA ALA A 300 3.45 28.40 23.34
C ALA A 300 2.13 29.09 23.67
N ILE A 301 1.03 28.35 23.53
CA ILE A 301 -0.30 28.90 23.78
C ILE A 301 -0.59 28.78 25.26
N ASN A 302 -0.81 29.92 25.91
CA ASN A 302 -1.02 29.98 27.35
C ASN A 302 -2.50 30.05 27.72
N SER A 303 -3.40 29.93 26.76
CA SER A 303 -4.83 30.01 27.03
C SER A 303 -5.56 28.89 26.29
N SER A 304 -6.63 28.40 26.91
CA SER A 304 -7.49 27.40 26.30
C SER A 304 -8.86 27.95 25.95
N MET A 305 -9.01 29.28 25.94
CA MET A 305 -10.30 29.89 25.71
C MET A 305 -10.73 29.69 24.25
N PRO A 306 -12.06 29.76 23.96
CA PRO A 306 -12.63 29.01 22.82
C PRO A 306 -11.76 28.80 21.58
N PHE A 307 -11.20 29.86 21.01
CA PHE A 307 -10.33 29.69 19.84
C PHE A 307 -9.56 30.98 19.61
N HIS A 308 -8.84 31.02 18.49
CA HIS A 308 -7.98 32.12 18.13
C HIS A 308 -7.68 32.03 16.64
N ASN A 309 -7.19 33.14 16.09
CA ASN A 309 -6.85 33.21 14.68
C ASN A 309 -5.39 32.86 14.40
N ILE A 310 -4.64 32.47 15.42
CA ILE A 310 -3.23 32.08 15.26
C ILE A 310 -3.16 30.76 14.52
N HIS A 311 -1.94 30.34 14.17
CA HIS A 311 -1.67 29.13 13.39
C HIS A 311 -2.53 27.95 13.84
N PRO A 312 -3.43 27.46 13.00
CA PRO A 312 -4.25 26.31 13.39
C PRO A 312 -3.45 25.05 13.67
N LEU A 313 -2.36 24.82 12.96
CA LEU A 313 -1.59 23.59 13.12
C LEU A 313 -0.87 23.62 14.47
N THR A 314 -1.29 22.74 15.38
CA THR A 314 -0.71 22.65 16.71
C THR A 314 -0.34 21.20 17.00
N ILE A 315 0.21 20.97 18.19
CA ILE A 315 0.54 19.64 18.67
C ILE A 315 -0.05 19.48 20.07
N GLY A 316 -0.64 18.32 20.32
CA GLY A 316 -1.26 18.05 21.61
C GLY A 316 -2.70 18.51 21.67
N GLU A 317 -2.94 19.68 22.27
CA GLU A 317 -4.27 20.23 22.39
C GLU A 317 -4.30 21.65 21.86
N CYS A 318 -5.47 22.05 21.34
CA CYS A 318 -5.70 23.38 20.82
C CYS A 318 -7.17 23.70 21.04
N PRO A 319 -7.50 24.92 21.48
CA PRO A 319 -8.92 25.26 21.69
C PRO A 319 -9.73 25.11 20.41
N LYS A 320 -9.39 25.89 19.38
CA LYS A 320 -9.96 25.78 18.04
C LYS A 320 -9.31 26.80 17.11
N TYR A 321 -9.65 26.76 15.82
CA TYR A 321 -9.14 27.70 14.85
C TYR A 321 -10.30 28.45 14.19
N VAL A 322 -10.11 29.74 13.98
CA VAL A 322 -11.09 30.59 13.31
C VAL A 322 -10.37 31.49 12.32
N LYS A 323 -10.95 31.65 11.13
CA LYS A 323 -10.38 32.53 10.11
C LYS A 323 -11.13 33.86 10.17
N SER A 324 -10.77 34.66 11.17
CA SER A 324 -11.40 35.95 11.39
C SER A 324 -10.49 36.77 12.29
N ASN A 325 -10.98 37.93 12.71
CA ASN A 325 -10.20 38.84 13.55
C ASN A 325 -10.97 39.44 14.73
N LYS A 326 -12.29 39.50 14.68
CA LYS A 326 -13.06 40.16 15.73
C LYS A 326 -14.31 39.35 16.05
N LEU A 327 -14.42 38.91 17.30
CA LEU A 327 -15.62 38.23 17.79
C LEU A 327 -15.85 38.68 19.22
N VAL A 328 -16.90 39.45 19.45
CA VAL A 328 -17.10 40.12 20.72
C VAL A 328 -18.54 39.95 21.18
N LEU A 329 -18.73 39.82 22.48
CA LEU A 329 -20.05 39.88 23.11
C LEU A 329 -19.96 40.76 24.35
N ALA A 330 -21.11 41.28 24.77
CA ALA A 330 -21.17 42.29 25.82
C ALA A 330 -22.06 41.83 26.97
N THR A 331 -21.74 42.33 28.15
CA THR A 331 -22.54 42.11 29.36
C THR A 331 -22.07 43.09 30.42
N GLY A 332 -22.89 43.25 31.47
CA GLY A 332 -22.51 44.08 32.59
C GLY A 332 -23.19 45.43 32.61
N LEU A 333 -23.69 45.83 33.78
CA LEU A 333 -24.30 47.13 33.99
C LEU A 333 -25.48 47.37 33.05
N THR B 41 -34.53 41.90 41.20
CA THR B 41 -34.28 42.00 39.77
C THR B 41 -32.90 42.58 39.49
N GLN B 42 -32.35 43.29 40.49
CA GLN B 42 -31.03 43.86 40.35
C GLN B 42 -29.99 42.76 40.26
N LYS B 43 -28.85 43.09 39.65
CA LYS B 43 -27.76 42.15 39.42
C LYS B 43 -28.25 40.96 38.60
N ALA B 44 -28.59 41.26 37.35
CA ALA B 44 -28.93 40.26 36.36
C ALA B 44 -27.73 39.85 35.51
N ILE B 45 -26.55 40.44 35.77
CA ILE B 45 -25.37 40.09 34.99
C ILE B 45 -25.01 38.62 35.21
N ASP B 46 -25.10 38.16 36.46
CA ASP B 46 -25.00 36.73 36.73
C ASP B 46 -26.26 36.08 36.18
N GLY B 47 -26.16 35.57 34.95
CA GLY B 47 -27.32 35.22 34.16
C GLY B 47 -27.02 35.55 32.72
N VAL B 48 -25.91 36.25 32.50
CA VAL B 48 -25.37 36.47 31.16
C VAL B 48 -23.92 36.00 31.17
N THR B 49 -23.27 36.06 32.34
CA THR B 49 -21.89 35.61 32.46
C THR B 49 -21.81 34.09 32.47
N ASN B 50 -22.76 33.43 33.15
CA ASN B 50 -22.81 31.98 33.12
C ASN B 50 -23.05 31.46 31.71
N LYS B 51 -23.72 32.26 30.86
CA LYS B 51 -23.86 31.89 29.47
C LYS B 51 -22.51 31.90 28.76
N VAL B 52 -21.65 32.87 29.08
CA VAL B 52 -20.29 32.86 28.55
C VAL B 52 -19.53 31.65 29.07
N ASN B 53 -19.72 31.31 30.35
CA ASN B 53 -19.08 30.11 30.88
C ASN B 53 -19.53 28.88 30.12
N SER B 54 -20.82 28.77 29.83
CA SER B 54 -21.33 27.63 29.08
C SER B 54 -20.76 27.60 27.67
N ILE B 55 -20.71 28.76 27.01
CA ILE B 55 -20.20 28.79 25.64
C ILE B 55 -18.72 28.48 25.60
N ILE B 56 -17.98 28.69 26.70
CA ILE B 56 -16.56 28.38 26.68
C ILE B 56 -16.32 26.96 27.17
N ASP B 57 -17.28 26.37 27.87
CA ASP B 57 -17.08 25.00 28.37
C ASP B 57 -17.72 23.94 27.50
N LYS B 58 -18.71 24.28 26.68
CA LYS B 58 -19.41 23.31 25.86
C LYS B 58 -18.63 22.94 24.60
N MET B 59 -17.38 23.39 24.48
CA MET B 59 -16.53 23.02 23.36
C MET B 59 -16.09 21.55 23.45
N ASN B 60 -16.38 20.89 24.56
CA ASN B 60 -16.06 19.47 24.80
C ASN B 60 -14.56 19.29 25.00
N THR B 61 -14.03 18.16 24.53
CA THR B 61 -12.63 17.84 24.78
C THR B 61 -12.11 16.99 23.62
N GLN B 62 -10.86 17.26 23.24
CA GLN B 62 -10.15 16.47 22.24
C GLN B 62 -8.96 15.78 22.89
N PHE B 63 -8.44 14.78 22.18
CA PHE B 63 -7.28 14.02 22.65
C PHE B 63 -6.05 14.40 21.85
N GLU B 64 -4.91 13.83 22.24
CA GLU B 64 -3.63 14.15 21.64
C GLU B 64 -3.63 13.90 20.13
N ALA B 65 -3.56 14.95 19.34
CA ALA B 65 -3.56 14.86 17.89
C ALA B 65 -2.25 15.41 17.35
N VAL B 66 -1.86 14.92 16.17
CA VAL B 66 -0.59 15.28 15.55
C VAL B 66 -0.85 15.71 14.11
N GLY B 67 0.22 16.14 13.46
CA GLY B 67 0.16 16.60 12.08
C GLY B 67 0.98 15.73 11.15
N ARG B 68 0.85 14.41 11.30
CA ARG B 68 1.68 13.46 10.58
C ARG B 68 1.60 13.70 9.07
N GLU B 69 2.75 13.64 8.42
CA GLU B 69 2.85 13.90 6.98
C GLU B 69 3.40 12.66 6.29
N PHE B 70 2.72 12.20 5.26
CA PHE B 70 3.15 11.04 4.49
C PHE B 70 4.19 11.46 3.44
N ASN B 71 4.77 10.46 2.79
CA ASN B 71 5.76 10.73 1.76
C ASN B 71 5.08 11.03 0.43
N ASN B 72 5.87 11.57 -0.51
CA ASN B 72 5.33 12.12 -1.74
C ASN B 72 4.69 11.07 -2.65
N LEU B 73 5.08 9.80 -2.50
CA LEU B 73 4.64 8.79 -3.46
C LEU B 73 3.14 8.51 -3.37
N GLU B 74 2.51 8.80 -2.24
CA GLU B 74 1.08 8.58 -2.05
C GLU B 74 0.33 9.89 -1.94
N ARG B 75 0.67 10.85 -2.80
CA ARG B 75 0.09 12.20 -2.75
C ARG B 75 -1.42 12.20 -2.64
N ARG B 76 -2.10 11.15 -3.11
CA ARG B 76 -3.54 11.08 -2.96
C ARG B 76 -3.95 11.08 -1.49
N ILE B 77 -3.16 10.42 -0.64
CA ILE B 77 -3.45 10.44 0.79
C ILE B 77 -3.30 11.84 1.35
N GLU B 78 -2.26 12.56 0.93
CA GLU B 78 -2.13 13.96 1.35
C GLU B 78 -3.31 14.79 0.90
N ASN B 79 -3.78 14.55 -0.33
CA ASN B 79 -4.94 15.28 -0.83
C ASN B 79 -6.17 14.97 0.01
N LEU B 80 -6.36 13.70 0.36
CA LEU B 80 -7.50 13.32 1.21
C LEU B 80 -7.41 14.00 2.57
N ASN B 81 -6.21 14.02 3.16
CA ASN B 81 -6.02 14.71 4.43
C ASN B 81 -6.33 16.19 4.30
N LYS B 82 -5.90 16.79 3.19
CA LYS B 82 -6.19 18.20 2.96
C LYS B 82 -7.69 18.43 2.86
N LYS B 83 -8.40 17.58 2.13
CA LYS B 83 -9.85 17.77 2.03
C LYS B 83 -10.52 17.64 3.39
N MET B 84 -10.16 16.62 4.17
CA MET B 84 -10.84 16.47 5.46
C MET B 84 -10.52 17.64 6.38
N GLU B 85 -9.27 18.07 6.45
CA GLU B 85 -8.93 19.17 7.34
C GLU B 85 -9.57 20.47 6.88
N ASP B 86 -9.62 20.73 5.57
CA ASP B 86 -10.21 21.98 5.12
C ASP B 86 -11.73 21.97 5.32
N GLY B 87 -12.37 20.83 5.06
CA GLY B 87 -13.78 20.72 5.38
C GLY B 87 -14.05 20.95 6.86
N PHE B 88 -13.20 20.37 7.72
CA PHE B 88 -13.38 20.53 9.15
C PHE B 88 -13.26 21.98 9.58
N LEU B 89 -12.19 22.66 9.14
CA LEU B 89 -12.03 24.03 9.62
C LEU B 89 -13.05 24.94 8.96
N ASP B 90 -13.53 24.60 7.76
CA ASP B 90 -14.58 25.39 7.13
C ASP B 90 -15.88 25.29 7.90
N VAL B 91 -16.30 24.07 8.25
CA VAL B 91 -17.54 23.94 9.01
C VAL B 91 -17.37 24.57 10.38
N TRP B 92 -16.19 24.43 10.97
CA TRP B 92 -15.96 25.02 12.29
C TRP B 92 -16.02 26.53 12.26
N THR B 93 -15.41 27.16 11.25
CA THR B 93 -15.43 28.62 11.18
C THR B 93 -16.81 29.13 10.81
N TYR B 94 -17.53 28.40 9.95
CA TYR B 94 -18.92 28.77 9.67
C TYR B 94 -19.75 28.70 10.94
N ASN B 95 -19.59 27.62 11.70
CA ASN B 95 -20.33 27.47 12.95
C ASN B 95 -19.95 28.57 13.94
N ALA B 96 -18.68 28.93 14.01
CA ALA B 96 -18.24 29.96 14.94
C ALA B 96 -18.80 31.32 14.56
N GLU B 97 -18.67 31.69 13.28
CA GLU B 97 -19.24 32.95 12.82
C GLU B 97 -20.75 32.98 13.04
N LEU B 98 -21.40 31.84 12.89
CA LEU B 98 -22.83 31.77 13.17
C LEU B 98 -23.11 31.99 14.66
N LEU B 99 -22.41 31.26 15.53
CA LEU B 99 -22.81 31.24 16.93
C LEU B 99 -22.50 32.56 17.59
N VAL B 100 -21.29 33.10 17.37
CA VAL B 100 -20.97 34.38 17.98
C VAL B 100 -21.99 35.41 17.53
N LEU B 101 -22.39 35.35 16.25
CA LEU B 101 -23.31 36.34 15.70
C LEU B 101 -24.67 36.26 16.37
N MET B 102 -25.28 35.06 16.40
CA MET B 102 -26.66 35.09 16.86
C MET B 102 -26.77 35.06 18.37
N GLU B 103 -25.74 34.59 19.11
CA GLU B 103 -25.79 34.87 20.53
C GLU B 103 -25.47 36.33 20.84
N ASN B 104 -24.75 37.04 19.99
CA ASN B 104 -24.66 38.49 20.16
C ASN B 104 -26.02 39.13 19.99
N GLU B 105 -26.73 38.75 18.92
CA GLU B 105 -28.07 39.28 18.71
C GLU B 105 -29.00 38.92 19.86
N ARG B 106 -28.92 37.66 20.33
CA ARG B 106 -29.74 37.23 21.45
C ARG B 106 -29.37 37.98 22.73
N THR B 107 -28.10 38.33 22.89
CA THR B 107 -27.70 39.14 24.04
C THR B 107 -28.35 40.52 23.98
N LEU B 108 -28.35 41.13 22.80
CA LEU B 108 -29.03 42.41 22.64
C LEU B 108 -30.52 42.26 22.93
N ASP B 109 -31.12 41.19 22.42
CA ASP B 109 -32.55 40.95 22.62
C ASP B 109 -32.87 40.73 24.10
N PHE B 110 -32.03 39.98 24.79
CA PHE B 110 -32.20 39.78 26.22
C PHE B 110 -32.08 41.11 26.96
N HIS B 111 -31.15 41.95 26.54
CA HIS B 111 -30.96 43.24 27.19
C HIS B 111 -32.20 44.11 27.07
N ASP B 112 -32.69 44.32 25.84
CA ASP B 112 -33.81 45.24 25.73
C ASP B 112 -35.10 44.60 26.24
N SER B 113 -35.21 43.27 26.21
CA SER B 113 -36.34 42.62 26.87
C SER B 113 -36.28 42.85 28.37
N ASN B 114 -35.09 42.85 28.95
CA ASN B 114 -34.95 43.22 30.35
C ASN B 114 -35.38 44.66 30.60
N VAL B 115 -35.04 45.56 29.67
CA VAL B 115 -35.51 46.95 29.80
C VAL B 115 -37.02 47.01 29.77
N LYS B 116 -37.65 46.26 28.87
CA LYS B 116 -39.11 46.21 28.86
C LYS B 116 -39.66 45.60 30.15
N ASN B 117 -38.95 44.64 30.72
CA ASN B 117 -39.37 44.07 32.00
C ASN B 117 -39.38 45.14 33.09
N LEU B 118 -38.32 45.94 33.16
CA LEU B 118 -38.31 47.04 34.11
C LEU B 118 -39.40 48.05 33.79
N TYR B 119 -39.68 48.27 32.51
CA TYR B 119 -40.72 49.22 32.13
C TYR B 119 -42.08 48.78 32.64
N ASP B 120 -42.42 47.50 32.45
CA ASP B 120 -43.70 47.01 32.94
C ASP B 120 -43.71 46.92 34.46
N LYS B 121 -42.55 46.64 35.08
CA LYS B 121 -42.47 46.67 36.53
C LYS B 121 -42.74 48.06 37.09
N VAL B 122 -42.31 49.09 36.37
CA VAL B 122 -42.69 50.45 36.75
C VAL B 122 -44.17 50.68 36.49
N ARG B 123 -44.67 50.18 35.37
CA ARG B 123 -46.04 50.47 34.95
C ARG B 123 -47.07 49.89 35.91
N LEU B 124 -46.82 48.66 36.41
CA LEU B 124 -47.89 47.89 37.03
C LEU B 124 -48.53 48.62 38.22
N GLN B 125 -47.78 49.53 38.86
CA GLN B 125 -48.36 50.29 39.95
C GLN B 125 -49.36 51.33 39.46
N LEU B 126 -49.15 51.85 38.26
CA LEU B 126 -50.05 52.85 37.68
C LEU B 126 -51.41 52.27 37.39
N CYS C 20 -56.99 55.75 11.80
CA CYS C 20 -57.47 55.46 10.46
C CYS C 20 -56.46 54.66 9.66
N ILE C 21 -55.18 54.97 9.85
CA ILE C 21 -54.12 54.26 9.14
C ILE C 21 -53.96 52.87 9.74
N GLY C 22 -53.80 51.87 8.87
CA GLY C 22 -53.62 50.50 9.30
C GLY C 22 -52.42 49.85 8.62
N TYR C 23 -52.26 48.57 8.91
CA TYR C 23 -51.18 47.80 8.31
C TYR C 23 -51.36 47.71 6.79
N HIS C 24 -50.23 47.80 6.08
CA HIS C 24 -50.27 47.78 4.62
C HIS C 24 -50.65 46.40 4.11
N ALA C 25 -51.58 46.36 3.16
CA ALA C 25 -52.03 45.12 2.54
C ALA C 25 -51.63 45.13 1.07
N ASN C 26 -51.02 44.04 0.61
CA ASN C 26 -50.52 43.93 -0.75
C ASN C 26 -50.99 42.63 -1.37
N ASN C 27 -50.58 42.39 -2.61
CA ASN C 27 -50.99 41.22 -3.36
C ASN C 27 -49.77 40.56 -3.99
N SER C 28 -49.85 39.23 -4.12
CA SER C 28 -48.78 38.46 -4.75
C SER C 28 -49.37 37.12 -5.19
N THR C 29 -48.55 36.32 -5.88
CA THR C 29 -48.98 35.04 -6.42
C THR C 29 -47.94 33.96 -6.16
N GLU C 30 -47.38 33.95 -4.96
CA GLU C 30 -46.33 33.00 -4.60
C GLU C 30 -46.58 32.44 -3.21
N GLN C 31 -45.94 31.32 -2.92
CA GLN C 31 -46.11 30.61 -1.65
C GLN C 31 -44.75 30.26 -1.06
N VAL C 32 -44.69 30.19 0.27
CA VAL C 32 -43.46 29.90 0.98
C VAL C 32 -43.75 28.85 2.05
N ASP C 33 -42.73 28.07 2.38
CA ASP C 33 -42.80 27.07 3.44
C ASP C 33 -41.92 27.47 4.61
N THR C 34 -42.36 27.11 5.81
CA THR C 34 -41.63 27.42 7.03
C THR C 34 -42.09 26.44 8.11
N ILE C 35 -41.37 26.45 9.24
CA ILE C 35 -41.70 25.51 10.32
C ILE C 35 -42.98 25.90 11.05
N MET C 36 -43.45 27.14 10.88
CA MET C 36 -44.71 27.54 11.49
C MET C 36 -45.90 26.78 10.93
N GLU C 37 -45.86 26.40 9.65
CA GLU C 37 -47.01 25.83 8.97
C GLU C 37 -46.50 24.85 7.91
N LYS C 38 -47.37 24.52 6.96
CA LYS C 38 -47.02 23.70 5.81
C LYS C 38 -46.69 24.54 4.58
N ASN C 39 -47.53 25.51 4.26
CA ASN C 39 -47.29 26.38 3.11
C ASN C 39 -48.04 27.69 3.34
N VAL C 40 -47.34 28.81 3.14
CA VAL C 40 -47.89 30.14 3.36
C VAL C 40 -47.64 30.98 2.12
N THR C 41 -48.58 31.86 1.79
CA THR C 41 -48.38 32.79 0.69
C THR C 41 -47.27 33.78 1.03
N VAL C 42 -46.56 34.25 0.01
CA VAL C 42 -45.43 35.14 0.18
C VAL C 42 -45.53 36.28 -0.82
N THR C 43 -45.19 37.49 -0.37
CA THR C 43 -45.18 38.64 -1.27
C THR C 43 -44.10 38.52 -2.34
N HIS C 44 -42.93 37.96 -1.99
CA HIS C 44 -41.82 37.86 -2.94
C HIS C 44 -41.02 36.61 -2.58
N ALA C 45 -41.04 35.63 -3.48
CA ALA C 45 -40.32 34.37 -3.27
C ALA C 45 -38.98 34.45 -3.99
N GLN C 46 -37.94 34.81 -3.25
CA GLN C 46 -36.58 34.89 -3.78
C GLN C 46 -35.91 33.53 -3.65
N ASP C 47 -35.64 32.88 -4.78
CA ASP C 47 -35.10 31.53 -4.76
C ASP C 47 -33.60 31.58 -4.49
N ILE C 48 -33.15 30.76 -3.54
CA ILE C 48 -31.74 30.72 -3.18
C ILE C 48 -30.93 29.99 -4.24
N LEU C 49 -31.49 28.93 -4.81
CA LEU C 49 -30.80 28.04 -5.72
C LEU C 49 -31.25 28.28 -7.15
N GLU C 50 -30.78 27.43 -8.05
CA GLU C 50 -31.18 27.46 -9.45
C GLU C 50 -30.81 26.13 -10.09
N LYS C 51 -31.54 25.77 -11.15
CA LYS C 51 -31.28 24.55 -11.90
C LYS C 51 -31.13 24.83 -13.39
N THR C 52 -30.88 26.09 -13.76
CA THR C 52 -30.80 26.49 -15.16
C THR C 52 -29.38 26.27 -15.71
N HIS C 53 -28.98 25.00 -15.72
CA HIS C 53 -27.67 24.64 -16.26
C HIS C 53 -27.71 24.66 -17.79
N ASN C 54 -26.62 25.12 -18.39
CA ASN C 54 -26.57 25.27 -19.84
C ASN C 54 -26.62 23.93 -20.55
N GLY C 55 -26.02 22.89 -19.95
CA GLY C 55 -25.93 21.62 -20.63
C GLY C 55 -24.86 21.55 -21.69
N LYS C 56 -23.92 22.49 -21.68
CA LYS C 56 -22.86 22.55 -22.69
C LYS C 56 -21.52 22.79 -22.02
N LEU C 57 -20.46 22.43 -22.72
CA LEU C 57 -19.10 22.61 -22.21
C LEU C 57 -18.74 24.09 -22.16
N VAL C 63 -7.05 28.86 -21.06
CA VAL C 63 -6.91 27.49 -20.57
C VAL C 63 -8.08 26.64 -21.02
N LYS C 64 -8.30 26.57 -22.32
CA LYS C 64 -9.38 25.76 -22.87
C LYS C 64 -9.11 24.30 -22.56
N PRO C 65 -10.02 23.60 -21.90
CA PRO C 65 -9.77 22.19 -21.54
C PRO C 65 -9.60 21.34 -22.78
N LEU C 66 -8.70 20.36 -22.69
CA LEU C 66 -8.48 19.45 -23.80
C LEU C 66 -9.74 18.63 -24.06
N ILE C 67 -10.09 18.48 -25.33
CA ILE C 67 -11.27 17.74 -25.73
C ILE C 67 -10.83 16.56 -26.60
N LEU C 68 -11.20 15.35 -26.19
CA LEU C 68 -10.89 14.14 -26.92
C LEU C 68 -12.18 13.39 -27.25
N LYS C 69 -12.22 12.83 -28.45
CA LYS C 69 -13.42 12.11 -28.89
C LYS C 69 -13.50 10.74 -28.24
N ASP C 70 -12.53 9.88 -28.51
CA ASP C 70 -12.53 8.51 -27.99
C ASP C 70 -11.18 8.08 -27.42
N CYS C 71 -10.10 8.79 -27.71
CA CYS C 71 -8.79 8.41 -27.19
C CYS C 71 -8.75 8.57 -25.68
N SER C 72 -8.16 7.58 -25.00
CA SER C 72 -8.06 7.62 -23.56
C SER C 72 -6.78 8.34 -23.13
N VAL C 73 -6.64 8.54 -21.82
CA VAL C 73 -5.45 9.21 -21.29
C VAL C 73 -4.21 8.39 -21.58
N ALA C 74 -4.28 7.08 -21.33
CA ALA C 74 -3.15 6.21 -21.63
C ALA C 74 -2.87 6.16 -23.12
N GLY C 75 -3.91 6.09 -23.94
CA GLY C 75 -3.70 6.01 -25.38
C GLY C 75 -3.07 7.26 -25.96
N TRP C 76 -3.50 8.43 -25.48
CA TRP C 76 -2.96 9.68 -26.00
C TRP C 76 -1.48 9.82 -25.70
N LEU C 77 -1.10 9.62 -24.43
CA LEU C 77 0.30 9.75 -24.06
C LEU C 77 1.17 8.73 -24.76
N LEU C 78 0.69 7.48 -24.85
CA LEU C 78 1.47 6.44 -25.51
C LEU C 78 1.51 6.62 -27.02
N GLY C 79 0.68 7.51 -27.57
CA GLY C 79 0.67 7.72 -29.00
C GLY C 79 -0.10 6.66 -29.74
N ASN C 80 -1.39 6.55 -29.46
CA ASN C 80 -2.25 5.60 -30.17
C ASN C 80 -2.36 6.01 -31.64
N PRO C 81 -2.48 5.03 -32.54
CA PRO C 81 -2.64 5.38 -33.96
C PRO C 81 -3.82 6.29 -34.23
N MET C 82 -4.91 6.14 -33.50
CA MET C 82 -6.07 7.01 -33.66
C MET C 82 -5.90 8.29 -32.86
N ARG C 88 -2.03 18.50 -29.63
CA ARG C 88 -2.60 19.81 -29.32
C ARG C 88 -1.66 20.62 -28.43
N VAL C 89 -1.67 21.94 -28.62
CA VAL C 89 -0.75 22.83 -27.93
C VAL C 89 -1.47 24.12 -27.58
N PRO C 90 -0.96 24.88 -26.59
CA PRO C 90 0.15 24.54 -25.68
C PRO C 90 -0.27 24.22 -24.24
N GLU C 91 -1.43 24.70 -23.77
CA GLU C 91 -1.78 24.61 -22.36
C GLU C 91 -3.27 24.42 -22.20
N TRP C 92 -3.67 23.82 -21.08
CA TRP C 92 -5.07 23.57 -20.78
C TRP C 92 -5.27 23.73 -19.29
N SER C 93 -6.45 23.33 -18.81
CA SER C 93 -6.78 23.38 -17.39
C SER C 93 -7.23 22.04 -16.84
N TYR C 94 -7.99 21.26 -17.62
CA TYR C 94 -8.45 19.96 -17.17
C TYR C 94 -8.78 19.11 -18.39
N ILE C 95 -8.94 17.81 -18.16
CA ILE C 95 -9.18 16.84 -19.22
C ILE C 95 -10.65 16.48 -19.25
N VAL C 96 -11.23 16.44 -20.45
CA VAL C 96 -12.61 16.01 -20.66
C VAL C 96 -12.58 14.67 -21.38
N GLU C 97 -13.24 13.68 -20.79
CA GLU C 97 -13.28 12.34 -21.35
C GLU C 97 -14.67 11.75 -21.14
N ARG C 98 -14.85 10.51 -21.61
CA ARG C 98 -16.10 9.80 -21.45
C ARG C 98 -15.79 8.36 -21.05
N ALA C 99 -16.79 7.72 -20.44
CA ALA C 99 -16.62 6.37 -19.93
C ALA C 99 -16.36 5.38 -21.06
N ASN C 100 -15.83 4.22 -20.68
CA ASN C 100 -15.52 3.04 -21.50
C ASN C 100 -15.13 3.40 -22.93
N PRO C 101 -14.06 4.17 -23.13
CA PRO C 101 -13.71 4.58 -24.50
C PRO C 101 -13.29 3.38 -25.34
N ALA C 102 -13.61 3.45 -26.64
CA ALA C 102 -13.32 2.34 -27.53
C ALA C 102 -11.83 2.24 -27.83
N ASN C 103 -11.17 3.36 -28.12
CA ASN C 103 -9.77 3.35 -28.51
C ASN C 103 -8.87 3.46 -27.29
N ASP C 104 -9.00 2.48 -26.40
CA ASP C 104 -8.11 2.33 -25.27
C ASP C 104 -6.83 1.64 -25.75
N LEU C 105 -6.00 1.19 -24.80
CA LEU C 105 -4.81 0.44 -25.14
C LEU C 105 -5.18 -0.81 -25.93
N CYS C 106 -4.81 -0.85 -27.21
CA CYS C 106 -5.12 -2.01 -28.03
C CYS C 106 -4.43 -3.26 -27.49
N PHE C 107 -3.18 -3.13 -27.10
CA PHE C 107 -2.48 -4.23 -26.47
C PHE C 107 -2.91 -4.36 -25.02
N PRO C 108 -3.31 -5.55 -24.57
CA PRO C 108 -3.73 -5.71 -23.18
C PRO C 108 -2.59 -5.38 -22.21
N GLY C 109 -2.97 -4.79 -21.08
CA GLY C 109 -2.00 -4.39 -20.08
C GLY C 109 -2.50 -3.18 -19.33
N SER C 110 -1.67 -2.71 -18.41
CA SER C 110 -2.02 -1.56 -17.59
C SER C 110 -0.74 -0.84 -17.18
N LEU C 111 -0.90 0.44 -16.81
CA LEU C 111 0.21 1.26 -16.34
C LEU C 111 0.34 1.11 -14.84
N ASN C 112 1.56 0.83 -14.39
CA ASN C 112 1.82 0.79 -12.96
C ASN C 112 1.65 2.18 -12.38
N ASP C 113 0.96 2.27 -11.23
CA ASP C 113 0.65 3.55 -10.61
C ASP C 113 -0.09 4.47 -11.58
N TYR C 114 -0.99 3.89 -12.36
CA TYR C 114 -1.72 4.66 -13.36
C TYR C 114 -2.57 5.74 -12.71
N GLU C 115 -3.12 5.46 -11.53
CA GLU C 115 -3.94 6.45 -10.84
C GLU C 115 -3.13 7.68 -10.48
N GLU C 116 -1.90 7.48 -10.01
CA GLU C 116 -1.07 8.61 -9.60
C GLU C 116 -0.76 9.52 -10.78
N LEU C 117 -0.61 8.95 -11.98
CA LEU C 117 -0.29 9.76 -13.15
C LEU C 117 -1.40 10.76 -13.46
N LYS C 118 -2.66 10.35 -13.32
CA LYS C 118 -3.76 11.24 -13.63
C LYS C 118 -3.79 12.43 -12.68
N HIS C 119 -3.46 12.21 -11.41
CA HIS C 119 -3.47 13.30 -10.44
C HIS C 119 -2.47 14.39 -10.82
N MET C 120 -1.26 13.99 -11.21
CA MET C 120 -0.25 14.99 -11.56
C MET C 120 -0.59 15.67 -12.88
N LEU C 121 -1.07 14.91 -13.86
CA LEU C 121 -1.35 15.46 -15.18
C LEU C 121 -2.57 16.34 -15.23
N SER C 122 -3.18 16.68 -14.10
CA SER C 122 -4.37 17.52 -14.11
C SER C 122 -4.06 19.02 -14.11
N ARG C 123 -2.83 19.40 -13.78
CA ARG C 123 -2.46 20.82 -13.69
C ARG C 123 -1.09 21.05 -14.30
N ILE C 124 -0.85 20.45 -15.48
CA ILE C 124 0.48 20.49 -16.07
C ILE C 124 0.84 21.84 -16.68
N ASN C 125 -0.11 22.77 -16.74
CA ASN C 125 0.09 24.09 -17.37
C ASN C 125 0.42 23.83 -18.85
N HIS C 126 1.43 24.49 -19.40
CA HIS C 126 1.77 24.27 -20.80
C HIS C 126 2.56 22.98 -20.98
N PHE C 127 2.34 22.33 -22.12
CA PHE C 127 2.84 20.98 -22.36
C PHE C 127 3.52 20.98 -23.73
N GLU C 128 4.79 20.61 -23.76
CA GLU C 128 5.58 20.61 -24.98
C GLU C 128 6.26 19.27 -25.19
N LYS C 129 6.35 18.84 -26.44
CA LYS C 129 6.95 17.56 -26.80
C LYS C 129 8.32 17.79 -27.41
N ILE C 130 9.33 17.09 -26.90
CA ILE C 130 10.70 17.22 -27.36
C ILE C 130 11.31 15.84 -27.54
N GLN C 131 11.96 15.62 -28.68
CA GLN C 131 12.65 14.36 -28.93
C GLN C 131 14.01 14.42 -28.25
N ILE C 132 14.10 13.87 -27.05
CA ILE C 132 15.37 13.84 -26.33
C ILE C 132 16.34 12.87 -26.99
N ILE C 133 15.86 11.72 -27.42
CA ILE C 133 16.69 10.65 -27.97
C ILE C 133 16.36 10.52 -29.46
N PRO C 134 17.30 10.76 -30.35
CA PRO C 134 17.04 10.55 -31.78
C PRO C 134 16.92 9.07 -32.11
N LYS C 135 16.21 8.80 -33.20
CA LYS C 135 16.01 7.41 -33.63
C LYS C 135 17.32 6.77 -34.11
N SER C 136 18.23 7.57 -34.67
CA SER C 136 19.47 7.04 -35.19
C SER C 136 20.41 6.54 -34.11
N SER C 137 20.11 6.80 -32.84
CA SER C 137 20.95 6.40 -31.72
C SER C 137 20.94 4.91 -31.44
N TRP C 138 20.33 4.09 -32.30
CA TRP C 138 20.27 2.63 -32.10
C TRP C 138 20.76 1.96 -33.37
N PRO C 139 22.07 1.95 -33.60
CA PRO C 139 22.59 1.38 -34.85
C PRO C 139 22.64 -0.14 -34.84
N ASN C 140 22.88 -0.73 -33.67
CA ASN C 140 23.09 -2.17 -33.55
C ASN C 140 21.80 -2.93 -33.27
N HIS C 141 20.66 -2.25 -33.21
CA HIS C 141 19.40 -2.90 -32.89
C HIS C 141 18.36 -2.58 -33.96
N GLU C 142 17.48 -3.54 -34.20
CA GLU C 142 16.43 -3.36 -35.19
C GLU C 142 15.36 -2.39 -34.70
N THR C 143 14.79 -1.65 -35.65
CA THR C 143 13.70 -0.74 -35.34
C THR C 143 12.54 -0.78 -36.34
N SER C 144 12.70 -1.45 -37.49
CA SER C 144 11.65 -1.42 -38.50
C SER C 144 10.48 -2.32 -38.10
N LEU C 145 10.73 -3.61 -37.93
CA LEU C 145 9.67 -4.55 -37.61
C LEU C 145 9.24 -4.38 -36.16
N GLY C 146 8.34 -5.26 -35.71
CA GLY C 146 7.85 -5.19 -34.35
C GLY C 146 6.57 -4.39 -34.22
N VAL C 147 5.57 -4.74 -35.02
CA VAL C 147 4.25 -4.09 -34.98
C VAL C 147 3.23 -5.10 -34.48
N SER C 148 2.17 -4.60 -33.87
CA SER C 148 1.09 -5.42 -33.34
C SER C 148 -0.18 -5.16 -34.13
N ALA C 149 -0.89 -6.23 -34.48
CA ALA C 149 -2.14 -6.12 -35.22
C ALA C 149 -3.33 -5.79 -34.33
N ALA C 150 -3.10 -5.59 -33.03
CA ALA C 150 -4.19 -5.27 -32.12
C ALA C 150 -4.86 -3.95 -32.50
N CYS C 151 -4.06 -2.94 -32.85
CA CYS C 151 -4.56 -1.63 -33.25
C CYS C 151 -3.92 -1.25 -34.58
N PRO C 152 -4.40 -1.81 -35.68
CA PRO C 152 -3.81 -1.50 -36.99
C PRO C 152 -4.13 -0.08 -37.42
N TYR C 153 -3.40 0.37 -38.44
CA TYR C 153 -3.56 1.73 -38.95
C TYR C 153 -3.41 1.71 -40.46
N GLN C 154 -4.36 2.34 -41.15
CA GLN C 154 -4.36 2.42 -42.61
C GLN C 154 -4.29 1.04 -43.25
N GLY C 155 -4.99 0.08 -42.64
CA GLY C 155 -5.03 -1.26 -43.20
C GLY C 155 -3.76 -2.07 -43.01
N ALA C 156 -2.81 -1.57 -42.24
CA ALA C 156 -1.56 -2.27 -42.00
C ALA C 156 -1.27 -2.32 -40.52
N PRO C 157 -0.59 -3.38 -40.05
CA PRO C 157 -0.20 -3.43 -38.64
C PRO C 157 0.77 -2.31 -38.30
N SER C 158 0.67 -1.81 -37.07
CA SER C 158 1.47 -0.69 -36.63
C SER C 158 1.76 -0.84 -35.15
N PHE C 159 2.20 0.26 -34.53
CA PHE C 159 2.52 0.29 -33.11
C PHE C 159 2.45 1.73 -32.65
N PHE C 160 2.69 1.94 -31.35
CA PHE C 160 2.73 3.29 -30.82
C PHE C 160 3.89 4.06 -31.44
N ARG C 161 3.69 5.35 -31.67
CA ARG C 161 4.71 6.19 -32.28
C ARG C 161 5.50 6.99 -31.25
N ASN C 162 5.22 6.81 -29.96
CA ASN C 162 5.99 7.49 -28.92
C ASN C 162 7.08 6.63 -28.31
N VAL C 163 7.03 5.32 -28.50
CA VAL C 163 8.04 4.42 -27.99
C VAL C 163 8.48 3.49 -29.12
N VAL C 164 9.64 2.88 -28.94
CA VAL C 164 10.21 1.97 -29.93
C VAL C 164 10.38 0.60 -29.29
N TRP C 165 9.84 -0.42 -29.94
CA TRP C 165 10.03 -1.80 -29.53
C TRP C 165 11.33 -2.30 -30.17
N LEU C 166 12.25 -2.77 -29.33
CA LEU C 166 13.53 -3.26 -29.84
C LEU C 166 13.49 -4.77 -29.95
N ILE C 167 13.90 -5.28 -31.11
CA ILE C 167 13.89 -6.70 -31.41
C ILE C 167 15.28 -7.08 -31.90
N LYS C 168 15.62 -8.35 -31.72
CA LYS C 168 16.91 -8.87 -32.15
C LYS C 168 17.22 -8.47 -33.59
N LYS C 169 18.43 -7.95 -33.80
CA LYS C 169 18.82 -7.38 -35.08
C LYS C 169 19.51 -8.40 -35.97
N ASN C 170 20.60 -9.00 -35.48
CA ASN C 170 21.44 -9.91 -36.26
C ASN C 170 21.72 -11.16 -35.47
N ASP C 171 20.66 -11.77 -34.93
CA ASP C 171 20.77 -12.93 -34.03
C ASP C 171 21.64 -12.62 -32.81
N ALA C 172 21.59 -11.36 -32.37
CA ALA C 172 22.36 -10.92 -31.21
C ALA C 172 21.64 -9.72 -30.60
N TYR C 173 21.96 -9.45 -29.34
CA TYR C 173 21.32 -8.36 -28.60
C TYR C 173 22.35 -7.68 -27.71
N PRO C 174 23.08 -6.71 -28.25
CA PRO C 174 24.03 -5.96 -27.41
C PRO C 174 23.32 -5.23 -26.28
N THR C 175 24.02 -5.14 -25.15
CA THR C 175 23.47 -4.46 -23.98
C THR C 175 23.33 -2.97 -24.25
N ILE C 176 22.18 -2.42 -23.85
CA ILE C 176 21.90 -1.00 -24.02
C ILE C 176 22.36 -0.26 -22.78
N LYS C 177 23.16 0.79 -22.98
CA LYS C 177 23.72 1.56 -21.87
C LYS C 177 23.61 3.05 -22.16
N ILE C 178 22.44 3.49 -22.66
CA ILE C 178 22.27 4.90 -22.96
C ILE C 178 22.21 5.70 -21.66
N SER C 179 22.42 7.01 -21.78
CA SER C 179 22.36 7.91 -20.64
C SER C 179 21.95 9.28 -21.12
N TYR C 180 21.43 10.09 -20.19
CA TYR C 180 21.01 11.45 -20.49
C TYR C 180 21.44 12.35 -19.36
N ASN C 181 21.63 13.63 -19.68
CA ASN C 181 22.10 14.61 -18.70
C ASN C 181 21.08 15.67 -18.34
N ASN C 182 20.03 15.85 -19.15
CA ASN C 182 19.01 16.86 -18.91
C ASN C 182 19.63 18.26 -18.82
N THR C 183 20.20 18.70 -19.93
CA THR C 183 20.82 20.01 -19.99
C THR C 183 19.79 21.15 -19.93
N ASN C 184 18.52 20.85 -20.12
CA ASN C 184 17.48 21.87 -20.06
C ASN C 184 17.24 22.31 -18.61
N ARG C 185 16.41 23.34 -18.46
CA ARG C 185 16.17 23.95 -17.16
C ARG C 185 14.77 23.65 -16.62
N GLU C 186 14.12 22.62 -17.14
CA GLU C 186 12.78 22.23 -16.69
C GLU C 186 12.74 20.73 -16.45
N ASP C 187 11.72 20.31 -15.72
CA ASP C 187 11.53 18.90 -15.43
C ASP C 187 11.11 18.14 -16.68
N LEU C 188 11.42 16.85 -16.70
CA LEU C 188 11.10 16.00 -17.83
C LEU C 188 10.36 14.75 -17.35
N LEU C 189 9.50 14.24 -18.22
CA LEU C 189 8.73 13.03 -17.95
C LEU C 189 9.13 11.96 -18.96
N ILE C 190 9.52 10.79 -18.45
CA ILE C 190 10.05 9.71 -19.28
C ILE C 190 9.16 8.49 -19.11
N LEU C 191 8.95 7.76 -20.19
CA LEU C 191 8.14 6.56 -20.18
C LEU C 191 8.92 5.40 -20.78
N TRP C 192 8.81 4.23 -20.16
CA TRP C 192 9.45 3.02 -20.66
C TRP C 192 8.65 1.82 -20.18
N GLY C 193 8.82 0.69 -20.86
CA GLY C 193 8.01 -0.47 -20.59
C GLY C 193 8.81 -1.75 -20.63
N ILE C 194 8.21 -2.80 -20.09
CA ILE C 194 8.78 -4.14 -20.06
C ILE C 194 7.74 -5.11 -20.61
N HIS C 195 8.16 -5.98 -21.51
CA HIS C 195 7.25 -6.89 -22.20
C HIS C 195 7.22 -8.25 -21.53
N HIS C 196 6.02 -8.79 -21.34
CA HIS C 196 5.83 -10.13 -20.81
C HIS C 196 5.57 -11.08 -21.97
N SER C 197 6.36 -12.14 -22.06
CA SER C 197 6.21 -13.09 -23.14
C SER C 197 5.06 -14.06 -22.84
N ASN C 198 4.52 -14.65 -23.90
CA ASN C 198 3.43 -15.61 -23.73
C ASN C 198 3.94 -16.95 -23.21
N ASN C 199 5.09 -17.40 -23.70
CA ASN C 199 5.64 -18.69 -23.32
C ASN C 199 7.13 -18.69 -23.61
N ALA C 200 7.76 -19.86 -23.50
CA ALA C 200 9.21 -19.95 -23.67
C ALA C 200 9.62 -19.72 -25.12
N GLU C 201 8.86 -20.26 -26.07
CA GLU C 201 9.25 -20.17 -27.48
C GLU C 201 9.25 -18.73 -27.96
N GLU C 202 8.27 -17.93 -27.55
CA GLU C 202 8.25 -16.52 -27.93
C GLU C 202 9.50 -15.79 -27.43
N GLN C 203 9.86 -16.02 -26.17
CA GLN C 203 11.07 -15.42 -25.62
C GLN C 203 12.32 -15.93 -26.32
N THR C 204 12.26 -17.14 -26.88
CA THR C 204 13.45 -17.73 -27.48
C THR C 204 13.85 -17.04 -28.77
N ASN C 205 12.88 -16.69 -29.61
CA ASN C 205 13.18 -16.15 -30.93
C ASN C 205 13.15 -14.63 -30.99
N LEU C 206 12.36 -13.97 -30.15
CA LEU C 206 12.35 -12.51 -30.16
C LEU C 206 13.58 -11.93 -29.50
N TYR C 207 14.10 -12.60 -28.47
CA TYR C 207 15.28 -12.16 -27.76
C TYR C 207 16.22 -13.34 -27.58
N LYS C 208 17.51 -13.05 -27.47
CA LYS C 208 18.50 -14.12 -27.40
C LYS C 208 18.62 -14.70 -25.99
N ASN C 209 18.63 -13.85 -24.98
CA ASN C 209 18.85 -14.30 -23.61
C ASN C 209 17.61 -14.98 -23.07
N PRO C 210 17.69 -16.24 -22.63
CA PRO C 210 16.52 -16.86 -21.99
C PRO C 210 16.07 -16.15 -20.74
N ILE C 211 16.99 -15.60 -19.96
CA ILE C 211 16.68 -14.85 -18.75
C ILE C 211 17.16 -13.42 -18.95
N THR C 212 16.28 -12.46 -18.67
CA THR C 212 16.57 -11.05 -18.92
C THR C 212 16.17 -10.23 -17.71
N TYR C 213 16.76 -9.04 -17.61
CA TYR C 213 16.42 -8.09 -16.58
C TYR C 213 16.68 -6.69 -17.10
N ILE C 214 16.05 -5.71 -16.47
CA ILE C 214 16.27 -4.31 -16.78
C ILE C 214 16.67 -3.59 -15.50
N SER C 215 17.57 -2.63 -15.62
CA SER C 215 18.06 -1.88 -14.48
C SER C 215 17.90 -0.39 -14.76
N VAL C 216 17.33 0.33 -13.80
CA VAL C 216 17.12 1.77 -13.91
C VAL C 216 17.84 2.44 -12.75
N GLY C 217 18.66 3.43 -13.06
CA GLY C 217 19.42 4.14 -12.05
C GLY C 217 19.25 5.63 -12.19
N THR C 218 19.04 6.29 -11.06
CA THR C 218 18.89 7.74 -11.02
C THR C 218 19.23 8.22 -9.62
N SER C 219 18.85 9.46 -9.31
CA SER C 219 19.21 10.04 -8.01
C SER C 219 18.60 9.27 -6.85
N THR C 220 17.28 9.05 -6.90
CA THR C 220 16.54 8.51 -5.76
C THR C 220 15.58 7.41 -6.20
N LEU C 221 16.07 6.47 -6.99
CA LEU C 221 15.23 5.35 -7.41
C LEU C 221 16.09 4.20 -7.91
N ASN C 222 15.87 3.02 -7.37
CA ASN C 222 16.47 1.78 -7.85
C ASN C 222 15.36 0.81 -8.21
N GLN C 223 15.57 0.04 -9.27
CA GLN C 223 14.47 -0.76 -9.80
C GLN C 223 15.07 -1.91 -10.60
N ARG C 224 14.63 -3.13 -10.29
CA ARG C 224 15.01 -4.32 -11.03
C ARG C 224 13.77 -5.12 -11.36
N LEU C 225 13.82 -5.81 -12.50
CA LEU C 225 12.64 -6.52 -13.00
C LEU C 225 13.07 -7.76 -13.76
N ALA C 226 12.10 -8.61 -14.06
CA ALA C 226 12.32 -9.83 -14.82
C ALA C 226 11.02 -10.22 -15.49
N PRO C 227 11.08 -10.83 -16.67
CA PRO C 227 9.84 -11.24 -17.34
C PRO C 227 9.14 -12.36 -16.58
N LYS C 228 7.81 -12.40 -16.73
CA LYS C 228 6.96 -13.37 -16.05
C LYS C 228 6.37 -14.29 -17.10
N ILE C 229 6.93 -15.49 -17.22
CA ILE C 229 6.52 -16.45 -18.23
C ILE C 229 5.53 -17.43 -17.61
N ALA C 230 4.31 -17.44 -18.15
CA ALA C 230 3.27 -18.35 -17.68
C ALA C 230 2.13 -18.37 -18.69
N THR C 231 1.41 -19.47 -18.74
CA THR C 231 0.26 -19.57 -19.63
C THR C 231 -0.85 -18.64 -19.15
N ARG C 232 -1.57 -18.08 -20.12
CA ARG C 232 -2.63 -17.12 -19.82
C ARG C 232 -3.76 -17.31 -20.82
N SER C 233 -4.93 -16.79 -20.46
CA SER C 233 -6.08 -16.84 -21.34
C SER C 233 -5.97 -15.79 -22.44
N GLN C 234 -6.79 -15.95 -23.47
CA GLN C 234 -6.84 -15.01 -24.59
C GLN C 234 -7.89 -13.94 -24.28
N VAL C 235 -7.43 -12.74 -23.96
CA VAL C 235 -8.34 -11.65 -23.63
C VAL C 235 -8.75 -10.87 -24.87
N ASN C 236 -7.78 -10.49 -25.70
CA ASN C 236 -8.09 -9.71 -26.90
C ASN C 236 -6.99 -9.97 -27.93
N GLY C 237 -7.29 -10.81 -28.92
CA GLY C 237 -6.36 -11.05 -30.00
C GLY C 237 -5.18 -11.91 -29.60
N GLN C 238 -4.29 -11.36 -28.77
CA GLN C 238 -3.09 -12.05 -28.33
C GLN C 238 -3.15 -12.28 -26.83
N ARG C 239 -2.23 -13.13 -26.34
CA ARG C 239 -2.19 -13.52 -24.94
C ARG C 239 -0.99 -12.91 -24.21
N GLY C 240 -0.52 -11.77 -24.69
CA GLY C 240 0.56 -11.04 -24.02
C GLY C 240 0.04 -9.89 -23.19
N ARG C 241 0.97 -9.23 -22.50
CA ARG C 241 0.63 -8.10 -21.65
C ARG C 241 1.75 -7.06 -21.71
N MET C 242 1.37 -5.82 -21.41
CA MET C 242 2.29 -4.69 -21.41
C MET C 242 2.28 -4.03 -20.04
N ASP C 243 3.46 -3.67 -19.55
CA ASP C 243 3.59 -2.95 -18.30
C ASP C 243 4.43 -1.70 -18.53
N PHE C 244 3.94 -0.57 -18.04
CA PHE C 244 4.58 0.72 -18.27
C PHE C 244 4.77 1.45 -16.95
N PHE C 245 5.87 2.17 -16.84
CA PHE C 245 6.21 2.96 -15.66
C PHE C 245 6.48 4.40 -16.08
N TRP C 246 6.72 5.25 -15.09
CA TRP C 246 7.03 6.65 -15.36
C TRP C 246 7.82 7.21 -14.19
N THR C 247 8.50 8.33 -14.45
CA THR C 247 9.32 8.98 -13.44
C THR C 247 9.50 10.44 -13.82
N ILE C 248 9.92 11.23 -12.83
CA ILE C 248 10.17 12.66 -13.01
C ILE C 248 11.65 12.90 -12.84
N LEU C 249 12.24 13.63 -13.78
CA LEU C 249 13.67 13.90 -13.78
C LEU C 249 13.94 15.33 -13.32
N LYS C 250 14.91 15.49 -12.44
CA LYS C 250 15.28 16.80 -11.94
C LYS C 250 16.00 17.60 -13.03
N PRO C 251 15.97 18.93 -12.95
CA PRO C 251 16.59 19.74 -14.01
C PRO C 251 18.08 19.49 -14.19
N ASP C 252 18.82 19.19 -13.12
CA ASP C 252 20.28 19.07 -13.18
C ASP C 252 20.72 17.71 -12.68
N ASP C 253 20.05 16.65 -13.13
CA ASP C 253 20.36 15.30 -12.68
C ASP C 253 20.28 14.34 -13.86
N ALA C 254 21.15 13.34 -13.84
CA ALA C 254 21.27 12.40 -14.93
C ALA C 254 20.51 11.11 -14.63
N ILE C 255 20.21 10.38 -15.70
CA ILE C 255 19.48 9.12 -15.61
C ILE C 255 20.21 8.09 -16.46
N HIS C 256 20.11 6.82 -16.07
CA HIS C 256 20.82 5.76 -16.75
C HIS C 256 19.90 4.57 -16.98
N PHE C 257 20.20 3.80 -18.02
CA PHE C 257 19.43 2.63 -18.38
C PHE C 257 20.35 1.46 -18.66
N GLU C 258 19.94 0.27 -18.23
CA GLU C 258 20.62 -0.97 -18.55
C GLU C 258 19.59 -2.06 -18.79
N SER C 259 19.80 -2.85 -19.85
CA SER C 259 18.87 -3.92 -20.16
C SER C 259 19.59 -4.99 -20.96
N ASN C 260 19.01 -6.20 -20.96
CA ASN C 260 19.54 -7.31 -21.73
C ASN C 260 18.46 -7.99 -22.56
N GLY C 261 17.34 -7.32 -22.77
CA GLY C 261 16.26 -7.86 -23.56
C GLY C 261 14.92 -7.40 -23.03
N ASN C 262 13.89 -7.57 -23.86
CA ASN C 262 12.51 -7.26 -23.50
C ASN C 262 12.34 -5.80 -23.10
N PHE C 263 13.20 -4.93 -23.61
CA PHE C 263 13.20 -3.53 -23.23
C PHE C 263 12.52 -2.68 -24.30
N ILE C 264 11.70 -1.73 -23.85
CA ILE C 264 11.07 -0.75 -24.73
C ILE C 264 11.70 0.60 -24.45
N ALA C 265 12.33 1.18 -25.46
CA ALA C 265 13.01 2.43 -25.19
C ALA C 265 12.17 3.62 -25.66
N PRO C 266 12.23 4.74 -24.95
CA PRO C 266 11.46 5.92 -25.35
C PRO C 266 12.12 6.64 -26.51
N GLU C 267 11.31 7.46 -27.19
CA GLU C 267 11.77 8.30 -28.27
C GLU C 267 11.50 9.78 -28.06
N TYR C 268 10.56 10.14 -27.19
CA TYR C 268 10.20 11.52 -26.96
C TYR C 268 9.96 11.74 -25.48
N ALA C 269 10.20 12.97 -25.04
CA ALA C 269 9.96 13.36 -23.66
C ALA C 269 9.21 14.68 -23.66
N TYR C 270 8.59 14.98 -22.52
CA TYR C 270 7.73 16.15 -22.40
C TYR C 270 8.30 17.11 -21.36
N LYS C 271 8.39 18.39 -21.74
CA LYS C 271 8.98 19.40 -20.87
C LYS C 271 7.89 20.04 -20.02
N ILE C 272 7.50 19.32 -18.98
CA ILE C 272 6.57 19.87 -18.01
C ILE C 272 7.26 20.95 -17.20
N VAL C 273 6.47 21.78 -16.51
CA VAL C 273 7.00 22.87 -15.72
C VAL C 273 6.55 22.77 -14.27
N LYS C 274 5.27 22.48 -14.05
CA LYS C 274 4.71 22.41 -12.70
C LYS C 274 3.29 21.86 -12.72
N ILE C 280 -9.77 16.55 -13.62
CA ILE C 280 -10.20 15.38 -14.38
C ILE C 280 -11.73 15.33 -14.43
N MET C 281 -12.28 15.16 -15.63
CA MET C 281 -13.72 15.12 -15.85
C MET C 281 -14.05 13.80 -16.55
N LYS C 282 -15.11 13.12 -16.09
CA LYS C 282 -15.41 11.78 -16.57
C LYS C 282 -16.50 11.70 -17.63
N SER C 283 -17.42 12.66 -17.67
CA SER C 283 -18.49 12.66 -18.66
C SER C 283 -18.57 14.03 -19.33
N GLY C 284 -18.88 14.02 -20.62
CA GLY C 284 -18.89 15.26 -21.38
C GLY C 284 -19.95 15.27 -22.46
N VAL C 285 -20.23 16.47 -22.94
CA VAL C 285 -21.22 16.69 -24.00
C VAL C 285 -20.63 17.64 -25.02
N GLU C 286 -21.43 18.03 -26.00
CA GLU C 286 -20.98 18.95 -27.04
C GLU C 286 -20.62 20.31 -26.43
N TYR C 287 -19.58 20.93 -26.98
CA TYR C 287 -19.14 22.25 -26.56
C TYR C 287 -20.26 23.29 -26.67
N ASN C 291 -18.60 31.37 -19.97
CA ASN C 291 -17.40 31.66 -19.22
C ASN C 291 -17.66 31.54 -17.71
N THR C 292 -17.27 30.41 -17.14
CA THR C 292 -17.49 30.17 -15.72
C THR C 292 -16.40 29.23 -15.21
N LYS C 293 -16.21 29.25 -13.89
CA LYS C 293 -15.23 28.41 -13.22
C LYS C 293 -15.82 27.11 -12.69
N CYS C 294 -17.12 26.90 -12.86
CA CYS C 294 -17.81 25.74 -12.34
C CYS C 294 -18.34 24.89 -13.47
N GLN C 295 -18.06 23.58 -13.43
CA GLN C 295 -18.54 22.68 -14.47
C GLN C 295 -18.94 21.35 -13.83
N THR C 296 -19.92 20.70 -14.44
CA THR C 296 -20.47 19.44 -13.99
C THR C 296 -20.63 18.54 -15.21
N PRO C 297 -20.61 17.20 -15.03
CA PRO C 297 -20.64 16.31 -16.19
C PRO C 297 -21.86 16.45 -17.09
N VAL C 298 -22.84 17.26 -16.68
CA VAL C 298 -24.01 17.51 -17.51
C VAL C 298 -24.02 18.91 -18.11
N GLY C 299 -23.38 19.90 -17.48
CA GLY C 299 -23.37 21.23 -18.03
C GLY C 299 -22.34 22.11 -17.35
N ALA C 300 -22.49 23.41 -17.57
CA ALA C 300 -21.62 24.41 -16.96
C ALA C 300 -22.45 25.29 -16.03
N ILE C 301 -21.98 25.44 -14.80
CA ILE C 301 -22.69 26.23 -13.79
C ILE C 301 -22.28 27.68 -13.92
N ASN C 302 -23.23 28.54 -14.24
CA ASN C 302 -22.97 29.96 -14.47
C ASN C 302 -23.29 30.84 -13.27
N SER C 303 -23.90 30.29 -12.22
CA SER C 303 -24.35 31.07 -11.08
C SER C 303 -23.47 30.82 -9.87
N SER C 304 -23.33 31.85 -9.04
CA SER C 304 -22.60 31.77 -7.78
C SER C 304 -23.53 31.84 -6.57
N MET C 305 -24.82 31.55 -6.77
CA MET C 305 -25.77 31.55 -5.68
C MET C 305 -25.40 30.44 -4.68
N PRO C 306 -25.82 30.57 -3.41
CA PRO C 306 -25.14 29.81 -2.35
C PRO C 306 -25.13 28.30 -2.53
N PHE C 307 -26.14 27.72 -3.16
CA PHE C 307 -26.16 26.28 -3.38
C PHE C 307 -27.21 25.97 -4.44
N HIS C 308 -27.41 24.68 -4.69
CA HIS C 308 -28.38 24.18 -5.65
C HIS C 308 -28.50 22.67 -5.49
N ASN C 309 -29.58 22.12 -6.01
CA ASN C 309 -29.85 20.69 -5.91
C ASN C 309 -29.37 19.90 -7.12
N ILE C 310 -28.69 20.55 -8.07
CA ILE C 310 -28.14 19.88 -9.24
C ILE C 310 -26.96 19.02 -8.80
N HIS C 311 -26.43 18.23 -9.73
CA HIS C 311 -25.38 17.24 -9.49
C HIS C 311 -24.28 17.77 -8.57
N PRO C 312 -24.13 17.18 -7.38
CA PRO C 312 -23.07 17.64 -6.46
C PRO C 312 -21.67 17.45 -7.00
N LEU C 313 -21.42 16.41 -7.79
CA LEU C 313 -20.07 16.13 -8.27
C LEU C 313 -19.68 17.15 -9.34
N THR C 314 -18.85 18.11 -8.96
CA THR C 314 -18.37 19.14 -9.87
C THR C 314 -16.85 19.22 -9.80
N ILE C 315 -16.27 19.89 -10.77
CA ILE C 315 -14.84 20.19 -10.79
C ILE C 315 -14.65 21.67 -10.47
N GLY C 316 -13.58 21.96 -9.75
CA GLY C 316 -13.38 23.34 -9.33
C GLY C 316 -14.35 23.72 -8.23
N GLU C 317 -14.51 25.04 -8.06
CA GLU C 317 -15.38 25.55 -7.01
C GLU C 317 -16.84 25.29 -7.35
N CYS C 318 -17.61 24.87 -6.36
CA CYS C 318 -19.05 24.73 -6.43
C CYS C 318 -19.68 25.39 -5.22
N PRO C 319 -20.88 25.96 -5.36
CA PRO C 319 -21.49 26.68 -4.23
C PRO C 319 -21.68 25.80 -3.01
N LYS C 320 -22.54 24.79 -3.13
CA LYS C 320 -22.73 23.64 -2.23
C LYS C 320 -23.71 22.71 -2.93
N TYR C 321 -24.04 21.61 -2.25
CA TYR C 321 -25.06 20.68 -2.69
C TYR C 321 -26.17 20.60 -1.66
N VAL C 322 -27.42 20.61 -2.13
CA VAL C 322 -28.59 20.44 -1.28
C VAL C 322 -29.48 19.36 -1.89
N LYS C 323 -30.36 18.81 -1.04
CA LYS C 323 -31.24 17.72 -1.47
C LYS C 323 -32.66 18.17 -1.77
N SER C 324 -33.12 19.25 -1.14
CA SER C 324 -34.49 19.71 -1.32
C SER C 324 -34.63 20.40 -2.69
N ASN C 325 -35.80 20.98 -2.93
CA ASN C 325 -36.05 21.66 -4.20
C ASN C 325 -36.60 23.06 -3.95
N LYS C 326 -37.32 23.24 -2.86
CA LYS C 326 -37.91 24.53 -2.50
C LYS C 326 -37.14 25.13 -1.34
N LEU C 327 -36.59 26.32 -1.54
CA LEU C 327 -35.80 27.00 -0.52
C LEU C 327 -35.74 28.47 -0.87
N VAL C 328 -36.31 29.33 -0.02
CA VAL C 328 -36.50 30.74 -0.35
C VAL C 328 -36.43 31.55 0.93
N LEU C 329 -35.73 32.69 0.88
CA LEU C 329 -35.92 33.77 1.83
C LEU C 329 -36.80 34.84 1.21
N ALA C 330 -37.66 35.42 2.02
CA ALA C 330 -38.73 36.30 1.55
C ALA C 330 -38.51 37.71 2.06
N THR C 331 -38.57 38.69 1.14
CA THR C 331 -38.52 40.09 1.53
C THR C 331 -39.07 40.93 0.39
N GLY C 332 -39.46 42.15 0.74
CA GLY C 332 -40.00 43.08 -0.24
C GLY C 332 -40.50 44.33 0.44
N LEU C 333 -41.09 45.19 -0.38
CA LEU C 333 -41.66 46.45 0.11
C LEU C 333 -42.99 46.15 0.78
N ARG C 334 -42.96 46.02 2.11
CA ARG C 334 -44.17 45.73 2.87
C ARG C 334 -44.39 46.80 3.92
N ASN C 335 -44.23 48.09 3.55
CA ASN C 335 -43.95 49.17 4.55
C ASN C 335 -44.88 50.39 4.42
N GLN D 42 -39.66 54.92 6.97
CA GLN D 42 -39.82 54.20 5.71
C GLN D 42 -38.49 53.72 5.17
N LYS D 43 -38.54 52.92 4.10
CA LYS D 43 -37.35 52.43 3.40
C LYS D 43 -36.45 51.70 4.39
N ALA D 44 -36.96 50.56 4.85
CA ALA D 44 -36.22 49.67 5.73
C ALA D 44 -35.63 48.47 5.00
N ILE D 45 -35.76 48.42 3.68
CA ILE D 45 -35.20 47.32 2.90
C ILE D 45 -33.68 47.31 3.04
N ASP D 46 -33.07 48.49 3.11
CA ASP D 46 -31.66 48.56 3.46
C ASP D 46 -31.51 48.05 4.88
N GLY D 47 -30.97 46.84 5.03
CA GLY D 47 -30.99 46.13 6.29
C GLY D 47 -31.69 44.79 6.21
N VAL D 48 -32.29 44.46 5.07
CA VAL D 48 -32.79 43.13 4.80
C VAL D 48 -32.13 42.51 3.56
N THR D 49 -31.91 43.31 2.51
CA THR D 49 -31.30 42.79 1.30
C THR D 49 -29.83 42.46 1.53
N ASN D 50 -29.14 43.30 2.30
CA ASN D 50 -27.72 43.04 2.59
C ASN D 50 -27.56 41.75 3.37
N LYS D 51 -28.54 41.39 4.19
CA LYS D 51 -28.49 40.12 4.89
C LYS D 51 -28.62 38.95 3.93
N VAL D 52 -29.45 39.12 2.89
CA VAL D 52 -29.45 38.16 1.79
C VAL D 52 -28.10 38.17 1.09
N ASN D 53 -27.46 39.34 1.04
CA ASN D 53 -26.09 39.40 0.54
C ASN D 53 -25.11 38.84 1.57
N SER D 54 -25.39 39.07 2.85
CA SER D 54 -24.46 38.64 3.90
C SER D 54 -24.32 37.13 3.92
N ILE D 55 -25.42 36.39 3.75
CA ILE D 55 -25.37 34.94 3.87
C ILE D 55 -24.50 34.34 2.77
N ILE D 56 -24.59 34.89 1.55
CA ILE D 56 -23.84 34.32 0.44
C ILE D 56 -22.34 34.56 0.62
N ASP D 57 -21.97 35.66 1.27
CA ASP D 57 -20.54 35.97 1.42
C ASP D 57 -19.88 35.08 2.47
N LYS D 58 -20.57 34.83 3.58
CA LYS D 58 -19.94 34.11 4.69
C LYS D 58 -19.78 32.62 4.41
N MET D 59 -20.24 32.12 3.26
CA MET D 59 -19.97 30.76 2.86
C MET D 59 -18.50 30.54 2.53
N ASN D 60 -17.72 31.61 2.41
CA ASN D 60 -16.26 31.56 2.27
C ASN D 60 -15.84 31.04 0.90
N THR D 61 -14.73 30.30 0.86
CA THR D 61 -14.17 29.87 -0.41
C THR D 61 -13.55 28.49 -0.23
N GLN D 62 -13.69 27.65 -1.26
CA GLN D 62 -13.12 26.32 -1.27
C GLN D 62 -12.01 26.24 -2.30
N PHE D 63 -10.89 25.63 -1.92
CA PHE D 63 -9.78 25.43 -2.82
C PHE D 63 -10.15 24.44 -3.92
N GLU D 64 -9.63 24.68 -5.13
CA GLU D 64 -9.92 23.85 -6.29
C GLU D 64 -9.60 22.38 -6.01
N ALA D 65 -10.64 21.55 -5.97
CA ALA D 65 -10.50 20.14 -5.68
C ALA D 65 -11.34 19.33 -6.64
N VAL D 66 -10.79 18.18 -7.08
CA VAL D 66 -11.48 17.29 -8.01
C VAL D 66 -11.59 15.92 -7.36
N GLY D 67 -12.81 15.39 -7.33
CA GLY D 67 -13.04 14.08 -6.76
C GLY D 67 -12.39 12.97 -7.57
N ARG D 68 -11.33 12.39 -7.03
CA ARG D 68 -10.59 11.34 -7.74
C ARG D 68 -11.24 9.98 -7.49
N GLU D 69 -10.79 8.99 -8.24
CA GLU D 69 -11.29 7.63 -8.12
C GLU D 69 -10.12 6.68 -7.89
N PHE D 70 -10.34 5.70 -7.01
CA PHE D 70 -9.29 4.77 -6.61
C PHE D 70 -9.46 3.43 -7.33
N ASN D 71 -8.47 2.57 -7.14
CA ASN D 71 -8.45 1.25 -7.77
C ASN D 71 -9.25 0.25 -6.93
N ASN D 72 -9.78 -0.77 -7.60
CA ASN D 72 -10.60 -1.77 -6.94
C ASN D 72 -9.83 -2.58 -5.90
N LEU D 73 -8.51 -2.65 -6.02
CA LEU D 73 -7.70 -3.44 -5.10
C LEU D 73 -7.60 -2.82 -3.71
N GLU D 74 -8.05 -1.57 -3.54
CA GLU D 74 -7.98 -0.85 -2.28
C GLU D 74 -9.36 -0.34 -1.89
N ARG D 75 -10.36 -1.22 -1.99
CA ARG D 75 -11.75 -0.83 -1.90
C ARG D 75 -12.10 -0.12 -0.59
N ARG D 76 -11.33 -0.36 0.48
CA ARG D 76 -11.63 0.28 1.76
C ARG D 76 -11.57 1.80 1.63
N ILE D 77 -10.64 2.32 0.84
CA ILE D 77 -10.48 3.76 0.73
C ILE D 77 -11.71 4.41 0.11
N GLU D 78 -12.25 3.83 -0.96
CA GLU D 78 -13.47 4.38 -1.56
C GLU D 78 -14.61 4.35 -0.56
N ASN D 79 -14.74 3.25 0.17
CA ASN D 79 -15.71 3.21 1.26
C ASN D 79 -15.40 4.27 2.29
N LEU D 80 -14.13 4.43 2.63
CA LEU D 80 -13.71 5.55 3.47
C LEU D 80 -14.00 6.87 2.78
N ASN D 81 -13.66 6.97 1.49
CA ASN D 81 -13.92 8.20 0.74
C ASN D 81 -15.40 8.53 0.70
N LYS D 82 -16.25 7.52 0.92
CA LYS D 82 -17.69 7.78 0.94
C LYS D 82 -18.12 8.46 2.24
N LYS D 83 -17.45 8.17 3.34
CA LYS D 83 -17.96 8.59 4.65
C LYS D 83 -18.04 10.11 4.78
N MET D 84 -16.96 10.83 4.43
CA MET D 84 -17.03 12.28 4.61
C MET D 84 -17.89 12.94 3.53
N GLU D 85 -17.86 12.46 2.29
CA GLU D 85 -18.60 13.14 1.23
C GLU D 85 -20.09 13.13 1.51
N ASP D 86 -20.63 12.00 1.98
CA ASP D 86 -22.01 12.02 2.46
C ASP D 86 -22.11 12.65 3.84
N GLY D 87 -21.08 12.50 4.66
CA GLY D 87 -21.08 13.15 5.96
C GLY D 87 -21.07 14.66 5.85
N PHE D 88 -20.26 15.20 4.94
CA PHE D 88 -20.21 16.64 4.75
C PHE D 88 -21.56 17.17 4.27
N LEU D 89 -22.16 16.50 3.29
CA LEU D 89 -23.45 16.98 2.79
C LEU D 89 -24.55 16.77 3.83
N ASP D 90 -24.40 15.78 4.70
CA ASP D 90 -25.39 15.54 5.74
C ASP D 90 -25.46 16.74 6.68
N VAL D 91 -24.32 17.19 7.19
CA VAL D 91 -24.30 18.39 8.01
C VAL D 91 -24.62 19.62 7.17
N TRP D 92 -24.16 19.63 5.91
CA TRP D 92 -24.47 20.75 5.04
C TRP D 92 -25.96 20.85 4.76
N THR D 93 -26.62 19.71 4.50
CA THR D 93 -28.06 19.74 4.38
C THR D 93 -28.73 19.90 5.74
N TYR D 94 -28.07 19.48 6.81
CA TYR D 94 -28.48 19.90 8.15
C TYR D 94 -28.30 21.40 8.30
N ASN D 95 -27.17 21.93 7.81
CA ASN D 95 -27.02 23.37 7.72
C ASN D 95 -28.02 23.97 6.75
N ALA D 96 -28.38 23.22 5.72
CA ALA D 96 -29.42 23.69 4.81
C ALA D 96 -30.80 23.45 5.42
N GLU D 97 -31.80 24.03 4.77
CA GLU D 97 -33.21 23.81 5.08
C GLU D 97 -33.54 24.21 6.51
N LEU D 98 -33.21 23.37 7.49
CA LEU D 98 -33.49 23.73 8.89
C LEU D 98 -32.74 24.99 9.30
N LEU D 99 -31.42 25.01 9.11
CA LEU D 99 -30.69 26.24 9.38
C LEU D 99 -30.70 27.19 8.20
N VAL D 100 -31.45 26.87 7.14
CA VAL D 100 -31.91 27.88 6.21
C VAL D 100 -33.26 28.42 6.66
N LEU D 101 -33.99 27.65 7.47
CA LEU D 101 -35.32 28.06 7.88
C LEU D 101 -35.28 29.11 8.99
N MET D 102 -34.37 28.97 9.96
CA MET D 102 -34.52 29.77 11.16
C MET D 102 -34.20 31.23 10.91
N GLU D 103 -33.35 31.54 9.92
CA GLU D 103 -33.21 32.93 9.51
C GLU D 103 -34.41 33.36 8.68
N ASN D 104 -34.97 32.44 7.88
CA ASN D 104 -36.26 32.69 7.25
C ASN D 104 -37.33 32.85 8.31
N GLU D 105 -37.29 32.00 9.34
CA GLU D 105 -38.14 32.21 10.51
C GLU D 105 -37.81 33.56 11.15
N ARG D 106 -36.53 33.87 11.29
CA ARG D 106 -36.13 35.20 11.73
C ARG D 106 -36.61 36.25 10.74
N THR D 107 -36.51 35.97 9.45
CA THR D 107 -36.94 36.93 8.44
C THR D 107 -38.40 37.32 8.62
N LEU D 108 -39.27 36.31 8.79
CA LEU D 108 -40.67 36.62 9.09
C LEU D 108 -40.81 37.17 10.51
N ASP D 109 -40.02 36.66 11.46
CA ASP D 109 -40.04 37.19 12.81
C ASP D 109 -39.61 38.65 12.82
N PHE D 110 -38.55 38.97 12.08
CA PHE D 110 -38.18 40.37 11.93
C PHE D 110 -39.26 41.15 11.21
N HIS D 111 -39.89 40.53 10.20
CA HIS D 111 -40.96 41.21 9.47
C HIS D 111 -42.16 41.48 10.36
N ASP D 112 -42.65 40.44 11.06
CA ASP D 112 -43.83 40.64 11.89
C ASP D 112 -43.53 41.54 13.08
N SER D 113 -42.32 41.45 13.63
CA SER D 113 -41.91 42.43 14.63
C SER D 113 -41.82 43.82 14.01
N ASN D 114 -41.33 43.91 12.78
CA ASN D 114 -41.23 45.20 12.11
C ASN D 114 -42.59 45.89 12.05
N VAL D 115 -43.61 45.19 11.56
CA VAL D 115 -44.94 45.79 11.46
C VAL D 115 -45.44 46.16 12.85
N LYS D 116 -44.96 45.49 13.89
CA LYS D 116 -45.22 45.95 15.24
C LYS D 116 -44.38 47.18 15.55
N ASN D 117 -43.15 47.25 15.02
CA ASN D 117 -42.28 48.37 15.34
C ASN D 117 -42.80 49.69 14.78
N LEU D 118 -43.72 49.65 13.81
CA LEU D 118 -44.36 50.91 13.42
C LEU D 118 -45.65 51.17 14.18
N TYR D 119 -46.10 50.23 15.00
CA TYR D 119 -47.36 50.44 15.72
C TYR D 119 -47.20 51.46 16.84
N ASP D 120 -46.03 51.50 17.50
CA ASP D 120 -45.91 52.28 18.71
C ASP D 120 -45.82 53.78 18.45
N LYS D 121 -45.17 54.21 17.36
CA LYS D 121 -45.16 55.65 17.14
C LYS D 121 -46.48 56.16 16.59
N VAL D 122 -47.43 55.27 16.28
CA VAL D 122 -48.81 55.70 16.15
C VAL D 122 -49.38 56.00 17.52
N ARG D 123 -48.80 55.42 18.57
CA ARG D 123 -49.30 55.57 19.93
C ARG D 123 -48.59 56.67 20.73
N LEU D 124 -47.52 57.26 20.20
CA LEU D 124 -46.78 58.23 21.00
C LEU D 124 -47.57 59.53 21.19
N GLN D 125 -48.40 59.90 20.22
CA GLN D 125 -49.18 61.12 20.33
C GLN D 125 -50.44 60.94 21.15
N LEU D 126 -50.85 59.69 21.43
CA LEU D 126 -52.01 59.43 22.24
C LEU D 126 -51.65 58.53 23.43
N CYS E 20 -60.99 38.69 35.46
CA CYS E 20 -61.18 37.60 36.40
C CYS E 20 -60.43 36.35 35.95
N ILE E 21 -60.39 36.13 34.64
CA ILE E 21 -59.71 34.97 34.08
C ILE E 21 -58.21 35.20 34.12
N GLY E 22 -57.46 34.15 34.42
CA GLY E 22 -56.02 34.23 34.50
C GLY E 22 -55.36 33.11 33.71
N TYR E 23 -54.03 33.11 33.76
CA TYR E 23 -53.25 32.08 33.09
C TYR E 23 -53.51 30.72 33.71
N HIS E 24 -53.51 29.69 32.86
CA HIS E 24 -53.77 28.33 33.33
C HIS E 24 -52.63 27.84 34.20
N ALA E 25 -52.97 27.26 35.36
CA ALA E 25 -52.01 26.69 36.29
C ALA E 25 -52.23 25.19 36.38
N ASN E 26 -51.16 24.42 36.28
CA ASN E 26 -51.24 22.97 36.28
C ASN E 26 -50.22 22.40 37.26
N ASN E 27 -50.16 21.08 37.35
CA ASN E 27 -49.26 20.38 38.24
C ASN E 27 -48.56 19.26 37.49
N SER E 28 -47.31 19.01 37.87
CA SER E 28 -46.51 17.96 37.25
C SER E 28 -45.39 17.59 38.21
N THR E 29 -44.64 16.55 37.84
CA THR E 29 -43.52 16.09 38.65
C THR E 29 -42.26 15.94 37.81
N ILE E 35 -30.83 27.11 28.33
CA ILE E 35 -29.56 27.71 28.69
C ILE E 35 -29.78 28.83 29.70
N MET E 36 -31.03 29.30 29.80
CA MET E 36 -31.34 30.40 30.70
C MET E 36 -31.15 30.03 32.17
N GLU E 37 -31.33 28.77 32.53
CA GLU E 37 -31.15 28.33 33.91
C GLU E 37 -30.67 26.87 33.86
N LYS E 38 -30.57 26.23 35.01
CA LYS E 38 -30.02 24.88 35.12
C LYS E 38 -31.06 23.79 35.18
N ASN E 39 -32.09 23.94 36.02
CA ASN E 39 -33.11 22.90 36.15
C ASN E 39 -34.46 23.58 36.34
N VAL E 40 -35.40 23.27 35.46
CA VAL E 40 -36.74 23.86 35.47
C VAL E 40 -37.77 22.74 35.59
N THR E 41 -38.75 22.94 36.45
CA THR E 41 -39.88 22.03 36.49
C THR E 41 -40.65 22.09 35.17
N VAL E 42 -40.97 20.92 34.64
CA VAL E 42 -41.61 20.81 33.32
C VAL E 42 -42.98 20.19 33.51
N THR E 43 -43.94 20.65 32.71
CA THR E 43 -45.30 20.09 32.78
C THR E 43 -45.35 18.71 32.16
N HIS E 44 -44.57 18.47 31.11
CA HIS E 44 -44.56 17.17 30.43
C HIS E 44 -43.16 16.97 29.86
N ALA E 45 -42.48 15.92 30.30
CA ALA E 45 -41.09 15.67 29.90
C ALA E 45 -41.06 14.64 28.77
N GLN E 46 -41.46 15.09 27.58
CA GLN E 46 -41.25 14.28 26.39
C GLN E 46 -39.76 14.18 26.12
N ASP E 47 -39.21 12.99 26.28
CA ASP E 47 -37.77 12.79 26.32
C ASP E 47 -37.34 12.22 24.97
N ILE E 48 -36.18 12.67 24.49
CA ILE E 48 -35.72 12.36 23.15
C ILE E 48 -34.48 11.47 23.26
N LEU E 49 -34.23 10.94 24.46
CA LEU E 49 -33.12 10.03 24.69
C LEU E 49 -33.64 8.73 25.31
N GLU E 50 -33.21 7.59 24.78
CA GLU E 50 -33.63 6.31 25.32
C GLU E 50 -32.45 5.33 25.34
N LYS E 51 -32.43 4.48 26.37
CA LYS E 51 -31.36 3.52 26.55
C LYS E 51 -31.90 2.10 26.80
N THR E 52 -33.17 1.86 26.49
CA THR E 52 -33.81 0.57 26.78
C THR E 52 -33.47 -0.43 25.67
N HIS E 53 -32.25 -0.94 25.74
CA HIS E 53 -31.78 -1.94 24.79
C HIS E 53 -32.03 -3.34 25.33
N ASN E 54 -32.41 -4.25 24.42
CA ASN E 54 -32.75 -5.61 24.83
C ASN E 54 -31.56 -6.35 25.40
N GLY E 55 -30.36 -6.06 24.92
CA GLY E 55 -29.19 -6.81 25.32
C GLY E 55 -29.07 -8.17 24.69
N LYS E 56 -29.83 -8.44 23.64
CA LYS E 56 -29.80 -9.73 22.98
C LYS E 56 -29.92 -9.52 21.46
N LEU E 57 -29.73 -10.60 20.72
CA LEU E 57 -29.87 -10.54 19.27
C LEU E 57 -31.35 -10.43 18.89
N CYS E 58 -31.59 -9.96 17.68
CA CYS E 58 -32.93 -9.73 17.18
C CYS E 58 -33.22 -10.63 15.98
N ASP E 59 -34.48 -10.64 15.58
CA ASP E 59 -34.93 -11.43 14.43
C ASP E 59 -35.03 -10.48 13.24
N LEU E 60 -34.05 -10.53 12.35
CA LEU E 60 -34.01 -9.64 11.21
C LEU E 60 -35.04 -10.08 10.16
N ASN E 61 -35.08 -9.37 9.04
CA ASN E 61 -36.03 -9.64 7.98
C ASN E 61 -35.65 -10.89 7.20
N GLY E 62 -35.79 -12.06 7.83
CA GLY E 62 -35.51 -13.31 7.16
C GLY E 62 -34.05 -13.69 7.16
N VAL E 63 -33.17 -12.72 6.95
CA VAL E 63 -31.73 -12.99 6.89
C VAL E 63 -31.17 -13.02 8.30
N LYS E 64 -31.26 -14.17 8.94
CA LYS E 64 -30.71 -14.32 10.28
C LYS E 64 -29.19 -14.24 10.21
N PRO E 65 -28.55 -13.39 11.01
CA PRO E 65 -27.09 -13.30 10.96
C PRO E 65 -26.44 -14.63 11.30
N LEU E 66 -25.33 -14.93 10.63
CA LEU E 66 -24.62 -16.18 10.84
C LEU E 66 -24.07 -16.21 12.25
N ILE E 67 -24.53 -17.16 13.05
CA ILE E 67 -24.11 -17.28 14.44
C ILE E 67 -23.08 -18.39 14.54
N LEU E 68 -21.89 -18.05 15.00
CA LEU E 68 -20.81 -19.01 15.22
C LEU E 68 -20.39 -18.98 16.68
N LYS E 69 -20.14 -20.16 17.24
CA LYS E 69 -19.76 -20.25 18.64
C LYS E 69 -18.34 -19.76 18.86
N ASP E 70 -17.38 -20.40 18.21
CA ASP E 70 -15.98 -19.99 18.31
C ASP E 70 -15.24 -20.04 16.98
N CYS E 71 -15.93 -20.37 15.90
CA CYS E 71 -15.26 -20.51 14.60
C CYS E 71 -14.86 -19.15 14.08
N SER E 72 -13.60 -19.02 13.65
CA SER E 72 -13.14 -17.79 13.05
C SER E 72 -13.55 -17.70 11.59
N VAL E 73 -13.49 -16.49 11.04
CA VAL E 73 -13.84 -16.30 9.64
C VAL E 73 -12.89 -17.09 8.75
N ALA E 74 -11.59 -17.02 9.03
CA ALA E 74 -10.63 -17.82 8.28
C ALA E 74 -10.84 -19.31 8.53
N GLY E 75 -11.14 -19.68 9.77
CA GLY E 75 -11.31 -21.09 10.08
C GLY E 75 -12.51 -21.71 9.39
N TRP E 76 -13.62 -20.97 9.30
CA TRP E 76 -14.83 -21.53 8.72
C TRP E 76 -14.66 -21.78 7.23
N LEU E 77 -14.15 -20.80 6.49
CA LEU E 77 -13.96 -20.98 5.06
C LEU E 77 -12.95 -22.08 4.78
N LEU E 78 -11.85 -22.11 5.54
CA LEU E 78 -10.87 -23.16 5.36
C LEU E 78 -11.37 -24.52 5.84
N GLY E 79 -12.44 -24.53 6.63
CA GLY E 79 -13.00 -25.78 7.10
C GLY E 79 -12.21 -26.41 8.22
N ASN E 80 -12.13 -25.74 9.36
CA ASN E 80 -11.47 -26.32 10.53
C ASN E 80 -12.26 -27.53 11.01
N PRO E 81 -11.57 -28.53 11.55
CA PRO E 81 -12.27 -29.78 11.94
C PRO E 81 -13.38 -29.57 12.94
N MET E 82 -13.25 -28.60 13.85
CA MET E 82 -14.27 -28.31 14.84
C MET E 82 -15.33 -27.35 14.32
N CYS E 83 -15.45 -27.20 13.00
CA CYS E 83 -16.44 -26.32 12.40
C CYS E 83 -17.39 -27.04 11.45
N ASP E 84 -17.55 -28.36 11.61
CA ASP E 84 -18.44 -29.14 10.75
C ASP E 84 -19.88 -29.12 11.23
N GLU E 85 -20.22 -28.28 12.21
CA GLU E 85 -21.58 -28.25 12.72
C GLU E 85 -22.53 -27.51 11.78
N PHE E 86 -22.05 -26.50 11.07
CA PHE E 86 -22.90 -25.68 10.22
C PHE E 86 -22.94 -26.19 8.79
N ILE E 87 -21.79 -26.22 8.12
CA ILE E 87 -21.64 -26.73 6.77
C ILE E 87 -22.50 -25.94 5.79
N ARG E 88 -23.81 -26.09 5.89
CA ARG E 88 -24.75 -25.48 4.95
C ARG E 88 -25.58 -24.41 5.67
N VAL E 89 -25.56 -23.20 5.13
CA VAL E 89 -26.29 -22.07 5.72
C VAL E 89 -27.03 -21.34 4.63
N PRO E 90 -28.28 -20.95 4.89
CA PRO E 90 -29.01 -20.10 3.93
C PRO E 90 -28.51 -18.67 3.96
N GLU E 91 -29.19 -17.79 3.22
CA GLU E 91 -28.74 -16.41 3.10
C GLU E 91 -28.71 -15.73 4.47
N TRP E 92 -27.71 -14.89 4.67
CA TRP E 92 -27.53 -14.15 5.91
C TRP E 92 -27.38 -12.66 5.59
N SER E 93 -27.12 -11.88 6.62
CA SER E 93 -26.94 -10.44 6.49
C SER E 93 -25.63 -9.94 7.05
N TYR E 94 -25.18 -10.46 8.19
CA TYR E 94 -23.92 -10.06 8.79
C TYR E 94 -23.42 -11.18 9.69
N ILE E 95 -22.15 -11.06 10.09
CA ILE E 95 -21.47 -12.09 10.85
C ILE E 95 -21.40 -11.68 12.31
N VAL E 96 -21.70 -12.62 13.20
CA VAL E 96 -21.56 -12.44 14.64
C VAL E 96 -20.41 -13.32 15.09
N GLU E 97 -19.33 -12.69 15.57
CA GLU E 97 -18.15 -13.42 16.02
C GLU E 97 -17.58 -12.74 17.25
N ARG E 98 -17.09 -13.55 18.19
CA ARG E 98 -16.51 -13.03 19.41
C ARG E 98 -15.00 -12.84 19.26
N ALA E 99 -14.45 -12.00 20.13
CA ALA E 99 -13.03 -11.70 20.09
C ALA E 99 -12.21 -12.91 20.54
N ASN E 100 -10.93 -12.90 20.16
CA ASN E 100 -9.91 -13.90 20.44
C ASN E 100 -10.48 -15.32 20.49
N PRO E 101 -11.07 -15.81 19.41
CA PRO E 101 -11.65 -17.15 19.43
C PRO E 101 -10.59 -18.22 19.60
N ALA E 102 -10.97 -19.29 20.28
CA ALA E 102 -10.07 -20.42 20.51
C ALA E 102 -10.07 -21.42 19.38
N ASN E 103 -10.89 -21.22 18.35
CA ASN E 103 -10.99 -22.13 17.21
C ASN E 103 -10.46 -21.48 15.94
N ASP E 104 -9.38 -20.71 16.06
CA ASP E 104 -8.77 -20.06 14.92
C ASP E 104 -7.91 -21.06 14.15
N LEU E 105 -7.09 -20.57 13.23
CA LEU E 105 -6.20 -21.42 12.47
C LEU E 105 -5.24 -22.15 13.39
N CYS E 106 -5.38 -23.47 13.49
CA CYS E 106 -4.46 -24.25 14.31
C CYS E 106 -3.04 -24.14 13.79
N PHE E 107 -2.86 -24.22 12.49
CA PHE E 107 -1.55 -24.01 11.89
C PHE E 107 -1.22 -22.52 11.90
N PRO E 108 -0.01 -22.13 12.32
CA PRO E 108 0.35 -20.72 12.30
C PRO E 108 0.36 -20.17 10.88
N GLY E 109 0.08 -18.88 10.77
CA GLY E 109 0.03 -18.19 9.50
C GLY E 109 -1.24 -17.37 9.35
N SER E 110 -1.20 -16.48 8.37
CA SER E 110 -2.32 -15.57 8.12
C SER E 110 -2.57 -15.49 6.62
N LEU E 111 -3.82 -15.15 6.28
CA LEU E 111 -4.19 -14.97 4.89
C LEU E 111 -3.66 -13.65 4.37
N ASN E 112 -2.96 -13.70 3.24
CA ASN E 112 -2.53 -12.49 2.59
C ASN E 112 -3.73 -11.70 2.08
N ASP E 113 -3.73 -10.40 2.37
CA ASP E 113 -4.86 -9.53 2.04
C ASP E 113 -6.14 -10.12 2.65
N TYR E 114 -6.14 -10.11 3.98
CA TYR E 114 -7.23 -10.70 4.74
C TYR E 114 -8.31 -9.69 5.11
N GLU E 115 -7.93 -8.43 5.34
CA GLU E 115 -8.91 -7.42 5.75
C GLU E 115 -9.94 -7.19 4.66
N GLU E 116 -9.51 -7.09 3.40
CA GLU E 116 -10.46 -6.89 2.31
C GLU E 116 -11.40 -8.07 2.18
N LEU E 117 -10.93 -9.28 2.48
CA LEU E 117 -11.79 -10.46 2.42
C LEU E 117 -12.96 -10.37 3.39
N LYS E 118 -12.87 -9.52 4.41
CA LYS E 118 -13.99 -9.31 5.31
C LYS E 118 -14.95 -8.23 4.82
N HIS E 119 -14.44 -7.22 4.11
CA HIS E 119 -15.33 -6.21 3.53
C HIS E 119 -16.27 -6.83 2.52
N MET E 120 -15.72 -7.56 1.56
CA MET E 120 -16.54 -8.45 0.75
C MET E 120 -16.99 -9.62 1.61
N LEU E 121 -18.07 -10.28 1.20
CA LEU E 121 -18.73 -11.39 1.86
C LEU E 121 -19.58 -10.91 3.03
N SER E 122 -19.53 -9.62 3.39
CA SER E 122 -20.49 -9.09 4.34
C SER E 122 -21.91 -9.21 3.80
N ARG E 123 -22.09 -8.90 2.52
CA ARG E 123 -23.34 -9.15 1.81
C ARG E 123 -23.06 -10.15 0.71
N ILE E 124 -23.73 -11.31 0.76
CA ILE E 124 -23.36 -12.41 -0.11
C ILE E 124 -24.60 -13.00 -0.78
N ASN E 125 -25.77 -12.65 -0.28
CA ASN E 125 -27.04 -13.27 -0.68
C ASN E 125 -26.93 -14.76 -0.34
N HIS E 126 -27.03 -15.66 -1.29
CA HIS E 126 -26.97 -17.09 -1.01
C HIS E 126 -25.55 -17.60 -1.24
N PHE E 127 -25.01 -18.32 -0.26
CA PHE E 127 -23.64 -18.81 -0.28
C PHE E 127 -23.67 -20.32 -0.51
N GLU E 128 -23.64 -20.71 -1.78
CA GLU E 128 -23.74 -22.11 -2.14
C GLU E 128 -22.37 -22.72 -2.38
N LYS E 129 -22.17 -23.92 -1.87
CA LYS E 129 -20.91 -24.64 -2.00
C LYS E 129 -20.98 -25.61 -3.17
N ILE E 130 -20.01 -25.51 -4.08
CA ILE E 130 -19.95 -26.35 -5.27
C ILE E 130 -18.59 -27.01 -5.34
N GLN E 131 -18.56 -28.30 -5.62
CA GLN E 131 -17.30 -29.02 -5.84
C GLN E 131 -16.93 -28.89 -7.31
N ILE E 132 -16.09 -27.91 -7.61
CA ILE E 132 -15.66 -27.69 -8.98
C ILE E 132 -14.72 -28.81 -9.44
N ILE E 133 -13.81 -29.23 -8.57
CA ILE E 133 -12.79 -30.20 -8.91
C ILE E 133 -13.01 -31.46 -8.07
N PRO E 134 -13.18 -32.62 -8.68
CA PRO E 134 -13.31 -33.86 -7.90
C PRO E 134 -11.98 -34.30 -7.33
N LYS E 135 -12.09 -35.14 -6.29
CA LYS E 135 -10.88 -35.65 -5.63
C LYS E 135 -10.11 -36.62 -6.52
N SER E 136 -10.82 -37.37 -7.37
CA SER E 136 -10.18 -38.37 -8.21
C SER E 136 -9.31 -37.75 -9.31
N SER E 137 -9.39 -36.45 -9.51
CA SER E 137 -8.66 -35.76 -10.57
C SER E 137 -7.15 -35.71 -10.33
N TRP E 138 -6.61 -36.37 -9.31
CA TRP E 138 -5.18 -36.35 -9.02
C TRP E 138 -4.69 -37.78 -8.84
N PRO E 139 -4.56 -38.52 -9.94
CA PRO E 139 -4.18 -39.94 -9.83
C PRO E 139 -2.69 -40.14 -9.55
N ASN E 140 -1.88 -39.17 -9.96
CA ASN E 140 -0.43 -39.30 -9.85
C ASN E 140 0.14 -38.68 -8.58
N HIS E 141 -0.72 -38.21 -7.68
CA HIS E 141 -0.29 -37.52 -6.48
C HIS E 141 -1.00 -38.10 -5.26
N GLU E 142 -0.31 -38.07 -4.13
CA GLU E 142 -0.86 -38.61 -2.90
C GLU E 142 -1.80 -37.62 -2.23
N THR E 143 -2.74 -38.15 -1.45
CA THR E 143 -3.68 -37.34 -0.69
C THR E 143 -3.87 -37.79 0.75
N SER E 144 -3.58 -39.05 1.07
CA SER E 144 -3.92 -39.58 2.40
C SER E 144 -3.05 -38.96 3.49
N LEU E 145 -1.74 -38.83 3.24
CA LEU E 145 -0.80 -38.42 4.27
C LEU E 145 -0.81 -36.93 4.55
N GLY E 146 -1.80 -36.19 4.06
CA GLY E 146 -1.85 -34.77 4.30
C GLY E 146 -2.57 -34.40 5.58
N VAL E 147 -2.03 -34.79 6.72
CA VAL E 147 -2.63 -34.52 8.02
C VAL E 147 -1.58 -33.89 8.92
N SER E 148 -2.02 -32.95 9.76
CA SER E 148 -1.15 -32.30 10.73
C SER E 148 -1.82 -32.38 12.10
N ALA E 149 -1.02 -32.66 13.12
CA ALA E 149 -1.53 -32.80 14.48
C ALA E 149 -1.74 -31.47 15.19
N ALA E 150 -1.66 -30.35 14.46
CA ALA E 150 -1.88 -29.05 15.08
C ALA E 150 -3.30 -28.92 15.62
N CYS E 151 -4.29 -29.36 14.84
CA CYS E 151 -5.69 -29.34 15.27
C CYS E 151 -6.28 -30.71 15.00
N PRO E 152 -6.07 -31.67 15.90
CA PRO E 152 -6.57 -33.03 15.68
C PRO E 152 -8.09 -33.08 15.82
N TYR E 153 -8.65 -34.17 15.31
CA TYR E 153 -10.10 -34.37 15.31
C TYR E 153 -10.41 -35.83 15.59
N GLN E 154 -11.30 -36.06 16.56
CA GLN E 154 -11.71 -37.40 16.95
C GLN E 154 -10.50 -38.25 17.39
N GLY E 155 -9.56 -37.61 18.06
CA GLY E 155 -8.40 -38.33 18.55
C GLY E 155 -7.38 -38.71 17.51
N ALA E 156 -7.50 -38.19 16.29
CA ALA E 156 -6.57 -38.49 15.23
C ALA E 156 -6.14 -37.22 14.52
N PRO E 157 -4.90 -37.18 14.02
CA PRO E 157 -4.47 -36.02 13.21
C PRO E 157 -5.33 -35.87 11.97
N SER E 158 -5.54 -34.64 11.56
CA SER E 158 -6.40 -34.35 10.43
C SER E 158 -5.87 -33.09 9.74
N PHE E 159 -6.71 -32.49 8.90
CA PHE E 159 -6.35 -31.29 8.17
C PHE E 159 -7.63 -30.60 7.72
N PHE E 160 -7.48 -29.43 7.11
CA PHE E 160 -8.62 -28.75 6.53
C PHE E 160 -9.25 -29.60 5.45
N ARG E 161 -10.58 -29.70 5.47
CA ARG E 161 -11.30 -30.52 4.51
C ARG E 161 -11.69 -29.77 3.25
N ASN E 162 -11.45 -28.46 3.19
CA ASN E 162 -11.75 -27.68 2.00
C ASN E 162 -10.59 -27.59 1.02
N VAL E 163 -9.41 -28.09 1.41
CA VAL E 163 -8.23 -28.06 0.55
C VAL E 163 -7.52 -29.40 0.68
N VAL E 164 -6.59 -29.64 -0.24
CA VAL E 164 -5.82 -30.88 -0.25
C VAL E 164 -4.34 -30.53 -0.27
N TRP E 165 -3.60 -31.12 0.66
CA TRP E 165 -2.15 -30.94 0.76
C TRP E 165 -1.49 -32.01 -0.10
N LEU E 166 -1.13 -31.65 -1.32
CA LEU E 166 -0.44 -32.59 -2.20
C LEU E 166 0.95 -32.88 -1.67
N ILE E 167 1.32 -34.16 -1.62
CA ILE E 167 2.61 -34.59 -1.12
C ILE E 167 3.21 -35.56 -2.12
N LYS E 168 4.51 -35.78 -2.00
CA LYS E 168 5.22 -36.71 -2.88
C LYS E 168 4.58 -38.08 -2.83
N LYS E 169 4.35 -38.65 -4.01
CA LYS E 169 3.63 -39.91 -4.15
C LYS E 169 4.59 -41.09 -4.30
N ASN E 170 5.46 -41.02 -5.31
CA ASN E 170 6.38 -42.10 -5.65
C ASN E 170 7.78 -41.54 -5.86
N ASP E 171 8.26 -40.78 -4.87
CA ASP E 171 9.47 -39.96 -4.93
C ASP E 171 9.58 -39.25 -6.27
N ALA E 172 8.45 -38.72 -6.74
CA ALA E 172 8.40 -37.93 -7.96
C ALA E 172 7.24 -36.94 -7.82
N TYR E 173 7.30 -35.88 -8.61
CA TYR E 173 6.31 -34.81 -8.54
C TYR E 173 6.01 -34.29 -9.94
N PRO E 174 5.05 -34.89 -10.64
CA PRO E 174 4.65 -34.36 -11.94
C PRO E 174 4.09 -32.96 -11.81
N THR E 175 4.35 -32.15 -12.84
CA THR E 175 3.86 -30.79 -12.85
C THR E 175 2.34 -30.75 -12.98
N ILE E 176 1.70 -29.94 -12.17
CA ILE E 176 0.24 -29.82 -12.18
C ILE E 176 -0.14 -28.73 -13.18
N LYS E 177 -1.05 -29.07 -14.10
CA LYS E 177 -1.47 -28.15 -15.14
C LYS E 177 -2.98 -28.19 -15.30
N ILE E 178 -3.71 -28.22 -14.18
CA ILE E 178 -5.16 -28.24 -14.26
C ILE E 178 -5.68 -26.90 -14.76
N SER E 179 -6.92 -26.92 -15.24
CA SER E 179 -7.57 -25.71 -15.74
C SER E 179 -9.07 -25.84 -15.54
N TYR E 180 -9.74 -24.69 -15.52
CA TYR E 180 -11.18 -24.65 -15.40
C TYR E 180 -11.74 -23.63 -16.37
N ASN E 181 -12.99 -23.84 -16.80
CA ASN E 181 -13.62 -22.99 -17.78
C ASN E 181 -14.76 -22.14 -17.24
N ASN E 182 -15.29 -22.47 -16.06
CA ASN E 182 -16.40 -21.75 -15.46
C ASN E 182 -17.60 -21.72 -16.39
N THR E 183 -18.14 -22.91 -16.65
CA THR E 183 -19.30 -23.04 -17.54
C THR E 183 -20.59 -22.52 -16.91
N ASN E 184 -20.59 -22.20 -15.62
CA ASN E 184 -21.79 -21.72 -14.95
C ASN E 184 -22.01 -20.25 -15.30
N ARG E 185 -22.99 -19.63 -14.63
CA ARG E 185 -23.36 -18.25 -14.93
C ARG E 185 -23.24 -17.34 -13.71
N GLU E 186 -22.41 -17.72 -12.74
CA GLU E 186 -22.21 -16.92 -11.54
C GLU E 186 -20.72 -16.83 -11.24
N ASP E 187 -20.35 -15.80 -10.48
CA ASP E 187 -18.97 -15.63 -10.07
C ASP E 187 -18.57 -16.72 -9.08
N LEU E 188 -17.27 -17.02 -9.06
CA LEU E 188 -16.74 -18.06 -8.19
C LEU E 188 -15.58 -17.52 -7.38
N LEU E 189 -15.45 -18.04 -6.16
CA LEU E 189 -14.38 -17.68 -5.25
C LEU E 189 -13.50 -18.90 -5.01
N ILE E 190 -12.20 -18.75 -5.25
CA ILE E 190 -11.26 -19.86 -5.16
C ILE E 190 -10.23 -19.55 -4.10
N LEU E 191 -9.62 -20.60 -3.55
CA LEU E 191 -8.58 -20.46 -2.55
C LEU E 191 -7.46 -21.44 -2.83
N TRP E 192 -6.22 -20.99 -2.63
CA TRP E 192 -5.06 -21.85 -2.76
C TRP E 192 -3.95 -21.31 -1.88
N GLY E 193 -2.99 -22.17 -1.55
CA GLY E 193 -1.97 -21.81 -0.58
C GLY E 193 -0.60 -22.28 -1.01
N ILE E 194 0.40 -21.69 -0.39
CA ILE E 194 1.80 -22.03 -0.59
C ILE E 194 2.44 -22.31 0.76
N HIS E 195 3.19 -23.40 0.86
CA HIS E 195 3.74 -23.85 2.12
C HIS E 195 5.19 -23.41 2.29
N HIS E 196 5.53 -22.95 3.48
CA HIS E 196 6.89 -22.59 3.85
C HIS E 196 7.48 -23.70 4.71
N SER E 197 8.64 -24.20 4.31
CA SER E 197 9.28 -25.26 5.07
C SER E 197 10.10 -24.68 6.23
N ASN E 198 10.34 -25.52 7.24
CA ASN E 198 11.12 -25.08 8.39
C ASN E 198 12.60 -24.96 8.05
N ASN E 199 13.12 -25.88 7.26
CA ASN E 199 14.53 -25.90 6.92
C ASN E 199 14.72 -26.70 5.63
N ALA E 200 15.97 -26.93 5.25
CA ALA E 200 16.25 -27.61 4.00
C ALA E 200 15.79 -29.06 4.01
N GLU E 201 15.97 -29.74 5.15
CA GLU E 201 15.65 -31.17 5.22
C GLU E 201 14.16 -31.41 5.02
N GLU E 202 13.31 -30.55 5.59
CA GLU E 202 11.87 -30.71 5.40
C GLU E 202 11.50 -30.56 3.93
N GLN E 203 12.09 -29.57 3.26
CA GLN E 203 11.82 -29.40 1.83
C GLN E 203 12.37 -30.55 1.01
N THR E 204 13.47 -31.16 1.47
CA THR E 204 14.14 -32.18 0.67
C THR E 204 13.30 -33.45 0.54
N ASN E 205 12.69 -33.90 1.64
CA ASN E 205 12.00 -35.19 1.63
C ASN E 205 10.52 -35.07 1.30
N LEU E 206 9.87 -33.95 1.64
CA LEU E 206 8.47 -33.78 1.31
C LEU E 206 8.25 -33.55 -0.19
N TYR E 207 9.14 -32.80 -0.82
CA TYR E 207 9.06 -32.52 -2.24
C TYR E 207 10.41 -32.80 -2.89
N LYS E 208 10.37 -33.29 -4.13
CA LYS E 208 11.61 -33.68 -4.79
C LYS E 208 12.44 -32.48 -5.21
N ASN E 209 11.80 -31.41 -5.68
CA ASN E 209 12.57 -30.29 -6.20
C ASN E 209 13.12 -29.43 -5.06
N PRO E 210 14.43 -29.20 -5.04
CA PRO E 210 14.98 -28.29 -4.01
C PRO E 210 14.48 -26.87 -4.14
N ILE E 211 14.25 -26.40 -5.36
CA ILE E 211 13.73 -25.06 -5.61
C ILE E 211 12.42 -25.20 -6.36
N THR E 212 11.38 -24.52 -5.88
CA THR E 212 10.05 -24.65 -6.44
C THR E 212 9.44 -23.27 -6.65
N TYR E 213 8.41 -23.24 -7.49
CA TYR E 213 7.64 -22.03 -7.72
C TYR E 213 6.23 -22.41 -8.13
N ILE E 214 5.31 -21.46 -7.97
CA ILE E 214 3.94 -21.62 -8.40
C ILE E 214 3.61 -20.50 -9.37
N SER E 215 2.80 -20.81 -10.39
CA SER E 215 2.41 -19.85 -11.39
C SER E 215 0.90 -19.84 -11.51
N VAL E 216 0.30 -18.65 -11.44
CA VAL E 216 -1.14 -18.48 -11.55
C VAL E 216 -1.40 -17.53 -12.71
N GLY E 217 -2.24 -17.95 -13.64
CA GLY E 217 -2.55 -17.15 -14.81
C GLY E 217 -4.04 -17.04 -15.04
N THR E 218 -4.48 -15.83 -15.37
CA THR E 218 -5.88 -15.57 -15.69
C THR E 218 -5.93 -14.31 -16.55
N SER E 219 -7.12 -13.75 -16.70
CA SER E 219 -7.29 -12.58 -17.55
C SER E 219 -6.57 -11.36 -16.99
N THR E 220 -6.78 -11.04 -15.72
CA THR E 220 -6.30 -9.78 -15.16
C THR E 220 -5.45 -10.01 -13.90
N LEU E 221 -4.59 -11.03 -13.91
CA LEU E 221 -3.74 -11.27 -12.76
C LEU E 221 -2.59 -12.19 -13.16
N ASN E 222 -1.38 -11.81 -12.74
CA ASN E 222 -0.20 -12.64 -12.89
C ASN E 222 0.46 -12.80 -11.53
N GLN E 223 0.99 -14.00 -11.28
CA GLN E 223 1.53 -14.30 -9.96
C GLN E 223 2.74 -15.21 -10.10
N ARG E 224 3.77 -14.91 -9.32
CA ARG E 224 4.94 -15.76 -9.20
C ARG E 224 5.40 -15.77 -7.75
N LEU E 225 5.71 -16.94 -7.23
CA LEU E 225 6.03 -17.08 -5.82
C LEU E 225 7.08 -18.17 -5.64
N ALA E 226 7.79 -18.09 -4.52
CA ALA E 226 8.81 -19.08 -4.17
C ALA E 226 8.77 -19.31 -2.68
N PRO E 227 9.16 -20.50 -2.22
CA PRO E 227 9.21 -20.73 -0.77
C PRO E 227 10.31 -19.94 -0.10
N LYS E 228 10.12 -19.65 1.18
CA LYS E 228 11.05 -18.84 1.98
C LYS E 228 11.60 -19.73 3.09
N ILE E 229 12.76 -20.33 2.84
CA ILE E 229 13.37 -21.24 3.80
C ILE E 229 14.26 -20.45 4.75
N ALA E 230 13.93 -20.47 6.04
CA ALA E 230 14.72 -19.78 7.04
C ALA E 230 14.36 -20.32 8.41
N THR E 231 15.30 -20.22 9.34
CA THR E 231 15.07 -20.65 10.71
C THR E 231 14.04 -19.73 11.38
N ARG E 232 13.21 -20.32 12.24
CA ARG E 232 12.15 -19.59 12.91
C ARG E 232 11.98 -20.14 14.32
N SER E 233 11.31 -19.35 15.16
CA SER E 233 11.06 -19.74 16.54
C SER E 233 9.74 -20.49 16.65
N GLN E 234 9.67 -21.36 17.66
CA GLN E 234 8.43 -22.08 17.94
C GLN E 234 7.37 -21.12 18.45
N VAL E 235 6.13 -21.31 17.97
CA VAL E 235 5.03 -20.45 18.39
C VAL E 235 3.87 -21.28 18.93
N ASN E 236 3.42 -22.27 18.16
CA ASN E 236 2.27 -23.07 18.55
C ASN E 236 2.46 -24.54 18.19
N GLY E 237 3.70 -25.02 18.20
CA GLY E 237 3.98 -26.37 17.77
C GLY E 237 4.98 -26.38 16.63
N GLN E 238 4.51 -26.74 15.43
CA GLN E 238 5.37 -26.69 14.26
C GLN E 238 5.83 -25.25 14.01
N ARG E 239 7.09 -25.11 13.61
CA ARG E 239 7.68 -23.79 13.39
C ARG E 239 7.39 -23.23 11.99
N GLY E 240 6.73 -24.00 11.13
CA GLY E 240 6.36 -23.52 9.82
C GLY E 240 5.15 -22.62 9.88
N ARG E 241 4.66 -22.24 8.70
CA ARG E 241 3.51 -21.35 8.61
C ARG E 241 2.86 -21.49 7.25
N MET E 242 1.63 -21.01 7.16
CA MET E 242 0.80 -21.14 5.97
C MET E 242 0.50 -19.76 5.40
N ASP E 243 0.40 -19.68 4.08
CA ASP E 243 0.02 -18.46 3.38
C ASP E 243 -1.04 -18.78 2.36
N PHE E 244 -2.14 -18.02 2.38
CA PHE E 244 -3.29 -18.29 1.52
C PHE E 244 -3.66 -17.03 0.76
N PHE E 245 -4.19 -17.23 -0.45
CA PHE E 245 -4.64 -16.14 -1.31
C PHE E 245 -6.05 -16.45 -1.79
N TRP E 246 -6.63 -15.48 -2.50
CA TRP E 246 -7.97 -15.66 -3.04
C TRP E 246 -8.13 -14.78 -4.27
N THR E 247 -9.13 -15.11 -5.08
CA THR E 247 -9.39 -14.37 -6.31
C THR E 247 -10.85 -14.57 -6.71
N ILE E 248 -11.31 -13.70 -7.61
CA ILE E 248 -12.67 -13.75 -8.11
C ILE E 248 -12.62 -14.09 -9.60
N LEU E 249 -13.41 -15.06 -10.01
CA LEU E 249 -13.42 -15.54 -11.39
C LEU E 249 -14.67 -15.02 -12.11
N LYS E 250 -14.46 -14.49 -13.30
CA LYS E 250 -15.58 -13.99 -14.10
C LYS E 250 -16.41 -15.16 -14.65
N PRO E 251 -17.68 -14.92 -14.95
CA PRO E 251 -18.54 -16.03 -15.39
C PRO E 251 -18.06 -16.73 -16.66
N ASP E 252 -17.43 -16.02 -17.58
CA ASP E 252 -17.01 -16.59 -18.87
C ASP E 252 -15.52 -16.42 -19.08
N ASP E 253 -14.72 -16.72 -18.05
CA ASP E 253 -13.28 -16.60 -18.15
C ASP E 253 -12.62 -17.81 -17.49
N ALA E 254 -11.55 -18.29 -18.10
CA ALA E 254 -10.86 -19.48 -17.64
C ALA E 254 -9.72 -19.11 -16.70
N ILE E 255 -9.26 -20.12 -15.95
CA ILE E 255 -8.17 -19.96 -14.99
C ILE E 255 -7.20 -21.11 -15.20
N HIS E 256 -5.95 -20.89 -14.84
CA HIS E 256 -4.90 -21.89 -15.03
C HIS E 256 -3.99 -21.94 -13.82
N PHE E 257 -3.35 -23.09 -13.62
CA PHE E 257 -2.43 -23.30 -12.51
C PHE E 257 -1.20 -24.04 -12.99
N GLU E 258 -0.05 -23.66 -12.46
CA GLU E 258 1.20 -24.37 -12.67
C GLU E 258 1.98 -24.40 -11.37
N SER E 259 2.59 -25.55 -11.07
CA SER E 259 3.36 -25.68 -9.85
C SER E 259 4.38 -26.80 -10.02
N ASN E 260 5.39 -26.78 -9.15
CA ASN E 260 6.40 -27.83 -9.12
C ASN E 260 6.72 -28.29 -7.71
N GLY E 261 5.82 -28.07 -6.77
CA GLY E 261 6.00 -28.46 -5.38
C GLY E 261 5.42 -27.41 -4.45
N ASN E 262 5.22 -27.83 -3.20
CA ASN E 262 4.71 -26.96 -2.13
C ASN E 262 3.36 -26.35 -2.48
N PHE E 263 2.59 -27.00 -3.34
CA PHE E 263 1.31 -26.47 -3.78
C PHE E 263 0.17 -27.06 -2.97
N ILE E 264 -0.85 -26.24 -2.74
CA ILE E 264 -2.08 -26.66 -2.08
C ILE E 264 -3.21 -26.49 -3.08
N ALA E 265 -3.92 -27.58 -3.37
CA ALA E 265 -4.95 -27.41 -4.39
C ALA E 265 -6.33 -27.39 -3.76
N PRO E 266 -7.25 -26.60 -4.32
CA PRO E 266 -8.61 -26.54 -3.78
C PRO E 266 -9.45 -27.73 -4.21
N GLU E 267 -10.50 -27.98 -3.43
CA GLU E 267 -11.46 -29.02 -3.73
C GLU E 267 -12.89 -28.51 -3.86
N TYR E 268 -13.16 -27.29 -3.41
CA TYR E 268 -14.51 -26.75 -3.46
C TYR E 268 -14.45 -25.27 -3.78
N ALA E 269 -15.51 -24.77 -4.40
CA ALA E 269 -15.65 -23.36 -4.71
C ALA E 269 -17.05 -22.91 -4.33
N TYR E 270 -17.19 -21.61 -4.10
CA TYR E 270 -18.44 -21.05 -3.61
C TYR E 270 -19.08 -20.20 -4.70
N LYS E 271 -20.36 -20.48 -4.98
CA LYS E 271 -21.08 -19.81 -6.05
C LYS E 271 -21.70 -18.51 -5.53
N ILE E 272 -20.83 -17.52 -5.32
CA ILE E 272 -21.30 -16.19 -4.98
C ILE E 272 -22.05 -15.59 -6.16
N VAL E 273 -22.91 -14.62 -5.87
CA VAL E 273 -23.75 -14.05 -6.92
C VAL E 273 -23.57 -12.54 -7.03
N LYS E 274 -23.63 -11.82 -5.91
CA LYS E 274 -23.56 -10.37 -5.94
C LYS E 274 -23.36 -9.86 -4.53
N LYS E 275 -23.46 -8.55 -4.35
CA LYS E 275 -23.36 -7.92 -3.04
C LYS E 275 -24.63 -8.15 -2.24
N ILE E 280 -20.28 -6.30 9.74
CA ILE E 280 -19.43 -7.08 10.62
C ILE E 280 -19.62 -6.65 12.08
N MET E 281 -19.83 -7.62 12.95
CA MET E 281 -20.08 -7.38 14.37
C MET E 281 -19.17 -8.30 15.16
N LYS E 282 -18.44 -7.73 16.12
CA LYS E 282 -17.38 -8.43 16.86
C LYS E 282 -17.67 -8.36 18.36
N SER E 283 -18.40 -9.35 18.86
CA SER E 283 -18.73 -9.48 20.27
C SER E 283 -19.39 -10.85 20.46
N GLY E 284 -19.84 -11.11 21.68
CA GLY E 284 -20.58 -12.33 21.95
C GLY E 284 -21.75 -12.10 22.89
N VAL E 285 -22.96 -12.41 22.42
CA VAL E 285 -24.19 -12.14 23.17
C VAL E 285 -25.22 -13.18 22.77
N GLU E 286 -25.99 -13.65 23.76
CA GLU E 286 -27.03 -14.63 23.51
C GLU E 286 -28.11 -14.07 22.61
N TYR E 287 -28.68 -14.95 21.79
CA TYR E 287 -29.76 -14.59 20.87
C TYR E 287 -30.94 -13.94 21.60
N ASN E 291 -37.55 -7.58 16.15
CA ASN E 291 -37.42 -7.26 14.74
C ASN E 291 -37.07 -5.80 14.54
N THR E 292 -35.80 -5.52 14.26
CA THR E 292 -35.32 -4.17 14.07
C THR E 292 -34.09 -4.19 13.17
N LYS E 293 -33.87 -3.08 12.47
CA LYS E 293 -32.75 -2.95 11.55
C LYS E 293 -31.49 -2.41 12.21
N CYS E 294 -31.56 -2.00 13.47
CA CYS E 294 -30.42 -1.43 14.17
C CYS E 294 -29.89 -2.45 15.18
N GLN E 295 -28.59 -2.70 15.11
CA GLN E 295 -27.95 -3.68 15.98
C GLN E 295 -26.62 -3.13 16.47
N THR E 296 -26.29 -3.41 17.72
CA THR E 296 -25.06 -2.99 18.37
C THR E 296 -24.45 -4.20 19.09
N PRO E 297 -23.13 -4.20 19.28
CA PRO E 297 -22.47 -5.40 19.84
C PRO E 297 -22.90 -5.78 21.25
N VAL E 298 -23.79 -5.00 21.88
CA VAL E 298 -24.27 -5.32 23.22
C VAL E 298 -25.77 -5.62 23.23
N GLY E 299 -26.51 -5.17 22.22
CA GLY E 299 -27.95 -5.42 22.19
C GLY E 299 -28.53 -5.04 20.85
N ALA E 300 -29.86 -5.06 20.79
CA ALA E 300 -30.59 -4.71 19.59
C ALA E 300 -31.40 -3.44 19.85
N ILE E 301 -31.26 -2.46 18.97
CA ILE E 301 -31.94 -1.18 19.11
C ILE E 301 -33.29 -1.29 18.42
N ASN E 302 -34.36 -1.26 19.22
CA ASN E 302 -35.71 -1.47 18.72
C ASN E 302 -36.37 -0.21 18.19
N SER E 303 -35.72 0.96 18.31
CA SER E 303 -36.31 2.21 17.87
C SER E 303 -35.36 2.93 16.92
N SER E 304 -35.92 3.45 15.83
CA SER E 304 -35.24 4.40 14.97
C SER E 304 -35.35 5.81 15.50
N MET E 305 -35.79 5.96 16.74
CA MET E 305 -36.00 7.27 17.34
C MET E 305 -34.67 8.02 17.37
N PRO E 306 -34.64 9.29 16.93
CA PRO E 306 -33.39 9.87 16.42
C PRO E 306 -32.22 9.92 17.39
N PHE E 307 -32.44 10.19 18.67
CA PHE E 307 -31.33 10.43 19.58
C PHE E 307 -31.22 9.35 20.64
N HIS E 308 -30.00 8.83 20.79
CA HIS E 308 -29.67 7.83 21.79
C HIS E 308 -28.23 8.03 22.19
N ASN E 309 -27.88 7.52 23.38
CA ASN E 309 -26.53 7.67 23.92
C ASN E 309 -25.88 6.33 24.24
N ILE E 310 -26.42 5.23 23.71
CA ILE E 310 -25.79 3.92 23.83
C ILE E 310 -24.62 3.88 22.85
N HIS E 311 -23.79 2.82 22.94
CA HIS E 311 -22.56 2.65 22.20
C HIS E 311 -22.67 3.15 20.77
N PRO E 312 -21.87 4.15 20.40
CA PRO E 312 -21.94 4.68 19.02
C PRO E 312 -21.59 3.67 17.96
N LEU E 313 -20.66 2.75 18.25
CA LEU E 313 -20.28 1.74 17.27
C LEU E 313 -21.45 0.82 16.99
N THR E 314 -22.06 0.97 15.82
CA THR E 314 -23.28 0.25 15.47
C THR E 314 -23.23 -0.16 14.01
N ILE E 315 -24.03 -1.17 13.68
CA ILE E 315 -24.25 -1.58 12.30
C ILE E 315 -25.66 -1.18 11.90
N GLY E 316 -25.88 -1.07 10.60
CA GLY E 316 -27.15 -0.60 10.11
C GLY E 316 -27.31 0.90 10.27
N GLU E 317 -28.56 1.34 10.26
CA GLU E 317 -28.88 2.75 10.35
C GLU E 317 -28.96 3.17 11.81
N CYS E 318 -27.89 3.79 12.32
CA CYS E 318 -27.88 4.35 13.66
C CYS E 318 -28.58 5.70 13.64
N PRO E 319 -29.59 5.91 14.50
CA PRO E 319 -30.33 7.19 14.44
C PRO E 319 -29.45 8.40 14.64
N LYS E 320 -28.80 8.51 15.80
CA LYS E 320 -27.78 9.52 16.13
C LYS E 320 -27.07 9.06 17.40
N TYR E 321 -25.94 9.69 17.67
CA TYR E 321 -25.18 9.45 18.89
C TYR E 321 -24.84 10.76 19.56
N VAL E 322 -24.89 10.77 20.89
CA VAL E 322 -24.63 11.97 21.67
C VAL E 322 -24.03 11.56 23.02
N LYS E 323 -23.09 12.37 23.50
CA LYS E 323 -22.47 12.16 24.81
C LYS E 323 -23.21 13.00 25.84
N SER E 324 -24.37 12.49 26.25
CA SER E 324 -25.22 13.19 27.21
C SER E 324 -26.15 12.18 27.86
N ASN E 325 -26.97 12.67 28.80
CA ASN E 325 -27.93 11.81 29.48
C ASN E 325 -29.32 12.41 29.61
N LYS E 326 -29.49 13.72 29.42
CA LYS E 326 -30.80 14.35 29.56
C LYS E 326 -31.06 15.24 28.37
N LEU E 327 -32.25 15.11 27.79
CA LEU E 327 -32.65 15.93 26.65
C LEU E 327 -34.16 15.85 26.52
N VAL E 328 -34.85 16.98 26.67
CA VAL E 328 -36.30 17.00 26.75
C VAL E 328 -36.81 18.31 26.16
N LEU E 329 -37.90 18.22 25.39
CA LEU E 329 -38.69 19.39 25.00
C LEU E 329 -40.12 19.18 25.49
N ALA E 330 -40.69 20.23 26.05
CA ALA E 330 -41.93 20.13 26.82
C ALA E 330 -43.08 20.85 26.14
N THR E 331 -44.21 20.16 26.04
CA THR E 331 -45.46 20.71 25.54
C THR E 331 -46.57 19.70 25.83
N GLY E 332 -47.81 20.11 25.56
CA GLY E 332 -48.93 19.20 25.70
C GLY E 332 -50.13 19.77 26.43
N LEU E 333 -49.92 20.83 27.21
CA LEU E 333 -50.99 21.41 28.03
C LEU E 333 -50.74 22.91 28.12
N ARG E 334 -51.33 23.54 29.14
CA ARG E 334 -51.23 24.95 29.49
C ARG E 334 -52.08 25.82 28.57
N ASN E 335 -52.77 25.24 27.56
CA ASN E 335 -53.26 26.04 26.38
C ASN E 335 -54.73 25.78 26.04
N THR F 41 -58.60 29.29 18.61
CA THR F 41 -57.27 29.13 19.16
C THR F 41 -57.21 27.93 20.10
N GLN F 42 -58.38 27.46 20.52
CA GLN F 42 -58.45 26.28 21.36
C GLN F 42 -57.87 25.09 20.63
N LYS F 43 -57.15 24.24 21.37
CA LYS F 43 -56.41 23.12 20.80
C LYS F 43 -55.40 23.64 19.76
N ALA F 44 -54.42 24.36 20.28
CA ALA F 44 -53.27 24.79 19.49
C ALA F 44 -52.10 23.84 19.58
N ILE F 45 -52.25 22.74 20.33
CA ILE F 45 -51.16 21.77 20.47
C ILE F 45 -50.86 21.12 19.13
N ASP F 46 -51.90 20.78 18.36
CA ASP F 46 -51.68 20.35 16.99
C ASP F 46 -51.11 21.53 16.21
N GLY F 47 -49.82 21.48 15.94
CA GLY F 47 -49.10 22.62 15.43
C GLY F 47 -47.82 22.80 16.21
N VAL F 48 -47.79 22.27 17.43
CA VAL F 48 -46.56 22.20 18.20
C VAL F 48 -46.08 20.77 18.38
N THR F 49 -46.96 19.77 18.29
CA THR F 49 -46.50 18.38 18.26
C THR F 49 -45.74 18.09 16.98
N ASN F 50 -46.13 18.75 15.88
CA ASN F 50 -45.39 18.59 14.63
C ASN F 50 -43.97 19.12 14.76
N LYS F 51 -43.75 20.12 15.63
CA LYS F 51 -42.40 20.58 15.89
C LYS F 51 -41.57 19.48 16.56
N VAL F 52 -42.19 18.72 17.47
CA VAL F 52 -41.54 17.53 17.99
C VAL F 52 -41.30 16.54 16.87
N ASN F 53 -42.24 16.45 15.92
CA ASN F 53 -42.00 15.65 14.73
C ASN F 53 -41.00 16.30 13.79
N SER F 54 -40.94 17.63 13.79
CA SER F 54 -40.09 18.35 12.85
C SER F 54 -38.62 18.03 13.03
N ILE F 55 -38.23 17.49 14.18
CA ILE F 55 -36.85 17.04 14.35
C ILE F 55 -36.71 15.55 14.04
N ILE F 56 -37.75 14.74 14.31
CA ILE F 56 -37.66 13.32 14.04
C ILE F 56 -37.76 13.04 12.55
N ASP F 57 -38.23 14.00 11.75
CA ASP F 57 -38.23 13.85 10.31
C ASP F 57 -37.00 14.53 9.73
N LYS F 58 -36.83 14.41 8.41
CA LYS F 58 -35.64 14.86 7.70
C LYS F 58 -34.41 14.12 8.22
N MET F 59 -33.69 14.73 9.16
CA MET F 59 -32.54 14.17 9.89
C MET F 59 -31.69 13.24 9.03
N ASN F 60 -31.44 13.64 7.78
CA ASN F 60 -30.59 12.89 6.86
C ASN F 60 -31.08 11.46 6.65
N THR F 61 -30.25 10.63 6.03
CA THR F 61 -30.55 9.23 5.81
C THR F 61 -29.23 8.51 5.54
N GLN F 62 -28.96 7.45 6.29
CA GLN F 62 -27.67 6.80 6.29
C GLN F 62 -27.74 5.45 5.58
N PHE F 63 -26.81 5.23 4.65
CA PHE F 63 -26.66 3.95 3.98
C PHE F 63 -25.88 2.99 4.87
N GLU F 64 -26.09 1.70 4.64
CA GLU F 64 -25.48 0.64 5.44
C GLU F 64 -23.97 0.81 5.53
N ALA F 65 -23.47 1.12 6.72
CA ALA F 65 -22.05 1.35 6.95
C ALA F 65 -21.62 0.59 8.19
N VAL F 66 -20.49 -0.11 8.09
CA VAL F 66 -19.95 -0.90 9.18
C VAL F 66 -18.51 -0.46 9.42
N GLY F 67 -18.19 -0.15 10.67
CA GLY F 67 -16.83 0.24 11.02
C GLY F 67 -15.84 -0.89 10.81
N ARG F 68 -15.01 -0.77 9.78
CA ARG F 68 -14.03 -1.79 9.46
C ARG F 68 -12.76 -1.59 10.27
N GLU F 69 -11.80 -2.50 10.10
CA GLU F 69 -10.53 -2.45 10.81
C GLU F 69 -9.40 -2.59 9.81
N PHE F 70 -8.17 -2.52 10.32
CA PHE F 70 -6.97 -2.61 9.48
C PHE F 70 -5.93 -3.43 10.25
N ASN F 71 -4.70 -3.42 9.73
CA ASN F 71 -3.59 -4.12 10.34
C ASN F 71 -2.69 -3.15 11.10
N ASN F 72 -1.77 -3.72 11.89
CA ASN F 72 -0.92 -2.90 12.74
C ASN F 72 0.09 -2.09 11.94
N LEU F 73 0.56 -2.61 10.80
CA LEU F 73 1.64 -1.99 10.06
C LEU F 73 1.19 -0.80 9.21
N GLU F 74 -0.01 -0.28 9.44
CA GLU F 74 -0.47 0.93 8.76
C GLU F 74 -1.20 1.86 9.71
N ARG F 75 -0.78 1.88 10.97
CA ARG F 75 -1.51 2.58 12.04
C ARG F 75 -1.87 4.01 11.69
N ARG F 76 -1.20 4.63 10.71
CA ARG F 76 -1.46 6.01 10.38
C ARG F 76 -2.91 6.22 9.93
N ILE F 77 -3.42 5.32 9.10
CA ILE F 77 -4.79 5.49 8.61
C ILE F 77 -5.80 5.29 9.75
N GLU F 78 -5.50 4.42 10.70
CA GLU F 78 -6.36 4.30 11.87
C GLU F 78 -6.41 5.61 12.64
N ASN F 79 -5.26 6.27 12.79
CA ASN F 79 -5.25 7.61 13.38
C ASN F 79 -6.11 8.56 12.57
N LEU F 80 -6.01 8.47 11.24
CA LEU F 80 -6.96 9.20 10.39
C LEU F 80 -8.38 8.73 10.66
N ASN F 81 -8.59 7.41 10.67
CA ASN F 81 -9.93 6.89 10.87
C ASN F 81 -10.53 7.35 12.19
N LYS F 82 -9.69 7.56 13.20
CA LYS F 82 -10.17 8.12 14.45
C LYS F 82 -10.52 9.59 14.29
N LYS F 83 -9.95 10.26 13.29
CA LYS F 83 -10.06 11.72 13.24
C LYS F 83 -11.46 12.18 12.86
N MET F 84 -12.08 11.59 11.83
CA MET F 84 -13.41 12.09 11.50
C MET F 84 -14.48 11.54 12.42
N GLU F 85 -14.30 10.32 12.94
CA GLU F 85 -15.34 9.73 13.77
C GLU F 85 -15.58 10.55 15.03
N ASP F 86 -14.50 11.01 15.68
CA ASP F 86 -14.69 11.94 16.78
C ASP F 86 -14.99 13.35 16.28
N GLY F 87 -14.46 13.72 15.12
CA GLY F 87 -14.81 14.99 14.53
C GLY F 87 -16.29 15.07 14.17
N PHE F 88 -16.84 13.98 13.63
CA PHE F 88 -18.26 13.96 13.30
C PHE F 88 -19.10 14.08 14.56
N LEU F 89 -18.81 13.26 15.58
CA LEU F 89 -19.63 13.31 16.78
C LEU F 89 -19.44 14.61 17.54
N ASP F 90 -18.27 15.26 17.38
CA ASP F 90 -18.04 16.53 18.04
C ASP F 90 -19.02 17.58 17.57
N VAL F 91 -19.14 17.76 16.25
CA VAL F 91 -20.15 18.68 15.72
C VAL F 91 -21.54 18.11 15.96
N TRP F 92 -21.69 16.79 15.87
CA TRP F 92 -22.98 16.18 16.21
C TRP F 92 -23.36 16.46 17.65
N THR F 93 -22.42 16.30 18.58
CA THR F 93 -22.67 16.66 19.97
C THR F 93 -22.55 18.16 20.20
N TYR F 94 -21.94 18.90 19.26
CA TYR F 94 -22.10 20.34 19.28
C TYR F 94 -23.42 20.76 18.67
N ASN F 95 -23.91 20.01 17.68
CA ASN F 95 -25.30 20.18 17.27
C ASN F 95 -26.24 19.79 18.40
N ALA F 96 -26.07 18.58 18.93
CA ALA F 96 -26.84 18.17 20.09
C ALA F 96 -26.55 19.10 21.27
N GLU F 97 -27.57 19.30 22.11
CA GLU F 97 -27.46 20.12 23.31
C GLU F 97 -27.29 21.60 22.95
N LEU F 98 -27.13 21.90 21.65
CA LEU F 98 -27.13 23.29 21.19
C LEU F 98 -28.25 23.56 20.20
N LEU F 99 -28.31 22.90 19.04
CA LEU F 99 -29.41 23.25 18.15
C LEU F 99 -30.72 22.72 18.70
N VAL F 100 -30.67 21.58 19.40
CA VAL F 100 -31.77 21.13 20.22
C VAL F 100 -32.12 22.12 21.31
N LEU F 101 -31.21 23.05 21.62
CA LEU F 101 -31.38 23.87 22.81
C LEU F 101 -32.18 25.15 22.55
N MET F 102 -31.92 25.88 21.46
CA MET F 102 -32.80 27.04 21.27
C MET F 102 -34.16 26.66 20.73
N GLU F 103 -34.34 25.47 20.13
CA GLU F 103 -35.71 25.04 19.92
C GLU F 103 -36.39 24.78 21.25
N ASN F 104 -35.66 24.21 22.21
CA ASN F 104 -36.17 24.13 23.58
C ASN F 104 -36.40 25.53 24.15
N GLU F 105 -35.46 26.44 23.92
CA GLU F 105 -35.71 27.84 24.27
C GLU F 105 -36.85 28.41 23.45
N ARG F 106 -36.90 28.11 22.15
CA ARG F 106 -38.05 28.52 21.35
C ARG F 106 -39.32 27.87 21.88
N THR F 107 -39.23 26.61 22.30
CA THR F 107 -40.40 25.93 22.85
C THR F 107 -41.00 26.72 24.00
N LEU F 108 -40.16 27.12 24.97
CA LEU F 108 -40.67 27.98 26.03
C LEU F 108 -40.94 29.38 25.51
N ASP F 109 -40.11 29.88 24.58
CA ASP F 109 -40.38 31.19 23.98
C ASP F 109 -41.69 31.18 23.22
N PHE F 110 -41.94 30.13 22.45
CA PHE F 110 -43.24 30.01 21.79
C PHE F 110 -44.35 29.84 22.83
N HIS F 111 -44.06 29.09 23.90
CA HIS F 111 -45.07 28.86 24.92
C HIS F 111 -45.44 30.15 25.63
N ASP F 112 -44.45 30.91 26.10
CA ASP F 112 -44.76 32.14 26.82
C ASP F 112 -45.37 33.18 25.89
N SER F 113 -44.83 33.31 24.69
CA SER F 113 -45.43 34.22 23.70
C SER F 113 -46.85 33.81 23.37
N ASN F 114 -47.15 32.50 23.47
CA ASN F 114 -48.53 32.05 23.29
C ASN F 114 -49.44 32.64 24.36
N VAL F 115 -48.95 32.73 25.60
CA VAL F 115 -49.77 33.27 26.68
C VAL F 115 -50.18 34.71 26.37
N LYS F 116 -49.22 35.53 25.94
CA LYS F 116 -49.55 36.89 25.55
C LYS F 116 -50.41 36.94 24.29
N ASN F 117 -50.44 35.85 23.52
CA ASN F 117 -51.32 35.82 22.35
C ASN F 117 -52.79 35.80 22.77
N LEU F 118 -53.08 35.39 24.00
CA LEU F 118 -54.43 35.57 24.54
C LEU F 118 -54.52 36.77 25.47
N TYR F 119 -53.39 37.26 26.00
CA TYR F 119 -53.44 38.42 26.89
C TYR F 119 -53.91 39.65 26.15
N ASP F 120 -53.56 39.77 24.87
CA ASP F 120 -54.16 40.81 24.04
C ASP F 120 -55.56 40.42 23.57
N LYS F 121 -55.89 39.13 23.61
CA LYS F 121 -57.20 38.70 23.12
C LYS F 121 -58.32 39.08 24.09
N VAL F 122 -58.01 39.20 25.38
CA VAL F 122 -59.02 39.68 26.32
C VAL F 122 -59.16 41.19 26.22
N ARG F 123 -58.10 41.87 25.78
CA ARG F 123 -58.11 43.33 25.73
C ARG F 123 -59.17 43.85 24.76
N LEU F 124 -59.32 43.19 23.60
CA LEU F 124 -60.03 43.81 22.48
C LEU F 124 -61.46 44.21 22.85
N GLN F 125 -62.06 43.54 23.84
CA GLN F 125 -63.40 43.93 24.28
C GLN F 125 -63.37 44.94 25.41
N LEU F 126 -62.25 45.08 26.11
CA LEU F 126 -62.14 46.04 27.21
C LEU F 126 -62.08 47.47 26.69
N VAL G 2 52.98 8.87 15.02
CA VAL G 2 53.24 9.34 13.66
C VAL G 2 54.73 9.51 13.43
N GLN G 3 55.36 8.44 12.93
CA GLN G 3 56.79 8.40 12.66
C GLN G 3 57.04 7.81 11.27
N LEU G 4 56.33 8.34 10.28
CA LEU G 4 56.38 7.80 8.92
C LEU G 4 57.82 7.73 8.42
N VAL G 5 58.10 6.67 7.66
CA VAL G 5 59.43 6.42 7.10
C VAL G 5 59.32 6.39 5.59
N GLU G 6 60.26 7.07 4.93
CA GLU G 6 60.31 7.18 3.48
C GLU G 6 61.51 6.40 2.95
N SER G 7 61.67 6.40 1.63
CA SER G 7 62.76 5.68 1.00
C SER G 7 62.98 6.24 -0.40
N GLY G 8 64.15 5.93 -0.96
CA GLY G 8 64.47 6.31 -2.32
C GLY G 8 64.98 7.72 -2.45
N GLY G 9 65.23 8.10 -3.70
CA GLY G 9 65.70 9.43 -4.03
C GLY G 9 67.09 9.41 -4.65
N GLY G 10 67.43 10.51 -5.31
CA GLY G 10 68.73 10.65 -5.91
C GLY G 10 68.74 11.40 -7.23
N LEU G 11 69.75 11.10 -8.05
CA LEU G 11 69.96 11.77 -9.33
C LEU G 11 69.72 10.78 -10.47
N VAL G 12 69.03 11.24 -11.51
CA VAL G 12 68.74 10.42 -12.68
C VAL G 12 68.80 11.31 -13.91
N LYS G 13 69.07 10.68 -15.06
CA LYS G 13 69.11 11.42 -16.31
C LYS G 13 67.69 11.81 -16.74
N PRO G 14 67.55 12.89 -17.52
CA PRO G 14 66.22 13.29 -17.99
C PRO G 14 65.59 12.19 -18.82
N GLY G 15 64.28 12.04 -18.67
CA GLY G 15 63.54 11.02 -19.40
C GLY G 15 63.68 9.61 -18.86
N GLY G 16 64.25 9.44 -17.68
CA GLY G 16 64.44 8.14 -17.09
C GLY G 16 63.29 7.71 -16.23
N SER G 17 63.57 6.83 -15.27
CA SER G 17 62.56 6.31 -14.38
C SER G 17 63.19 5.98 -13.03
N LEU G 18 62.38 6.08 -11.98
CA LEU G 18 62.81 5.80 -10.61
C LEU G 18 61.55 5.69 -9.76
N ARG G 19 61.71 5.17 -8.55
CA ARG G 19 60.59 4.96 -7.65
C ARG G 19 60.92 5.44 -6.24
N LEU G 20 59.90 5.96 -5.56
CA LEU G 20 59.94 6.21 -4.12
C LEU G 20 58.91 5.34 -3.44
N SER G 21 59.03 5.24 -2.12
CA SER G 21 58.07 4.50 -1.31
C SER G 21 58.00 5.16 0.06
N CYS G 22 56.89 4.91 0.76
CA CYS G 22 56.68 5.51 2.07
C CYS G 22 55.91 4.53 2.95
N GLU G 23 56.26 4.52 4.23
CA GLU G 23 55.63 3.63 5.21
C GLU G 23 55.45 4.39 6.51
N ALA G 24 54.51 3.91 7.33
CA ALA G 24 54.24 4.53 8.61
C ALA G 24 53.70 3.47 9.57
N SER G 25 53.83 3.75 10.86
CA SER G 25 53.39 2.81 11.88
C SER G 25 52.67 3.45 13.06
N GLY G 26 52.54 4.77 13.10
CA GLY G 26 51.91 5.43 14.22
C GLY G 26 50.41 5.43 14.24
N PHE G 27 49.78 4.87 13.20
CA PHE G 27 48.33 4.85 13.09
C PHE G 27 47.92 3.73 12.17
N ILE G 28 46.65 3.36 12.23
CA ILE G 28 46.12 2.37 11.29
C ILE G 28 46.02 3.01 9.92
N PHE G 29 46.24 2.20 8.87
CA PHE G 29 46.38 2.72 7.52
C PHE G 29 45.09 2.67 6.71
N SER G 30 44.06 2.02 7.22
CA SER G 30 42.83 1.83 6.45
C SER G 30 41.88 3.02 6.53
N ASN G 31 42.16 4.01 7.38
CA ASN G 31 41.26 5.15 7.54
C ASN G 31 41.96 6.48 7.25
N ALA G 32 43.10 6.46 6.59
CA ALA G 32 43.92 7.66 6.40
C ALA G 32 43.88 8.08 4.93
N TRP G 33 43.41 9.30 4.68
CA TRP G 33 43.56 9.89 3.36
C TRP G 33 45.01 10.25 3.12
N MET G 34 45.50 9.97 1.91
CA MET G 34 46.90 10.12 1.60
C MET G 34 47.08 11.10 0.44
N SER G 35 48.14 11.89 0.51
CA SER G 35 48.45 12.84 -0.54
C SER G 35 49.96 13.01 -0.63
N TRP G 36 50.40 13.60 -1.74
CA TRP G 36 51.80 13.74 -2.05
C TRP G 36 52.05 15.14 -2.59
N VAL G 37 53.00 15.86 -2.01
CA VAL G 37 53.21 17.27 -2.34
C VAL G 37 54.68 17.48 -2.69
N ARG G 38 54.92 18.56 -3.44
CA ARG G 38 56.26 18.93 -3.89
C ARG G 38 56.59 20.34 -3.43
N GLN G 39 57.79 20.51 -2.90
CA GLN G 39 58.29 21.81 -2.47
C GLN G 39 59.42 22.23 -3.41
N ALA G 40 59.29 23.42 -3.99
CA ALA G 40 60.31 23.95 -4.88
C ALA G 40 60.95 25.20 -4.29
N PRO G 41 62.22 25.44 -4.58
CA PRO G 41 62.87 26.66 -4.07
C PRO G 41 62.19 27.91 -4.60
N GLY G 42 62.11 28.92 -3.73
CA GLY G 42 61.51 30.19 -4.11
C GLY G 42 59.99 30.18 -4.09
N LYS G 43 59.38 29.36 -4.94
CA LYS G 43 57.93 29.33 -5.03
C LYS G 43 57.32 28.67 -3.80
N GLY G 44 57.63 27.39 -3.56
CA GLY G 44 57.15 26.68 -2.40
C GLY G 44 56.39 25.42 -2.79
N LEU G 45 55.24 25.22 -2.15
CA LEU G 45 54.46 24.01 -2.28
C LEU G 45 53.72 23.97 -3.61
N GLU G 46 53.37 22.76 -4.04
CA GLU G 46 52.53 22.56 -5.22
C GLU G 46 51.89 21.18 -5.16
N TRP G 47 50.62 21.11 -5.51
CA TRP G 47 49.87 19.87 -5.39
C TRP G 47 50.29 18.87 -6.48
N VAL G 48 50.34 17.60 -6.11
CA VAL G 48 50.69 16.55 -7.06
C VAL G 48 49.54 15.58 -7.23
N GLY G 49 48.74 15.37 -6.18
CA GLY G 49 47.63 14.45 -6.27
C GLY G 49 47.12 14.06 -4.90
N ARG G 50 46.13 13.17 -4.92
CA ARG G 50 45.49 12.68 -3.70
C ARG G 50 44.87 11.32 -3.99
N ILE G 51 44.92 10.42 -3.01
CA ILE G 51 44.46 9.04 -3.16
C ILE G 51 43.26 8.82 -2.25
N LYS G 52 42.32 8.01 -2.72
CA LYS G 52 41.11 7.69 -1.98
C LYS G 52 41.35 6.49 -1.07
N ILE G 53 40.28 5.94 -0.52
CA ILE G 53 40.32 4.72 0.28
C ILE G 53 39.44 3.68 -0.40
N GLN G 54 39.86 2.41 -0.32
CA GLN G 54 39.17 1.34 -1.03
C GLN G 54 37.70 1.24 -0.64
N THR G 55 37.36 1.49 0.63
CA THR G 55 35.98 1.42 1.05
C THR G 55 35.12 2.46 0.35
N ASP G 56 35.71 3.60 -0.02
CA ASP G 56 34.99 4.67 -0.68
C ASP G 56 35.24 4.72 -2.19
N GLY G 57 35.87 3.68 -2.75
CA GLY G 57 36.17 3.68 -4.17
C GLY G 57 37.18 4.76 -4.53
N GLY G 58 36.87 5.52 -5.56
CA GLY G 58 37.71 6.63 -5.98
C GLY G 58 38.89 6.19 -6.82
N THR G 59 39.63 7.19 -7.31
CA THR G 59 40.78 6.96 -8.16
C THR G 59 41.76 8.11 -8.02
N ALA G 60 42.97 7.89 -8.52
CA ALA G 60 44.04 8.89 -8.43
C ALA G 60 43.81 9.96 -9.47
N ASP G 61 43.47 11.17 -9.03
CA ASP G 61 43.27 12.32 -9.91
C ASP G 61 44.51 13.21 -9.83
N TYR G 62 45.37 13.12 -10.84
CA TYR G 62 46.60 13.89 -10.86
C TYR G 62 46.32 15.34 -11.23
N ALA G 63 47.33 16.19 -11.01
CA ALA G 63 47.23 17.58 -11.39
C ALA G 63 47.34 17.74 -12.91
N ALA G 64 46.83 18.86 -13.41
CA ALA G 64 46.86 19.10 -14.85
C ALA G 64 48.27 19.17 -15.42
N PRO G 65 49.21 19.93 -14.87
CA PRO G 65 50.58 19.93 -15.45
C PRO G 65 51.26 18.58 -15.36
N VAL G 66 50.85 17.71 -14.43
CA VAL G 66 51.50 16.42 -14.23
C VAL G 66 50.70 15.27 -14.83
N LYS G 67 49.54 15.55 -15.41
CA LYS G 67 48.66 14.50 -15.90
C LYS G 67 49.31 13.74 -17.06
N GLY G 68 49.06 12.44 -17.10
CA GLY G 68 49.49 11.59 -18.18
C GLY G 68 50.86 10.96 -18.02
N ARG G 69 51.61 11.31 -16.98
CA ARG G 69 52.95 10.78 -16.78
C ARG G 69 53.12 10.13 -15.42
N PHE G 70 52.40 10.59 -14.40
CA PHE G 70 52.57 10.11 -13.04
C PHE G 70 51.38 9.25 -12.62
N THR G 71 51.66 8.27 -11.75
CA THR G 71 50.63 7.42 -11.19
C THR G 71 51.06 6.98 -9.81
N ILE G 72 50.07 6.76 -8.94
CA ILE G 72 50.30 6.38 -7.55
C ILE G 72 49.55 5.09 -7.28
N SER G 73 50.21 4.16 -6.60
CA SER G 73 49.61 2.89 -6.23
C SER G 73 49.54 2.76 -4.71
N ARG G 74 48.48 2.12 -4.23
CA ARG G 74 48.21 1.97 -2.81
C ARG G 74 48.15 0.50 -2.44
N ASP G 75 48.75 0.15 -1.30
CA ASP G 75 48.74 -1.21 -0.78
C ASP G 75 48.54 -1.14 0.73
N ASP G 76 47.28 -1.27 1.18
CA ASP G 76 47.00 -1.23 2.60
C ASP G 76 47.45 -2.49 3.32
N SER G 77 47.62 -3.61 2.60
CA SER G 77 48.01 -4.86 3.24
C SER G 77 49.41 -4.77 3.85
N LYS G 78 50.37 -4.23 3.08
CA LYS G 78 51.74 -4.12 3.54
C LYS G 78 52.11 -2.70 3.98
N ASN G 79 51.14 -1.78 3.99
CA ASN G 79 51.37 -0.40 4.42
C ASN G 79 52.47 0.25 3.59
N THR G 80 52.21 0.36 2.28
CA THR G 80 53.20 0.87 1.34
C THR G 80 52.52 1.69 0.26
N LEU G 81 53.10 2.84 -0.07
CA LEU G 81 52.64 3.70 -1.15
C LEU G 81 53.78 3.95 -2.13
N TYR G 82 53.51 3.76 -3.41
CA TYR G 82 54.54 3.86 -4.44
C TYR G 82 54.24 5.06 -5.34
N LEU G 83 55.32 5.61 -5.92
CA LEU G 83 55.24 6.68 -6.90
C LEU G 83 56.00 6.27 -8.15
N GLN G 84 55.39 6.50 -9.31
CA GLN G 84 55.95 6.13 -10.60
C GLN G 84 56.26 7.40 -11.39
N MET G 85 57.54 7.74 -11.48
CA MET G 85 57.99 8.89 -12.24
C MET G 85 58.65 8.42 -13.54
N ASN G 86 58.23 9.03 -14.65
CA ASN G 86 58.74 8.66 -15.96
C ASN G 86 58.58 9.86 -16.90
N SER G 87 59.45 9.89 -17.92
CA SER G 87 59.51 11.00 -18.86
C SER G 87 59.68 12.33 -18.13
N LEU G 88 60.53 12.33 -17.11
CA LEU G 88 60.77 13.53 -16.32
C LEU G 88 61.75 14.45 -17.04
N ARG G 89 61.66 15.74 -16.73
CA ARG G 89 62.49 16.76 -17.34
C ARG G 89 63.20 17.57 -16.26
N THR G 90 63.93 18.60 -16.69
CA THR G 90 64.76 19.36 -15.76
C THR G 90 63.94 20.17 -14.77
N GLU G 91 62.71 20.55 -15.13
CA GLU G 91 61.90 21.35 -14.22
C GLU G 91 61.40 20.56 -13.03
N ASP G 92 61.58 19.24 -13.01
CA ASP G 92 61.10 18.40 -11.92
C ASP G 92 62.04 18.41 -10.72
N THR G 93 63.19 19.06 -10.82
CA THR G 93 64.15 19.08 -9.72
C THR G 93 63.60 19.85 -8.53
N ALA G 94 63.26 19.13 -7.46
CA ALA G 94 62.71 19.72 -6.24
C ALA G 94 62.67 18.65 -5.16
N VAL G 95 62.33 19.07 -3.95
CA VAL G 95 62.13 18.15 -2.84
C VAL G 95 60.64 17.86 -2.72
N TYR G 96 60.31 16.66 -2.27
CA TYR G 96 58.93 16.20 -2.22
C TYR G 96 58.61 15.75 -0.81
N TYR G 97 57.42 16.12 -0.33
CA TYR G 97 56.99 15.78 1.02
C TYR G 97 55.67 15.03 0.94
N CYS G 98 55.55 13.97 1.74
CA CYS G 98 54.32 13.18 1.79
C CYS G 98 53.56 13.49 3.07
N THR G 99 52.24 13.36 2.99
CA THR G 99 51.42 13.78 4.12
C THR G 99 50.04 13.15 4.06
N THR G 100 49.41 13.07 5.23
CA THR G 100 47.97 12.86 5.33
C THR G 100 47.27 14.20 5.40
N LEU G 101 45.94 14.16 5.29
CA LEU G 101 45.15 15.38 5.17
C LEU G 101 44.03 15.40 6.20
N TYR G 102 43.71 16.59 6.68
CA TYR G 102 42.54 16.78 7.51
C TYR G 102 41.27 16.55 6.71
N CYS G 103 40.28 15.93 7.35
CA CYS G 103 39.00 15.66 6.71
C CYS G 103 37.98 16.69 7.16
N ALA G 104 37.33 17.33 6.19
CA ALA G 104 36.31 18.33 6.47
C ALA G 104 35.14 18.14 5.51
N ILE G 105 33.96 18.53 5.99
CA ILE G 105 32.68 18.41 5.28
C ILE G 105 32.60 17.15 4.41
N THR G 106 33.12 17.21 3.19
CA THR G 106 33.00 16.11 2.24
C THR G 106 34.32 15.56 1.75
N THR G 107 35.41 16.31 1.82
CA THR G 107 36.68 15.86 1.27
C THR G 107 37.82 16.53 2.03
N CYS G 108 39.02 15.96 1.87
CA CYS G 108 40.20 16.48 2.53
C CYS G 108 40.74 17.69 1.78
N PHE G 109 41.31 18.64 2.54
CA PHE G 109 41.74 19.92 1.99
C PHE G 109 43.26 20.09 2.05
N SER G 110 43.84 19.95 3.23
CA SER G 110 45.20 20.42 3.47
C SER G 110 45.94 19.45 4.38
N PRO G 111 47.27 19.42 4.30
CA PRO G 111 48.05 18.41 5.01
C PRO G 111 47.99 18.56 6.52
N ARG G 112 48.24 17.46 7.22
CA ARG G 112 48.28 17.44 8.68
C ARG G 112 49.67 17.10 9.22
N TYR G 113 50.22 15.95 8.83
CA TYR G 113 51.53 15.52 9.32
C TYR G 113 52.50 15.43 8.15
N TRP G 114 53.69 15.98 8.33
CA TRP G 114 54.66 16.10 7.27
C TRP G 114 55.88 15.24 7.56
N GLY G 115 56.45 14.66 6.51
CA GLY G 115 57.73 13.99 6.61
C GLY G 115 58.87 14.98 6.49
N GLN G 116 60.10 14.44 6.45
CA GLN G 116 61.28 15.28 6.35
C GLN G 116 61.71 15.52 4.91
N GLY G 117 61.10 14.82 3.95
CA GLY G 117 61.30 15.11 2.55
C GLY G 117 62.36 14.23 1.90
N THR G 118 62.51 14.44 0.59
CA THR G 118 63.51 13.76 -0.21
C THR G 118 63.86 14.60 -1.43
N PRO G 119 65.14 14.88 -1.66
CA PRO G 119 65.54 15.71 -2.81
C PRO G 119 65.63 14.88 -4.08
N VAL G 120 65.02 15.38 -5.15
CA VAL G 120 65.08 14.76 -6.47
C VAL G 120 65.61 15.80 -7.45
N THR G 121 66.59 15.42 -8.25
CA THR G 121 67.25 16.32 -9.18
C THR G 121 67.27 15.71 -10.58
N VAL G 122 67.13 16.58 -11.58
CA VAL G 122 67.25 16.19 -12.99
C VAL G 122 68.26 17.11 -13.64
N SER G 123 69.30 16.52 -14.24
CA SER G 123 70.35 17.31 -14.87
C SER G 123 71.06 16.45 -15.91
N SER G 124 71.80 17.13 -16.79
CA SER G 124 72.56 16.45 -17.82
C SER G 124 74.02 16.27 -17.40
N VAL H 2 4.19 -3.87 -54.67
CA VAL H 2 3.24 -4.85 -55.19
C VAL H 2 3.72 -5.45 -56.51
N GLN H 3 4.66 -6.37 -56.41
CA GLN H 3 5.19 -7.13 -57.54
C GLN H 3 5.23 -8.61 -57.21
N LEU H 4 4.09 -9.13 -56.72
CA LEU H 4 4.00 -10.52 -56.31
C LEU H 4 4.41 -11.46 -57.44
N VAL H 5 5.28 -12.41 -57.11
CA VAL H 5 5.79 -13.40 -58.06
C VAL H 5 5.44 -14.78 -57.54
N GLU H 6 4.91 -15.63 -58.42
CA GLU H 6 4.45 -16.96 -58.04
C GLU H 6 5.10 -18.00 -58.94
N SER H 7 5.26 -19.20 -58.40
CA SER H 7 5.88 -20.30 -59.13
C SER H 7 5.14 -21.58 -58.82
N GLY H 8 5.63 -22.69 -59.38
CA GLY H 8 5.01 -23.99 -59.16
C GLY H 8 3.85 -24.24 -60.09
N GLY H 9 3.28 -25.43 -59.95
CA GLY H 9 2.15 -25.86 -60.74
C GLY H 9 2.54 -26.97 -61.71
N GLY H 10 1.52 -27.46 -62.41
CA GLY H 10 1.70 -28.51 -63.41
C GLY H 10 0.69 -29.64 -63.22
N LEU H 11 1.05 -30.80 -63.74
CA LEU H 11 0.21 -31.99 -63.69
C LEU H 11 0.84 -33.03 -62.77
N VAL H 12 0.03 -33.60 -61.89
CA VAL H 12 0.49 -34.58 -60.92
C VAL H 12 -0.58 -35.66 -60.79
N LYS H 13 -0.14 -36.90 -60.67
CA LYS H 13 -1.07 -38.01 -60.50
C LYS H 13 -1.82 -37.86 -59.18
N PRO H 14 -3.07 -38.33 -59.11
CA PRO H 14 -3.83 -38.21 -57.87
C PRO H 14 -3.15 -38.92 -56.72
N GLY H 15 -3.21 -38.30 -55.54
CA GLY H 15 -2.54 -38.83 -54.37
C GLY H 15 -1.07 -38.53 -54.28
N GLY H 16 -0.52 -37.74 -55.20
CA GLY H 16 0.89 -37.41 -55.21
C GLY H 16 1.20 -36.18 -54.37
N SER H 17 2.34 -35.56 -54.69
CA SER H 17 2.76 -34.37 -53.98
C SER H 17 3.57 -33.48 -54.91
N LEU H 18 3.54 -32.18 -54.62
CA LEU H 18 4.27 -31.17 -55.37
C LEU H 18 4.25 -29.90 -54.52
N ARG H 19 5.03 -28.90 -54.93
CA ARG H 19 5.23 -27.72 -54.10
C ARG H 19 5.10 -26.45 -54.94
N LEU H 20 4.58 -25.40 -54.31
CA LEU H 20 4.53 -24.06 -54.88
C LEU H 20 5.27 -23.08 -53.97
N SER H 21 5.72 -21.98 -54.57
CA SER H 21 6.44 -20.95 -53.85
C SER H 21 6.01 -19.58 -54.34
N CYS H 22 6.18 -18.57 -53.49
CA CYS H 22 5.81 -17.20 -53.82
C CYS H 22 6.86 -16.24 -53.27
N GLU H 23 7.23 -15.27 -54.10
CA GLU H 23 8.17 -14.23 -53.72
C GLU H 23 7.61 -12.88 -54.12
N ALA H 24 8.05 -11.84 -53.43
CA ALA H 24 7.56 -10.49 -53.68
C ALA H 24 8.61 -9.50 -53.20
N SER H 25 8.30 -8.21 -53.38
CA SER H 25 9.19 -7.13 -52.97
C SER H 25 8.35 -5.88 -52.79
N GLY H 26 9.03 -4.73 -52.66
CA GLY H 26 8.35 -3.45 -52.49
C GLY H 26 7.93 -3.21 -51.05
N PHE H 27 6.87 -3.87 -50.62
CA PHE H 27 6.43 -3.77 -49.24
C PHE H 27 7.36 -4.55 -48.32
N ILE H 28 7.37 -4.15 -47.05
CA ILE H 28 8.16 -4.86 -46.05
C ILE H 28 7.39 -6.11 -45.61
N PHE H 29 8.07 -7.26 -45.64
CA PHE H 29 7.40 -8.54 -45.44
C PHE H 29 7.07 -8.80 -43.98
N SER H 30 7.90 -8.34 -43.06
CA SER H 30 7.72 -8.66 -41.64
C SER H 30 6.47 -8.02 -41.05
N ASN H 31 5.84 -7.06 -41.73
CA ASN H 31 4.65 -6.39 -41.22
C ASN H 31 3.43 -6.62 -42.11
N ALA H 32 3.41 -7.71 -42.87
CA ALA H 32 2.34 -7.98 -43.82
C ALA H 32 1.70 -9.32 -43.53
N TRP H 33 0.38 -9.35 -43.49
CA TRP H 33 -0.35 -10.59 -43.36
C TRP H 33 -0.41 -11.31 -44.71
N MET H 34 -0.33 -12.63 -44.67
CA MET H 34 -0.34 -13.46 -45.86
C MET H 34 -1.56 -14.36 -45.86
N SER H 35 -2.04 -14.68 -47.05
CA SER H 35 -3.15 -15.62 -47.22
C SER H 35 -3.07 -16.23 -48.61
N TRP H 36 -3.87 -17.26 -48.82
CA TRP H 36 -3.81 -18.02 -50.06
C TRP H 36 -5.22 -18.46 -50.41
N VAL H 37 -5.65 -18.20 -51.65
CA VAL H 37 -7.05 -18.40 -52.02
C VAL H 37 -7.12 -19.29 -53.25
N ARG H 38 -8.28 -19.92 -53.44
CA ARG H 38 -8.55 -20.80 -54.56
C ARG H 38 -9.69 -20.23 -55.39
N GLN H 39 -9.53 -20.27 -56.70
CA GLN H 39 -10.57 -19.85 -57.64
C GLN H 39 -10.92 -21.01 -58.55
N ALA H 40 -12.21 -21.29 -58.67
CA ALA H 40 -12.70 -22.38 -59.50
C ALA H 40 -13.71 -21.86 -60.52
N PRO H 41 -13.78 -22.48 -61.70
CA PRO H 41 -14.74 -22.02 -62.71
C PRO H 41 -16.18 -22.14 -62.21
N GLY H 42 -17.00 -21.18 -62.59
CA GLY H 42 -18.41 -21.20 -62.24
C GLY H 42 -18.71 -20.70 -60.84
N LYS H 43 -18.16 -21.37 -59.83
CA LYS H 43 -18.47 -21.02 -58.46
C LYS H 43 -17.83 -19.69 -58.06
N GLY H 44 -16.50 -19.62 -58.11
CA GLY H 44 -15.77 -18.42 -57.77
C GLY H 44 -14.73 -18.68 -56.68
N LEU H 45 -14.68 -17.77 -55.71
CA LEU H 45 -13.63 -17.78 -54.72
C LEU H 45 -13.99 -18.68 -53.54
N GLU H 46 -12.96 -19.25 -52.92
CA GLU H 46 -13.12 -19.99 -51.68
C GLU H 46 -11.80 -19.95 -50.90
N TRP H 47 -11.91 -19.87 -49.58
CA TRP H 47 -10.75 -19.70 -48.73
C TRP H 47 -9.96 -21.01 -48.64
N VAL H 48 -8.67 -20.87 -48.37
CA VAL H 48 -7.79 -22.04 -48.23
C VAL H 48 -7.08 -22.00 -46.88
N GLY H 49 -6.87 -20.81 -46.33
CA GLY H 49 -6.22 -20.68 -45.05
C GLY H 49 -5.57 -19.33 -44.87
N ARG H 50 -4.77 -19.23 -43.82
CA ARG H 50 -4.08 -18.00 -43.44
C ARG H 50 -2.84 -18.36 -42.64
N ILE H 51 -1.81 -17.53 -42.77
CA ILE H 51 -0.57 -17.68 -42.01
C ILE H 51 -0.38 -16.44 -41.15
N LYS H 52 -0.06 -16.65 -39.87
CA LYS H 52 0.11 -15.57 -38.92
C LYS H 52 1.47 -14.91 -39.10
N ILE H 53 1.80 -13.98 -38.20
CA ILE H 53 3.09 -13.31 -38.19
C ILE H 53 3.82 -13.71 -36.92
N GLN H 54 5.15 -13.83 -37.02
CA GLN H 54 5.95 -14.34 -35.91
C GLN H 54 5.83 -13.45 -34.68
N THR H 55 5.81 -12.13 -34.87
CA THR H 55 5.76 -11.23 -33.73
C THR H 55 4.45 -11.32 -32.96
N ASP H 56 3.43 -11.95 -33.53
CA ASP H 56 2.13 -12.08 -32.88
C ASP H 56 1.78 -13.52 -32.56
N GLY H 57 2.71 -14.46 -32.75
CA GLY H 57 2.41 -15.86 -32.51
C GLY H 57 1.37 -16.36 -33.49
N GLY H 58 0.52 -17.28 -33.01
CA GLY H 58 -0.55 -17.81 -33.83
C GLY H 58 -0.10 -18.96 -34.71
N THR H 59 -1.06 -19.52 -35.43
CA THR H 59 -0.80 -20.66 -36.29
C THR H 59 -1.83 -20.67 -37.42
N ALA H 60 -1.54 -21.47 -38.45
CA ALA H 60 -2.42 -21.56 -39.60
C ALA H 60 -3.71 -22.28 -39.23
N ASP H 61 -4.84 -21.72 -39.65
CA ASP H 61 -6.16 -22.28 -39.39
C ASP H 61 -6.82 -22.62 -40.72
N TYR H 62 -6.65 -23.87 -41.17
CA TYR H 62 -7.23 -24.30 -42.42
C TYR H 62 -8.75 -24.46 -42.29
N ALA H 63 -9.43 -24.42 -43.43
CA ALA H 63 -10.87 -24.59 -43.45
C ALA H 63 -11.23 -26.06 -43.20
N ALA H 64 -12.51 -26.28 -42.91
CA ALA H 64 -12.97 -27.64 -42.59
C ALA H 64 -12.81 -28.61 -43.76
N PRO H 65 -13.27 -28.31 -44.99
CA PRO H 65 -13.12 -29.31 -46.07
C PRO H 65 -11.68 -29.58 -46.45
N VAL H 66 -10.75 -28.69 -46.09
CA VAL H 66 -9.36 -28.78 -46.51
C VAL H 66 -8.46 -29.25 -45.38
N LYS H 67 -8.96 -29.32 -44.15
CA LYS H 67 -8.13 -29.61 -43.00
C LYS H 67 -7.54 -31.02 -43.09
N GLY H 68 -6.31 -31.15 -42.61
CA GLY H 68 -5.66 -32.44 -42.48
C GLY H 68 -4.65 -32.77 -43.57
N ARG H 69 -4.70 -32.10 -44.71
CA ARG H 69 -3.79 -32.39 -45.82
C ARG H 69 -2.91 -31.22 -46.19
N PHE H 70 -3.49 -30.02 -46.32
CA PHE H 70 -2.73 -28.84 -46.70
C PHE H 70 -2.13 -28.15 -45.48
N THR H 71 -0.85 -27.78 -45.62
CA THR H 71 -0.15 -27.01 -44.60
C THR H 71 0.74 -26.00 -45.30
N ILE H 72 0.98 -24.88 -44.62
CA ILE H 72 1.72 -23.77 -45.22
C ILE H 72 2.85 -23.37 -44.27
N SER H 73 4.00 -23.06 -44.85
CA SER H 73 5.17 -22.64 -44.07
C SER H 73 5.60 -21.25 -44.50
N ARG H 74 6.16 -20.50 -43.55
CA ARG H 74 6.57 -19.12 -43.75
C ARG H 74 8.03 -18.95 -43.38
N ASP H 75 8.74 -18.13 -44.16
CA ASP H 75 10.14 -17.81 -43.89
C ASP H 75 10.35 -16.34 -44.19
N ASP H 76 10.33 -15.51 -43.15
CA ASP H 76 10.53 -14.07 -43.33
C ASP H 76 11.94 -13.74 -43.79
N SER H 77 12.93 -14.53 -43.41
CA SER H 77 14.31 -14.22 -43.74
C SER H 77 14.56 -14.27 -45.24
N LYS H 78 14.04 -15.28 -45.92
CA LYS H 78 14.21 -15.43 -47.36
C LYS H 78 13.02 -14.92 -48.16
N ASN H 79 11.97 -14.42 -47.50
CA ASN H 79 10.83 -13.81 -48.18
C ASN H 79 10.14 -14.81 -49.12
N THR H 80 9.69 -15.92 -48.55
CA THR H 80 9.10 -16.99 -49.34
C THR H 80 7.97 -17.64 -48.56
N LEU H 81 7.00 -18.20 -49.30
CA LEU H 81 5.91 -18.97 -48.75
C LEU H 81 5.78 -20.28 -49.51
N TYR H 82 5.71 -21.39 -48.78
CA TYR H 82 5.72 -22.71 -49.37
C TYR H 82 4.35 -23.36 -49.22
N LEU H 83 3.92 -24.06 -50.26
CA LEU H 83 2.64 -24.75 -50.28
C LEU H 83 2.88 -26.25 -50.42
N GLN H 84 2.27 -27.03 -49.54
CA GLN H 84 2.47 -28.48 -49.49
C GLN H 84 1.15 -29.17 -49.80
N MET H 85 1.06 -29.77 -50.99
CA MET H 85 -0.08 -30.59 -51.37
C MET H 85 0.23 -32.07 -51.27
N ASN H 86 -0.72 -32.81 -50.71
CA ASN H 86 -0.59 -34.25 -50.53
C ASN H 86 -1.99 -34.85 -50.47
N SER H 87 -2.11 -36.06 -51.01
CA SER H 87 -3.39 -36.76 -51.07
C SER H 87 -4.45 -35.93 -51.80
N LEU H 88 -4.02 -35.24 -52.86
CA LEU H 88 -4.94 -34.39 -53.61
C LEU H 88 -5.90 -35.24 -54.44
N ARG H 89 -7.08 -34.68 -54.68
CA ARG H 89 -8.15 -35.37 -55.40
C ARG H 89 -8.47 -34.63 -56.69
N THR H 90 -9.44 -35.18 -57.43
CA THR H 90 -9.80 -34.61 -58.74
C THR H 90 -10.39 -33.21 -58.59
N GLU H 91 -11.21 -32.99 -57.56
CA GLU H 91 -11.88 -31.71 -57.39
C GLU H 91 -10.90 -30.59 -57.05
N ASP H 92 -9.65 -30.91 -56.73
CA ASP H 92 -8.66 -29.88 -56.44
C ASP H 92 -8.21 -29.11 -57.67
N THR H 93 -8.61 -29.54 -58.86
CA THR H 93 -8.24 -28.85 -60.10
C THR H 93 -8.83 -27.45 -60.15
N ALA H 94 -7.99 -26.44 -59.99
CA ALA H 94 -8.43 -25.04 -60.00
C ALA H 94 -7.20 -24.16 -60.08
N VAL H 95 -7.43 -22.86 -60.15
CA VAL H 95 -6.35 -21.87 -60.15
C VAL H 95 -6.27 -21.24 -58.77
N TYR H 96 -5.08 -20.72 -58.46
CA TYR H 96 -4.80 -20.18 -57.13
C TYR H 96 -4.19 -18.80 -57.26
N TYR H 97 -4.53 -17.93 -56.31
CA TYR H 97 -4.01 -16.56 -56.28
C TYR H 97 -3.56 -16.23 -54.87
N CYS H 98 -2.32 -15.75 -54.74
CA CYS H 98 -1.80 -15.33 -53.45
C CYS H 98 -2.10 -13.86 -53.22
N THR H 99 -2.16 -13.47 -51.96
CA THR H 99 -2.60 -12.11 -51.64
C THR H 99 -2.19 -11.73 -50.23
N THR H 100 -2.22 -10.43 -49.97
CA THR H 100 -2.24 -9.88 -48.64
C THR H 100 -3.68 -9.55 -48.24
N LEU H 101 -3.86 -9.14 -46.99
CA LEU H 101 -5.19 -8.89 -46.45
C LEU H 101 -5.23 -7.53 -45.76
N TYR H 102 -6.33 -6.81 -45.99
CA TYR H 102 -6.53 -5.50 -45.38
C TYR H 102 -6.84 -5.66 -43.90
N CYS H 103 -5.88 -5.33 -43.05
CA CYS H 103 -6.07 -5.47 -41.61
C CYS H 103 -7.18 -4.54 -41.13
N ALA H 104 -8.09 -5.08 -40.32
CA ALA H 104 -9.18 -4.31 -39.75
C ALA H 104 -9.52 -4.87 -38.38
N ILE H 105 -10.09 -4.01 -37.54
CA ILE H 105 -10.42 -4.29 -36.14
C ILE H 105 -9.42 -5.25 -35.49
N THR H 106 -9.61 -6.56 -35.66
CA THR H 106 -8.69 -7.54 -35.09
C THR H 106 -8.39 -8.71 -36.02
N THR H 107 -8.80 -8.65 -37.28
CA THR H 107 -8.64 -9.78 -38.19
C THR H 107 -8.11 -9.28 -39.53
N CYS H 108 -7.75 -10.22 -40.40
CA CYS H 108 -7.16 -9.92 -41.70
C CYS H 108 -8.21 -9.66 -42.77
N PHE H 109 -9.32 -10.38 -42.71
CA PHE H 109 -10.49 -10.16 -43.56
C PHE H 109 -10.22 -10.58 -45.00
N SER H 110 -10.99 -10.03 -45.92
CA SER H 110 -10.86 -10.40 -47.33
C SER H 110 -9.66 -9.67 -47.96
N PRO H 111 -9.16 -10.17 -49.08
CA PRO H 111 -7.85 -9.70 -49.59
C PRO H 111 -7.90 -8.25 -50.09
N ARG H 112 -6.70 -7.71 -50.29
CA ARG H 112 -6.52 -6.38 -50.86
C ARG H 112 -5.84 -6.43 -52.22
N TYR H 113 -4.66 -7.03 -52.31
CA TYR H 113 -3.93 -7.15 -53.57
C TYR H 113 -4.09 -8.56 -54.13
N TRP H 114 -3.58 -8.76 -55.34
CA TRP H 114 -3.73 -10.04 -56.02
C TRP H 114 -2.51 -10.31 -56.88
N GLY H 115 -2.27 -11.59 -57.15
CA GLY H 115 -1.21 -12.02 -58.03
C GLY H 115 -1.71 -12.38 -59.42
N GLN H 116 -0.80 -12.90 -60.24
CA GLN H 116 -1.16 -13.31 -61.59
C GLN H 116 -1.90 -14.64 -61.61
N GLY H 117 -1.57 -15.55 -60.71
CA GLY H 117 -2.27 -16.80 -60.60
C GLY H 117 -1.57 -17.94 -61.33
N THR H 118 -1.89 -19.17 -60.92
CA THR H 118 -1.28 -20.36 -61.51
C THR H 118 -2.30 -21.50 -61.47
N PRO H 119 -2.55 -22.17 -62.59
CA PRO H 119 -3.49 -23.29 -62.59
C PRO H 119 -2.84 -24.62 -62.25
N VAL H 120 -3.65 -25.52 -61.70
CA VAL H 120 -3.25 -26.89 -61.43
C VAL H 120 -4.38 -27.80 -61.86
N THR H 121 -4.05 -29.06 -62.18
CA THR H 121 -5.03 -30.01 -62.65
C THR H 121 -4.72 -31.40 -62.09
N VAL H 122 -5.78 -32.12 -61.74
CA VAL H 122 -5.69 -33.52 -61.32
C VAL H 122 -6.51 -34.34 -62.29
N SER H 123 -5.88 -35.32 -62.94
CA SER H 123 -6.55 -36.12 -63.95
C SER H 123 -5.91 -37.50 -64.01
N SER H 124 -6.64 -38.43 -64.62
CA SER H 124 -6.16 -39.79 -64.79
C SER H 124 -5.39 -39.94 -66.09
N VAL I 2 -6.46 -52.83 14.13
CA VAL I 2 -5.80 -52.85 15.42
C VAL I 2 -5.36 -54.26 15.75
N GLN I 3 -4.27 -54.70 15.13
CA GLN I 3 -3.73 -56.05 15.27
C GLN I 3 -2.23 -55.99 15.46
N LEU I 4 -1.79 -55.18 16.43
CA LEU I 4 -0.37 -54.94 16.68
C LEU I 4 0.42 -56.24 16.81
N VAL I 5 1.51 -56.34 16.07
CA VAL I 5 2.37 -57.52 16.06
C VAL I 5 3.69 -57.14 16.73
N GLU I 6 4.08 -57.92 17.73
CA GLU I 6 5.29 -57.67 18.50
C GLU I 6 6.30 -58.78 18.24
N SER I 7 7.54 -58.54 18.64
CA SER I 7 8.62 -59.50 18.44
C SER I 7 9.74 -59.19 19.41
N GLY I 8 10.78 -60.02 19.37
CA GLY I 8 11.95 -59.82 20.20
C GLY I 8 11.73 -60.27 21.63
N GLY I 9 12.71 -59.93 22.47
CA GLY I 9 12.71 -60.27 23.87
C GLY I 9 13.65 -61.43 24.18
N GLY I 10 13.80 -61.67 25.47
CA GLY I 10 14.66 -62.75 25.92
C GLY I 10 15.60 -62.37 27.05
N LEU I 11 16.71 -63.09 27.16
CA LEU I 11 17.70 -62.88 28.21
C LEU I 11 19.06 -62.59 27.59
N VAL I 12 19.71 -61.53 28.07
CA VAL I 12 21.05 -61.17 27.63
C VAL I 12 21.85 -60.76 28.86
N LYS I 13 23.18 -60.81 28.72
CA LYS I 13 24.05 -60.44 29.82
C LYS I 13 23.95 -58.93 30.09
N PRO I 14 24.20 -58.51 31.33
CA PRO I 14 24.17 -57.07 31.63
C PRO I 14 25.17 -56.30 30.78
N GLY I 15 24.76 -55.12 30.34
CA GLY I 15 25.56 -54.31 29.45
C GLY I 15 25.51 -54.73 27.99
N GLY I 16 24.68 -55.72 27.66
CA GLY I 16 24.59 -56.20 26.30
C GLY I 16 23.62 -55.39 25.45
N SER I 17 23.32 -55.93 24.27
CA SER I 17 22.42 -55.27 23.34
C SER I 17 21.49 -56.30 22.69
N LEU I 18 20.30 -55.84 22.32
CA LEU I 18 19.35 -56.67 21.59
C LEU I 18 18.41 -55.73 20.85
N ARG I 19 17.73 -56.28 19.84
CA ARG I 19 16.81 -55.51 19.02
C ARG I 19 15.48 -56.23 18.88
N LEU I 20 14.39 -55.46 18.97
CA LEU I 20 13.05 -55.97 18.74
C LEU I 20 12.29 -54.97 17.90
N SER I 21 11.31 -55.47 17.15
CA SER I 21 10.55 -54.65 16.22
C SER I 21 9.05 -54.85 16.47
N CYS I 22 8.25 -53.94 15.91
CA CYS I 22 6.81 -53.98 16.05
C CYS I 22 6.16 -53.68 14.70
N GLU I 23 5.11 -54.43 14.39
CA GLU I 23 4.37 -54.26 13.14
C GLU I 23 2.88 -54.15 13.46
N ALA I 24 2.15 -53.50 12.57
CA ALA I 24 0.73 -53.27 12.77
C ALA I 24 0.06 -53.08 11.42
N SER I 25 -1.27 -53.21 11.42
CA SER I 25 -2.06 -53.02 10.22
C SER I 25 -3.48 -52.68 10.64
N GLY I 26 -4.26 -52.17 9.67
CA GLY I 26 -5.63 -51.79 9.91
C GLY I 26 -5.86 -50.30 10.09
N PHE I 27 -4.82 -49.49 9.94
CA PHE I 27 -4.95 -48.04 10.06
C PHE I 27 -3.80 -47.39 9.33
N ILE I 28 -3.93 -46.08 9.09
CA ILE I 28 -2.90 -45.33 8.39
C ILE I 28 -1.71 -45.16 9.33
N PHE I 29 -0.63 -45.91 9.06
CA PHE I 29 0.54 -45.86 9.94
C PHE I 29 1.21 -44.50 9.90
N SER I 30 1.10 -43.77 8.80
CA SER I 30 1.71 -42.46 8.68
C SER I 30 0.87 -41.36 9.31
N ASN I 31 -0.30 -41.70 9.86
CA ASN I 31 -1.16 -40.72 10.50
C ASN I 31 -1.33 -40.99 11.99
N ALA I 32 -0.54 -41.88 12.57
CA ALA I 32 -0.70 -42.29 13.96
C ALA I 32 0.57 -42.04 14.74
N TRP I 33 0.42 -41.52 15.95
CA TRP I 33 1.54 -41.36 16.86
C TRP I 33 1.87 -42.70 17.52
N MET I 34 3.16 -42.91 17.78
CA MET I 34 3.63 -44.17 18.31
C MET I 34 4.47 -43.93 19.55
N SER I 35 4.41 -44.86 20.49
CA SER I 35 5.17 -44.75 21.73
C SER I 35 5.41 -46.15 22.29
N TRP I 36 6.14 -46.20 23.40
CA TRP I 36 6.60 -47.43 23.98
C TRP I 36 6.61 -47.27 25.50
N VAL I 37 6.01 -48.23 26.20
CA VAL I 37 5.82 -48.13 27.64
C VAL I 37 6.35 -49.39 28.30
N ARG I 38 6.76 -49.25 29.56
CA ARG I 38 7.35 -50.34 30.33
C ARG I 38 6.51 -50.62 31.57
N GLN I 39 6.24 -51.90 31.80
CA GLN I 39 5.52 -52.36 32.98
C GLN I 39 6.48 -53.12 33.90
N ALA I 40 6.48 -52.76 35.17
CA ALA I 40 7.29 -53.43 36.17
C ALA I 40 6.40 -54.00 37.27
N PRO I 41 6.80 -55.11 37.89
CA PRO I 41 5.99 -55.67 38.98
C PRO I 41 5.85 -54.69 40.14
N GLY I 42 4.67 -54.67 40.73
CA GLY I 42 4.40 -53.79 41.86
C GLY I 42 4.11 -52.35 41.45
N LYS I 43 5.08 -51.71 40.79
CA LYS I 43 4.91 -50.31 40.41
C LYS I 43 3.93 -50.17 39.25
N GLY I 44 4.25 -50.75 38.10
CA GLY I 44 3.36 -50.69 36.97
C GLY I 44 3.88 -49.86 35.80
N LEU I 45 3.06 -48.94 35.32
CA LEU I 45 3.39 -48.17 34.13
C LEU I 45 4.54 -47.22 34.39
N GLU I 46 5.32 -46.96 33.34
CA GLU I 46 6.41 -45.99 33.39
C GLU I 46 6.73 -45.56 31.96
N TRP I 47 7.00 -44.27 31.80
CA TRP I 47 7.18 -43.69 30.47
C TRP I 47 8.58 -43.97 29.93
N VAL I 48 8.65 -44.26 28.63
CA VAL I 48 9.93 -44.49 27.96
C VAL I 48 10.22 -43.47 26.88
N GLY I 49 9.21 -42.92 26.22
CA GLY I 49 9.45 -41.93 25.19
C GLY I 49 8.28 -41.83 24.24
N ARG I 50 8.45 -40.97 23.24
CA ARG I 50 7.45 -40.74 22.21
C ARG I 50 8.14 -40.40 20.90
N ILE I 51 7.57 -40.88 19.80
CA ILE I 51 8.12 -40.68 18.46
C ILE I 51 7.23 -39.71 17.70
N LYS I 52 7.85 -38.79 16.98
CA LYS I 52 7.16 -37.78 16.18
C LYS I 52 6.64 -38.38 14.89
N ILE I 53 6.15 -37.54 13.98
CA ILE I 53 5.70 -37.97 12.66
C ILE I 53 6.45 -37.16 11.61
N GLN I 54 6.73 -37.81 10.48
CA GLN I 54 7.60 -37.21 9.46
C GLN I 54 7.02 -35.90 8.94
N THR I 55 5.70 -35.86 8.71
CA THR I 55 5.09 -34.65 8.18
C THR I 55 5.21 -33.48 9.14
N ASP I 56 5.44 -33.74 10.43
CA ASP I 56 5.59 -32.69 11.43
C ASP I 56 7.02 -32.55 11.92
N GLY I 57 7.97 -33.21 11.27
CA GLY I 57 9.36 -33.13 11.70
C GLY I 57 9.52 -33.67 13.10
N GLY I 58 10.22 -32.92 13.95
CA GLY I 58 10.40 -33.30 15.33
C GLY I 58 11.46 -34.36 15.52
N THR I 59 11.61 -34.77 16.77
CA THR I 59 12.62 -35.76 17.12
C THR I 59 12.16 -36.54 18.35
N ALA I 60 12.80 -37.68 18.58
CA ALA I 60 12.46 -38.56 19.70
C ALA I 60 13.03 -37.97 20.98
N ASP I 61 12.14 -37.68 21.94
CA ASP I 61 12.54 -37.17 23.24
C ASP I 61 12.48 -38.32 24.25
N TYR I 62 13.65 -38.77 24.70
CA TYR I 62 13.72 -39.87 25.63
C TYR I 62 13.45 -39.38 27.06
N ALA I 63 13.13 -40.34 27.93
CA ALA I 63 12.93 -40.01 29.34
C ALA I 63 14.27 -39.73 30.01
N ALA I 64 14.21 -38.94 31.08
CA ALA I 64 15.44 -38.55 31.78
C ALA I 64 16.21 -39.73 32.36
N PRO I 65 15.60 -40.68 33.09
CA PRO I 65 16.40 -41.79 33.63
C PRO I 65 17.08 -42.63 32.57
N VAL I 66 16.48 -42.77 31.39
CA VAL I 66 17.00 -43.65 30.37
C VAL I 66 17.68 -42.86 29.24
N LYS I 67 18.01 -41.60 29.50
CA LYS I 67 18.62 -40.77 28.46
C LYS I 67 20.06 -41.20 28.19
N GLY I 68 20.45 -41.17 26.91
CA GLY I 68 21.81 -41.40 26.51
C GLY I 68 22.11 -42.78 25.97
N ARG I 69 21.23 -43.75 26.20
CA ARG I 69 21.45 -45.12 25.76
C ARG I 69 20.34 -45.66 24.86
N PHE I 70 19.10 -45.29 25.12
CA PHE I 70 17.98 -45.79 24.34
C PHE I 70 17.71 -44.88 23.15
N THR I 71 17.37 -45.49 22.02
CA THR I 71 17.00 -44.73 20.84
C THR I 71 15.99 -45.53 20.04
N ILE I 72 15.16 -44.80 19.28
CA ILE I 72 14.10 -45.38 18.47
C ILE I 72 14.31 -44.96 17.03
N SER I 73 13.84 -45.81 16.10
CA SER I 73 13.89 -45.50 14.69
C SER I 73 12.53 -45.81 14.07
N ARG I 74 12.15 -45.02 13.08
CA ARG I 74 10.85 -45.14 12.42
C ARG I 74 11.05 -45.36 10.92
N ASP I 75 10.25 -46.27 10.36
CA ASP I 75 10.26 -46.52 8.92
C ASP I 75 8.81 -46.72 8.48
N ASP I 76 8.16 -45.63 8.05
CA ASP I 76 6.78 -45.71 7.62
C ASP I 76 6.60 -46.48 6.32
N SER I 77 7.63 -46.54 5.48
CA SER I 77 7.52 -47.27 4.22
C SER I 77 7.30 -48.76 4.45
N LYS I 78 8.04 -49.34 5.39
CA LYS I 78 7.94 -50.77 5.67
C LYS I 78 7.07 -51.09 6.87
N ASN I 79 6.48 -50.07 7.51
CA ASN I 79 5.56 -50.25 8.64
C ASN I 79 6.24 -51.01 9.78
N THR I 80 7.38 -50.47 10.23
CA THR I 80 8.18 -51.12 11.26
C THR I 80 8.81 -50.08 12.16
N LEU I 81 8.92 -50.40 13.45
CA LEU I 81 9.60 -49.57 14.43
C LEU I 81 10.61 -50.42 15.18
N TYR I 82 11.80 -49.89 15.37
CA TYR I 82 12.91 -50.62 15.97
C TYR I 82 13.29 -49.99 17.30
N LEU I 83 13.64 -50.83 18.27
CA LEU I 83 14.14 -50.39 19.57
C LEU I 83 15.58 -50.85 19.74
N GLN I 84 16.46 -49.92 20.08
CA GLN I 84 17.86 -50.21 20.32
C GLN I 84 18.15 -49.99 21.81
N MET I 85 18.68 -51.03 22.46
CA MET I 85 19.09 -50.96 23.85
C MET I 85 20.54 -51.36 24.00
N ASN I 86 21.23 -50.70 24.92
CA ASN I 86 22.65 -50.99 25.18
C ASN I 86 22.97 -50.58 26.61
N SER I 87 24.06 -51.15 27.12
CA SER I 87 24.53 -50.89 28.48
C SER I 87 23.42 -51.17 29.50
N LEU I 88 22.86 -52.38 29.41
CA LEU I 88 21.76 -52.78 30.28
C LEU I 88 22.29 -53.19 31.66
N ARG I 89 21.41 -53.04 32.66
CA ARG I 89 21.71 -53.43 34.03
C ARG I 89 20.58 -54.31 34.55
N THR I 90 20.68 -54.70 35.82
CA THR I 90 19.71 -55.62 36.40
C THR I 90 18.33 -54.99 36.54
N GLU I 91 18.26 -53.68 36.81
CA GLU I 91 16.97 -53.03 37.00
C GLU I 91 16.15 -52.94 35.72
N ASP I 92 16.76 -53.24 34.56
CA ASP I 92 16.05 -53.19 33.30
C ASP I 92 15.11 -54.37 33.09
N THR I 93 15.14 -55.36 33.97
CA THR I 93 14.29 -56.54 33.84
C THR I 93 12.83 -56.13 34.04
N ALA I 94 12.06 -56.13 32.95
CA ALA I 94 10.65 -55.76 32.97
C ALA I 94 10.05 -56.13 31.63
N VAL I 95 8.74 -55.93 31.51
CA VAL I 95 8.04 -56.16 30.26
C VAL I 95 7.70 -54.82 29.63
N TYR I 96 7.66 -54.80 28.31
CA TYR I 96 7.38 -53.59 27.55
C TYR I 96 6.10 -53.78 26.75
N TYR I 97 5.28 -52.73 26.70
CA TYR I 97 4.02 -52.77 25.98
C TYR I 97 4.00 -51.66 24.93
N CYS I 98 3.65 -52.03 23.70
CA CYS I 98 3.60 -51.06 22.62
C CYS I 98 2.21 -50.43 22.57
N THR I 99 2.16 -49.18 22.13
CA THR I 99 0.90 -48.45 22.19
C THR I 99 0.92 -47.24 21.27
N THR I 100 -0.24 -46.90 20.74
CA THR I 100 -0.48 -45.63 20.08
C THR I 100 -1.10 -44.66 21.08
N LEU I 101 -1.06 -43.38 20.75
CA LEU I 101 -1.40 -42.32 21.69
C LEU I 101 -2.60 -41.53 21.18
N TYR I 102 -3.54 -41.26 22.07
CA TYR I 102 -4.69 -40.43 21.73
C TYR I 102 -4.24 -39.00 21.43
N CYS I 103 -4.94 -38.35 20.52
CA CYS I 103 -4.61 -37.00 20.09
C CYS I 103 -5.58 -36.00 20.71
N ALA I 104 -5.04 -34.98 21.36
CA ALA I 104 -5.83 -33.92 21.94
C ALA I 104 -5.00 -32.65 21.96
N ILE I 105 -5.70 -31.50 21.94
CA ILE I 105 -5.10 -30.17 21.85
C ILE I 105 -3.83 -30.18 21.00
N THR I 106 -2.67 -30.12 21.64
CA THR I 106 -1.39 -30.16 20.93
C THR I 106 -0.45 -31.18 21.55
N THR I 107 -1.00 -32.26 22.10
CA THR I 107 -0.19 -33.23 22.81
C THR I 107 -0.84 -34.61 22.68
N CYS I 108 -0.02 -35.65 22.77
CA CYS I 108 -0.48 -37.02 22.71
C CYS I 108 -0.16 -37.71 24.03
N PHE I 109 -0.51 -37.04 25.14
CA PHE I 109 0.01 -37.40 26.45
C PHE I 109 -0.34 -38.82 26.87
N SER I 110 -1.40 -39.39 26.32
CA SER I 110 -1.90 -40.63 26.89
C SER I 110 -2.22 -41.66 25.82
N PRO I 111 -2.10 -42.95 26.15
CA PRO I 111 -2.30 -44.00 25.15
C PRO I 111 -3.78 -44.27 24.87
N ARG I 112 -4.01 -44.91 23.72
CA ARG I 112 -5.35 -45.39 23.36
C ARG I 112 -5.40 -46.90 23.23
N TYR I 113 -4.58 -47.49 22.37
CA TYR I 113 -4.55 -48.94 22.17
C TYR I 113 -3.34 -49.53 22.84
N TRP I 114 -3.39 -50.85 23.08
CA TRP I 114 -2.32 -51.55 23.76
C TRP I 114 -2.06 -52.88 23.07
N GLY I 115 -0.79 -53.28 23.07
CA GLY I 115 -0.39 -54.58 22.55
C GLY I 115 -0.35 -55.65 23.63
N GLN I 116 0.12 -56.82 23.24
CA GLN I 116 0.23 -57.95 24.17
C GLN I 116 1.54 -57.97 24.92
N GLY I 117 2.56 -57.26 24.45
CA GLY I 117 3.79 -57.07 25.18
C GLY I 117 4.77 -58.20 25.02
N THR I 118 5.95 -58.02 25.65
CA THR I 118 7.04 -58.98 25.58
C THR I 118 7.90 -58.87 26.84
N PRO I 119 8.19 -59.99 27.51
CA PRO I 119 9.06 -59.95 28.68
C PRO I 119 10.54 -60.05 28.33
N VAL I 120 11.37 -59.23 28.97
CA VAL I 120 12.82 -59.28 28.80
C VAL I 120 13.47 -59.12 30.17
N THR I 121 14.48 -59.95 30.45
CA THR I 121 15.15 -59.96 31.74
C THR I 121 16.65 -59.78 31.55
N VAL I 122 17.30 -59.26 32.58
CA VAL I 122 18.75 -59.11 32.64
C VAL I 122 19.24 -59.77 33.92
N SER I 123 20.18 -60.70 33.78
CA SER I 123 20.69 -61.44 34.93
C SER I 123 22.07 -61.98 34.59
N SER I 124 22.79 -62.40 35.62
CA SER I 124 24.12 -62.96 35.46
C SER I 124 24.06 -64.48 35.39
N ALA J 3 46.92 33.78 -7.63
CA ALA J 3 46.71 32.91 -6.48
C ALA J 3 46.59 33.73 -5.20
N LEU J 4 46.94 33.12 -4.08
CA LEU J 4 46.91 33.78 -2.78
C LEU J 4 48.27 34.42 -2.51
N THR J 5 48.29 35.74 -2.38
CA THR J 5 49.52 36.51 -2.30
C THR J 5 49.81 36.94 -0.87
N GLN J 6 51.09 36.99 -0.53
CA GLN J 6 51.56 37.44 0.78
C GLN J 6 52.62 38.51 0.59
N PRO J 7 52.75 39.43 1.56
CA PRO J 7 53.81 40.43 1.48
C PRO J 7 55.18 39.81 1.64
N ALA J 8 56.19 40.52 1.13
CA ALA J 8 57.55 40.04 1.19
C ALA J 8 58.09 40.13 2.62
N SER J 9 59.35 39.75 2.78
CA SER J 9 60.00 39.76 4.09
C SER J 9 60.15 41.18 4.62
N SER J 13 63.04 43.09 16.31
CA SER J 13 63.75 43.16 17.58
C SER J 13 63.01 42.40 18.67
N PRO J 14 63.75 41.74 19.55
CA PRO J 14 63.12 40.97 20.63
C PRO J 14 62.31 41.87 21.54
N GLY J 15 61.21 41.31 22.07
CA GLY J 15 60.34 42.03 22.97
C GLY J 15 59.20 42.76 22.29
N GLN J 16 59.18 42.80 20.97
CA GLN J 16 58.13 43.48 20.22
C GLN J 16 57.04 42.49 19.83
N SER J 17 56.12 42.93 18.98
CA SER J 17 55.06 42.08 18.47
C SER J 17 54.75 42.49 17.03
N ILE J 18 54.79 41.52 16.12
CA ILE J 18 54.57 41.79 14.70
C ILE J 18 53.34 41.01 14.26
N THR J 19 52.77 41.44 13.13
CA THR J 19 51.61 40.80 12.54
C THR J 19 51.89 40.50 11.08
N ILE J 20 51.50 39.31 10.64
CA ILE J 20 51.63 38.89 9.25
C ILE J 20 50.23 38.66 8.70
N SER J 21 49.95 39.25 7.54
CA SER J 21 48.65 39.18 6.92
C SER J 21 48.74 38.50 5.56
N CYS J 22 47.61 37.90 5.14
CA CYS J 22 47.53 37.20 3.87
C CYS J 22 46.35 37.77 3.07
N THR J 23 46.57 37.98 1.78
CA THR J 23 45.57 38.55 0.89
C THR J 23 45.18 37.53 -0.16
N GLY J 24 43.89 37.25 -0.28
CA GLY J 24 43.35 36.33 -1.25
C GLY J 24 42.28 36.98 -2.10
N THR J 25 41.34 36.15 -2.56
CA THR J 25 40.25 36.62 -3.39
C THR J 25 38.97 35.90 -2.98
N SER J 26 37.83 36.48 -3.40
CA SER J 26 36.53 35.92 -3.02
C SER J 26 36.37 34.50 -3.52
N SER J 27 36.99 34.16 -4.65
CA SER J 27 36.92 32.79 -5.15
C SER J 27 37.80 31.84 -4.34
N ASP J 28 38.78 32.38 -3.59
CA ASP J 28 39.68 31.56 -2.79
C ASP J 28 39.51 31.75 -1.29
N VAL J 29 38.99 32.89 -0.85
CA VAL J 29 38.73 33.13 0.57
C VAL J 29 37.30 33.63 0.72
N GLY J 30 36.81 33.55 1.95
CA GLY J 30 35.45 33.97 2.22
C GLY J 30 35.10 33.75 3.68
N SER J 31 33.80 33.64 3.95
CA SER J 31 33.31 33.44 5.30
C SER J 31 33.63 32.06 5.84
N TYR J 32 34.11 31.14 5.01
CA TYR J 32 34.44 29.80 5.46
C TYR J 32 35.62 29.83 6.42
N ASN J 33 35.63 28.87 7.35
CA ASN J 33 36.63 28.82 8.40
C ASN J 33 37.84 27.96 8.04
N LEU J 34 37.87 27.40 6.83
CA LEU J 34 38.90 26.45 6.44
C LEU J 34 40.08 27.20 5.82
N VAL J 35 40.90 27.78 6.68
CA VAL J 35 42.13 28.45 6.27
C VAL J 35 43.24 28.02 7.24
N PHE J 36 44.35 27.53 6.70
CA PHE J 36 45.44 27.04 7.52
C PHE J 36 46.56 28.07 7.61
N TRP J 37 47.56 27.74 8.42
CA TRP J 37 48.81 28.47 8.49
C TRP J 37 49.90 27.52 8.94
N TYR J 38 51.09 27.67 8.37
CA TYR J 38 52.19 26.77 8.62
C TYR J 38 53.44 27.54 9.05
N GLN J 39 54.31 26.84 9.77
CA GLN J 39 55.59 27.39 10.20
C GLN J 39 56.73 26.59 9.60
N GLN J 40 57.72 27.29 9.08
CA GLN J 40 58.89 26.66 8.46
C GLN J 40 60.16 27.19 9.10
N HIS J 41 61.14 26.31 9.26
CA HIS J 41 62.45 26.64 9.78
C HIS J 41 63.51 26.18 8.79
N PRO J 42 64.63 26.88 8.71
CA PRO J 42 65.70 26.48 7.77
C PRO J 42 66.20 25.07 8.06
N GLY J 43 66.09 24.21 7.06
CA GLY J 43 66.54 22.84 7.18
C GLY J 43 65.60 21.90 7.90
N LYS J 44 64.39 22.36 8.23
CA LYS J 44 63.42 21.55 8.94
C LYS J 44 62.17 21.36 8.08
N ALA J 45 61.25 20.54 8.59
CA ALA J 45 59.99 20.18 7.95
C ALA J 45 58.89 21.16 8.35
N PRO J 46 57.88 21.35 7.50
CA PRO J 46 56.75 22.21 7.88
C PRO J 46 56.04 21.68 9.11
N LYS J 47 55.57 22.61 9.93
CA LYS J 47 54.84 22.28 11.14
C LYS J 47 53.55 23.09 11.16
N LEU J 48 52.54 22.54 11.80
CA LEU J 48 51.23 23.17 11.86
C LEU J 48 51.17 24.04 13.12
N ILE J 49 50.87 25.31 12.93
CA ILE J 49 50.77 26.28 14.03
C ILE J 49 49.32 26.56 14.39
N ILE J 50 48.48 26.80 13.38
CA ILE J 50 47.06 27.03 13.59
C ILE J 50 46.30 26.52 12.37
N TYR J 51 45.50 25.47 12.55
CA TYR J 51 44.79 24.88 11.43
C TYR J 51 43.38 25.47 11.41
N GLU J 52 42.59 25.30 12.45
CA GLU J 52 41.28 25.93 12.50
C GLU J 52 41.41 27.29 13.15
N VAL J 53 40.90 28.32 12.45
CA VAL J 53 41.14 29.72 12.82
C VAL J 53 40.75 29.96 14.28
N SER J 54 41.67 30.58 15.03
CA SER J 54 41.46 30.91 16.43
C SER J 54 41.13 29.68 17.27
N LYS J 55 41.71 28.55 16.90
CA LYS J 55 41.49 27.28 17.60
C LYS J 55 42.89 26.65 17.77
N ARG J 56 43.79 27.43 18.38
CA ARG J 56 45.16 27.01 18.69
C ARG J 56 45.23 25.56 19.14
N PRO J 57 46.08 24.74 18.53
CA PRO J 57 46.11 23.31 18.85
C PRO J 57 46.81 23.01 20.16
N SER J 58 46.94 21.73 20.48
CA SER J 58 47.59 21.27 21.70
C SER J 58 49.06 20.99 21.44
N GLY J 59 49.82 20.95 22.52
CA GLY J 59 51.26 20.71 22.43
C GLY J 59 52.01 21.82 21.74
N VAL J 60 51.51 23.05 21.83
CA VAL J 60 52.14 24.22 21.23
C VAL J 60 52.26 25.30 22.28
N SER J 61 53.02 26.34 21.95
CA SER J 61 53.27 27.45 22.87
C SER J 61 52.22 28.54 22.68
N TYR J 62 52.35 29.59 23.50
CA TYR J 62 51.44 30.72 23.47
C TYR J 62 51.79 31.75 22.41
N ARG J 63 52.85 31.52 21.64
CA ARG J 63 53.38 32.52 20.73
C ARG J 63 52.37 32.92 19.67
N PHE J 64 51.65 31.94 19.12
CA PHE J 64 50.87 32.13 17.90
C PHE J 64 49.41 32.40 18.23
N SER J 65 48.87 33.46 17.63
CA SER J 65 47.45 33.77 17.72
C SER J 65 47.10 34.68 16.55
N GLY J 66 45.82 34.72 16.19
CA GLY J 66 45.42 35.53 15.06
C GLY J 66 43.92 35.50 14.86
N SER J 67 43.48 36.16 13.79
CA SER J 67 42.07 36.27 13.46
C SER J 67 41.94 36.45 11.95
N LYS J 68 40.70 36.66 11.50
CA LYS J 68 40.41 36.83 10.09
C LYS J 68 39.21 37.75 9.95
N SER J 69 39.21 38.57 8.90
CA SER J 69 38.11 39.49 8.65
C SER J 69 38.11 39.89 7.18
N GLY J 70 36.96 39.76 6.54
CA GLY J 70 36.84 40.18 5.15
C GLY J 70 37.67 39.29 4.24
N ASN J 71 38.43 39.93 3.35
CA ASN J 71 39.23 39.24 2.36
C ASN J 71 40.62 38.88 2.85
N THR J 72 40.95 39.19 4.10
CA THR J 72 42.29 38.98 4.61
C THR J 72 42.21 38.37 6.01
N ALA J 73 43.30 37.71 6.40
CA ALA J 73 43.46 37.17 7.74
C ALA J 73 44.81 37.61 8.29
N SER J 74 44.85 37.82 9.61
CA SER J 74 46.05 38.31 10.28
C SER J 74 46.49 37.32 11.35
N LEU J 75 47.79 37.08 11.41
CA LEU J 75 48.40 36.21 12.41
C LEU J 75 49.36 37.05 13.25
N LYS J 76 49.17 37.02 14.56
CA LYS J 76 49.95 37.84 15.49
C LYS J 76 50.97 36.97 16.21
N ILE J 77 52.23 37.41 16.21
CA ILE J 77 53.30 36.76 16.94
C ILE J 77 53.69 37.67 18.10
N SER J 78 53.75 37.09 19.30
CA SER J 78 53.99 37.84 20.52
C SER J 78 55.25 37.35 21.22
N GLY J 79 55.98 38.28 21.82
CA GLY J 79 57.18 37.95 22.57
C GLY J 79 58.28 37.38 21.70
N LEU J 80 58.80 38.18 20.78
CA LEU J 80 59.83 37.71 19.86
C LEU J 80 61.14 37.44 20.58
N GLN J 81 61.81 36.37 20.18
CA GLN J 81 63.14 36.03 20.67
C GLN J 81 64.09 35.86 19.48
N ALA J 82 65.33 35.47 19.79
CA ALA J 82 66.34 35.31 18.75
C ALA J 82 66.02 34.15 17.82
N GLU J 83 65.40 33.09 18.32
CA GLU J 83 65.06 31.94 17.49
C GLU J 83 63.74 32.15 16.77
N TYR J 88 56.80 30.13 6.16
CA TYR J 88 55.49 30.51 6.69
C TYR J 88 54.47 30.60 5.55
N TYR J 89 53.64 29.57 5.43
CA TYR J 89 52.72 29.44 4.31
C TYR J 89 51.31 29.19 4.83
N CYS J 90 50.34 29.59 4.01
CA CYS J 90 48.93 29.43 4.34
C CYS J 90 48.18 28.85 3.16
N CYS J 91 47.11 28.12 3.45
CA CYS J 91 46.23 27.54 2.43
C CYS J 91 44.79 27.89 2.76
N SER J 92 43.95 27.96 1.73
CA SER J 92 42.57 28.39 1.88
C SER J 92 41.61 27.40 1.23
N TYR J 93 40.35 27.50 1.64
CA TYR J 93 39.30 26.66 1.10
C TYR J 93 38.99 27.06 -0.34
N VAL J 94 38.58 26.06 -1.13
CA VAL J 94 38.28 26.29 -2.55
C VAL J 94 36.91 25.80 -2.96
N GLY J 95 36.25 24.95 -2.19
CA GLY J 95 34.98 24.39 -2.60
C GLY J 95 35.05 22.90 -2.84
N SER J 96 34.32 22.40 -3.84
CA SER J 96 34.40 21.01 -4.23
C SER J 96 35.59 20.73 -5.13
N ASP J 97 36.47 21.71 -5.32
CA ASP J 97 37.63 21.56 -6.17
C ASP J 97 38.63 20.60 -5.52
N THR J 98 39.57 20.10 -6.33
CA THR J 98 40.46 19.01 -5.92
C THR J 98 41.16 19.31 -4.60
N TRP J 99 41.78 20.49 -4.49
CA TRP J 99 42.55 20.80 -3.29
C TRP J 99 42.68 22.30 -3.13
N GLY J 100 43.02 22.70 -1.91
CA GLY J 100 43.17 24.12 -1.62
C GLY J 100 44.36 24.74 -2.32
N VAL J 101 44.34 26.06 -2.40
CA VAL J 101 45.34 26.83 -3.12
C VAL J 101 46.46 27.20 -2.16
N PHE J 102 47.70 27.04 -2.61
CA PHE J 102 48.85 27.43 -1.81
C PHE J 102 49.21 28.89 -2.06
N GLY J 103 49.78 29.52 -1.05
CA GLY J 103 50.16 30.92 -1.15
C GLY J 103 51.65 31.16 -0.98
N GLY J 104 52.11 32.33 -1.39
CA GLY J 104 53.51 32.67 -1.22
C GLY J 104 53.89 32.81 0.24
N GLY J 105 55.14 32.46 0.55
CA GLY J 105 55.63 32.52 1.90
C GLY J 105 56.10 33.91 2.30
N THR J 106 56.40 34.05 3.58
CA THR J 106 56.93 35.29 4.13
C THR J 106 58.04 34.97 5.11
N LYS J 107 59.14 35.70 5.01
CA LYS J 107 60.32 35.46 5.84
C LYS J 107 60.40 36.53 6.93
N LEU J 108 60.62 36.09 8.16
CA LEU J 108 60.78 36.99 9.29
C LEU J 108 62.26 37.20 9.58
N THR J 109 62.64 38.43 9.91
CA THR J 109 64.02 38.80 10.20
C THR J 109 64.11 39.31 11.63
N VAL J 110 65.08 38.79 12.38
CA VAL J 110 65.33 39.17 13.76
C VAL J 110 66.69 39.87 13.82
N LEU J 111 66.70 41.08 14.37
CA LEU J 111 67.93 41.85 14.48
C LEU J 111 67.89 42.77 15.69
N ALA K 3 -24.89 -18.75 -48.51
CA ALA K 3 -23.89 -17.69 -48.60
C ALA K 3 -24.54 -16.39 -49.10
N LEU K 4 -23.74 -15.58 -49.80
CA LEU K 4 -24.21 -14.32 -50.35
C LEU K 4 -24.70 -14.53 -51.77
N THR K 5 -25.94 -14.14 -52.04
CA THR K 5 -26.59 -14.40 -53.32
C THR K 5 -26.64 -13.11 -54.14
N GLN K 6 -26.30 -13.23 -55.43
CA GLN K 6 -26.34 -12.12 -56.36
C GLN K 6 -27.14 -12.52 -57.59
N PRO K 7 -27.79 -11.55 -58.24
CA PRO K 7 -28.54 -11.86 -59.47
C PRO K 7 -27.62 -12.26 -60.61
N ALA K 8 -28.17 -13.02 -61.53
CA ALA K 8 -27.42 -13.50 -62.67
C ALA K 8 -27.19 -12.36 -63.67
N SER K 9 -26.58 -12.69 -64.80
CA SER K 9 -26.30 -11.71 -65.85
C SER K 9 -27.59 -11.18 -66.46
N SER K 13 -26.32 -1.07 -73.14
CA SER K 13 -26.01 -0.12 -74.21
C SER K 13 -25.20 1.06 -73.69
N PRO K 14 -24.27 1.55 -74.50
CA PRO K 14 -23.44 2.69 -74.08
C PRO K 14 -24.28 3.93 -73.79
N GLY K 15 -23.85 4.70 -72.81
CA GLY K 15 -24.54 5.91 -72.41
C GLY K 15 -25.62 5.71 -71.36
N GLN K 16 -25.93 4.47 -71.00
CA GLN K 16 -26.95 4.20 -70.00
C GLN K 16 -26.30 4.12 -68.62
N SER K 17 -27.07 3.63 -67.64
CA SER K 17 -26.56 3.42 -66.29
C SER K 17 -27.32 2.26 -65.66
N ILE K 18 -26.58 1.34 -65.05
CA ILE K 18 -27.16 0.15 -64.44
C ILE K 18 -26.61 0.01 -63.03
N THR K 19 -27.43 -0.55 -62.15
CA THR K 19 -27.07 -0.75 -60.75
C THR K 19 -27.14 -2.24 -60.43
N ILE K 20 -26.12 -2.74 -59.74
CA ILE K 20 -26.06 -4.13 -59.30
C ILE K 20 -26.25 -4.15 -57.79
N SER K 21 -27.18 -4.98 -57.32
CA SER K 21 -27.52 -5.08 -55.92
C SER K 21 -26.98 -6.38 -55.32
N CYS K 22 -26.72 -6.35 -54.02
CA CYS K 22 -26.20 -7.49 -53.30
C CYS K 22 -27.12 -7.82 -52.14
N THR K 23 -27.50 -9.09 -52.01
CA THR K 23 -28.43 -9.54 -51.00
C THR K 23 -27.75 -10.54 -50.07
N GLY K 24 -27.93 -10.35 -48.77
CA GLY K 24 -27.35 -11.23 -47.78
C GLY K 24 -28.28 -11.48 -46.60
N THR K 25 -27.70 -11.85 -45.46
CA THR K 25 -28.46 -12.12 -44.24
C THR K 25 -27.84 -11.36 -43.07
N SER K 26 -28.55 -11.34 -41.95
CA SER K 26 -28.10 -10.60 -40.79
C SER K 26 -26.77 -11.12 -40.27
N SER K 27 -26.61 -12.45 -40.25
CA SER K 27 -25.36 -13.04 -39.78
C SER K 27 -24.19 -12.72 -40.71
N ASP K 28 -24.45 -12.35 -41.96
CA ASP K 28 -23.40 -12.06 -42.92
C ASP K 28 -23.32 -10.60 -43.32
N VAL K 29 -24.37 -9.81 -43.08
CA VAL K 29 -24.34 -8.38 -43.38
C VAL K 29 -25.37 -7.69 -42.50
N GLY K 30 -25.05 -6.48 -42.07
CA GLY K 30 -25.94 -5.69 -41.24
C GLY K 30 -25.65 -4.22 -41.42
N SER K 31 -25.76 -3.46 -40.33
CA SER K 31 -25.46 -2.04 -40.34
C SER K 31 -23.97 -1.75 -40.39
N TYR K 32 -23.13 -2.77 -40.54
CA TYR K 32 -21.69 -2.57 -40.54
C TYR K 32 -21.24 -1.95 -41.85
N ASN K 33 -20.17 -1.17 -41.78
CA ASN K 33 -19.76 -0.28 -42.87
C ASN K 33 -18.68 -0.85 -43.77
N LEU K 34 -18.31 -2.12 -43.62
CA LEU K 34 -17.16 -2.68 -44.33
C LEU K 34 -17.58 -3.93 -45.10
N VAL K 35 -17.94 -3.74 -46.37
CA VAL K 35 -18.21 -4.82 -47.31
C VAL K 35 -17.55 -4.45 -48.63
N PHE K 36 -16.78 -5.38 -49.19
CA PHE K 36 -15.98 -5.03 -50.35
C PHE K 36 -16.75 -5.29 -51.65
N TRP K 37 -16.22 -4.75 -52.74
CA TRP K 37 -16.68 -5.07 -54.08
C TRP K 37 -15.47 -5.17 -54.99
N TYR K 38 -15.43 -6.24 -55.79
CA TYR K 38 -14.25 -6.58 -56.57
C TYR K 38 -14.57 -6.47 -58.07
N GLN K 39 -13.51 -6.41 -58.87
CA GLN K 39 -13.63 -6.37 -60.32
C GLN K 39 -12.79 -7.48 -60.93
N GLN K 40 -13.33 -8.13 -61.96
CA GLN K 40 -12.65 -9.21 -62.64
C GLN K 40 -12.79 -9.00 -64.15
N HIS K 41 -11.78 -9.44 -64.88
CA HIS K 41 -11.79 -9.40 -66.33
C HIS K 41 -11.38 -10.78 -66.86
N PRO K 42 -11.93 -11.19 -68.01
CA PRO K 42 -11.55 -12.48 -68.59
C PRO K 42 -10.06 -12.56 -68.84
N GLY K 43 -9.41 -13.53 -68.19
CA GLY K 43 -7.98 -13.72 -68.32
C GLY K 43 -7.14 -12.83 -67.44
N LYS K 44 -7.74 -12.00 -66.60
CA LYS K 44 -7.02 -11.08 -65.74
C LYS K 44 -7.22 -11.46 -64.28
N ALA K 45 -6.58 -10.70 -63.40
CA ALA K 45 -6.60 -10.90 -61.96
C ALA K 45 -7.62 -9.97 -61.31
N PRO K 46 -8.12 -10.34 -60.13
CA PRO K 46 -9.05 -9.46 -59.43
C PRO K 46 -8.41 -8.11 -59.12
N LYS K 47 -9.21 -7.06 -59.19
CA LYS K 47 -8.76 -5.71 -58.92
C LYS K 47 -9.73 -5.02 -57.98
N LEU K 48 -9.20 -4.35 -56.96
CA LEU K 48 -10.04 -3.61 -56.04
C LEU K 48 -10.57 -2.35 -56.71
N ILE K 49 -11.89 -2.14 -56.62
CA ILE K 49 -12.53 -0.96 -57.17
C ILE K 49 -13.12 -0.07 -56.08
N ILE K 50 -13.67 -0.68 -55.04
CA ILE K 50 -14.23 0.05 -53.91
C ILE K 50 -14.21 -0.88 -52.70
N TYR K 51 -13.70 -0.36 -51.58
CA TYR K 51 -13.57 -1.21 -50.39
C TYR K 51 -14.47 -0.77 -49.25
N GLU K 52 -14.40 0.47 -48.80
CA GLU K 52 -15.38 1.00 -47.85
C GLU K 52 -16.53 1.63 -48.61
N VAL K 53 -17.74 1.41 -48.11
CA VAL K 53 -18.94 1.82 -48.82
C VAL K 53 -18.94 3.33 -49.00
N SER K 54 -19.09 3.78 -50.24
CA SER K 54 -19.31 5.18 -50.58
C SER K 54 -18.13 6.07 -50.20
N LYS K 55 -16.90 5.62 -50.43
CA LYS K 55 -15.76 6.53 -50.40
C LYS K 55 -14.69 5.96 -51.33
N ARG K 56 -14.36 6.72 -52.36
CA ARG K 56 -13.63 6.19 -53.50
C ARG K 56 -12.17 5.92 -53.15
N PRO K 57 -11.60 4.77 -53.55
CA PRO K 57 -10.16 4.55 -53.40
C PRO K 57 -9.32 5.45 -54.29
N SER K 58 -8.02 5.25 -54.28
CA SER K 58 -7.10 6.05 -55.08
C SER K 58 -6.59 5.26 -56.29
N GLY K 59 -6.30 5.97 -57.36
CA GLY K 59 -5.77 5.35 -58.56
C GLY K 59 -6.77 4.65 -59.43
N VAL K 60 -8.04 5.08 -59.41
CA VAL K 60 -9.10 4.45 -60.19
C VAL K 60 -10.03 5.54 -60.71
N SER K 61 -10.48 5.36 -61.95
CA SER K 61 -11.33 6.34 -62.63
C SER K 61 -12.66 6.50 -61.90
N TYR K 62 -13.40 7.53 -62.32
CA TYR K 62 -14.65 7.95 -61.67
C TYR K 62 -15.84 7.06 -62.02
N ARG K 63 -15.60 5.89 -62.63
CA ARG K 63 -16.72 5.10 -63.16
C ARG K 63 -17.63 4.58 -62.07
N PHE K 64 -17.06 4.17 -60.94
CA PHE K 64 -17.77 3.35 -59.96
C PHE K 64 -18.15 4.16 -58.72
N SER K 65 -19.35 3.90 -58.21
CA SER K 65 -19.82 4.45 -56.95
C SER K 65 -20.88 3.52 -56.40
N GLY K 66 -21.14 3.64 -55.09
CA GLY K 66 -22.07 2.71 -54.48
C GLY K 66 -22.65 3.25 -53.19
N SER K 67 -23.55 2.47 -52.60
CA SER K 67 -24.22 2.83 -51.37
C SER K 67 -24.72 1.56 -50.70
N LYS K 68 -25.12 1.69 -49.43
CA LYS K 68 -25.57 0.56 -48.64
C LYS K 68 -26.70 1.02 -47.73
N SER K 69 -27.75 0.21 -47.63
CA SER K 69 -28.88 0.54 -46.78
C SER K 69 -29.63 -0.75 -46.43
N GLY K 70 -30.05 -0.85 -45.17
CA GLY K 70 -30.78 -2.03 -44.74
C GLY K 70 -29.90 -3.26 -44.78
N ASN K 71 -30.41 -4.34 -45.38
CA ASN K 71 -29.70 -5.60 -45.49
C ASN K 71 -29.17 -5.83 -46.90
N THR K 72 -29.08 -4.78 -47.72
CA THR K 72 -28.62 -4.90 -49.08
C THR K 72 -27.75 -3.70 -49.42
N ALA K 73 -26.88 -3.88 -50.41
CA ALA K 73 -26.00 -2.83 -50.90
C ALA K 73 -26.12 -2.72 -52.41
N SER K 74 -25.94 -1.50 -52.91
CA SER K 74 -26.06 -1.23 -54.34
C SER K 74 -24.78 -0.58 -54.85
N LEU K 75 -24.36 -1.02 -56.04
CA LEU K 75 -23.18 -0.48 -56.70
C LEU K 75 -23.61 0.14 -58.03
N LYS K 76 -23.24 1.39 -58.24
CA LYS K 76 -23.64 2.13 -59.43
C LYS K 76 -22.43 2.32 -60.34
N ILE K 77 -22.59 1.93 -61.60
CA ILE K 77 -21.60 2.17 -62.64
C ILE K 77 -22.17 3.21 -63.58
N SER K 78 -21.48 4.35 -63.70
CA SER K 78 -21.95 5.46 -64.51
C SER K 78 -21.21 5.52 -65.83
N GLY K 79 -21.94 5.88 -66.89
CA GLY K 79 -21.35 6.02 -68.21
C GLY K 79 -20.88 4.69 -68.78
N LEU K 80 -21.82 3.79 -69.07
CA LEU K 80 -21.47 2.50 -69.63
C LEU K 80 -20.82 2.65 -70.99
N GLN K 81 -19.80 1.83 -71.24
CA GLN K 81 -19.07 1.86 -72.50
C GLN K 81 -18.76 0.42 -72.93
N ALA K 82 -18.09 0.30 -74.07
CA ALA K 82 -17.92 -1.01 -74.70
C ALA K 82 -17.07 -1.96 -73.87
N GLU K 83 -15.98 -1.47 -73.29
CA GLU K 83 -15.01 -2.31 -72.61
C GLU K 83 -15.54 -2.84 -71.27
N ASP K 84 -16.63 -2.28 -70.77
CA ASP K 84 -17.14 -2.58 -69.44
C ASP K 84 -17.58 -4.02 -69.26
N GLU K 85 -17.45 -4.87 -70.28
CA GLU K 85 -17.78 -6.29 -70.14
C GLU K 85 -16.81 -6.93 -69.15
N ALA K 86 -17.30 -7.26 -67.96
CA ALA K 86 -16.44 -7.73 -66.88
C ALA K 86 -17.28 -8.48 -65.86
N GLU K 87 -16.60 -9.06 -64.88
CA GLU K 87 -17.24 -9.77 -63.78
C GLU K 87 -16.90 -9.09 -62.46
N TYR K 88 -17.82 -9.18 -61.51
CA TYR K 88 -17.68 -8.48 -60.23
C TYR K 88 -18.07 -9.40 -59.09
N TYR K 89 -17.23 -9.44 -58.05
CA TYR K 89 -17.44 -10.28 -56.89
C TYR K 89 -17.46 -9.42 -55.63
N CYS K 90 -18.16 -9.88 -54.60
CA CYS K 90 -18.27 -9.16 -53.35
C CYS K 90 -18.10 -10.11 -52.17
N CYS K 91 -17.57 -9.57 -51.08
CA CYS K 91 -17.38 -10.31 -49.85
C CYS K 91 -17.81 -9.44 -48.68
N SER K 92 -18.24 -10.09 -47.59
CA SER K 92 -18.83 -9.39 -46.46
C SER K 92 -18.15 -9.83 -45.17
N TYR K 93 -18.71 -9.41 -44.05
CA TYR K 93 -18.16 -9.63 -42.72
C TYR K 93 -19.11 -10.50 -41.90
N VAL K 94 -18.53 -11.44 -41.15
CA VAL K 94 -19.33 -12.39 -40.40
C VAL K 94 -19.13 -12.30 -38.89
N GLY K 95 -18.01 -11.81 -38.41
CA GLY K 95 -17.74 -11.73 -37.00
C GLY K 95 -16.31 -12.12 -36.70
N SER K 96 -16.08 -12.62 -35.49
CA SER K 96 -14.75 -13.08 -35.08
C SER K 96 -14.34 -14.38 -35.76
N ASP K 97 -15.16 -14.81 -36.72
CA ASP K 97 -14.89 -16.03 -37.48
C ASP K 97 -13.57 -15.88 -38.25
N THR K 98 -13.09 -17.01 -38.77
CA THR K 98 -11.77 -17.05 -39.41
C THR K 98 -11.66 -16.04 -40.54
N TRP K 99 -12.68 -15.95 -41.39
CA TRP K 99 -12.64 -15.03 -42.52
C TRP K 99 -14.06 -14.73 -42.98
N GLY K 100 -14.17 -13.74 -43.86
CA GLY K 100 -15.45 -13.34 -44.39
C GLY K 100 -16.00 -14.34 -45.40
N VAL K 101 -17.20 -14.04 -45.87
CA VAL K 101 -17.95 -14.94 -46.76
C VAL K 101 -17.91 -14.37 -48.17
N PHE K 102 -17.60 -15.23 -49.14
CA PHE K 102 -17.58 -14.83 -50.54
C PHE K 102 -18.99 -14.87 -51.12
N GLY K 103 -19.24 -13.95 -52.05
CA GLY K 103 -20.55 -13.86 -52.67
C GLY K 103 -20.56 -14.30 -54.13
N GLY K 104 -21.74 -14.64 -54.64
CA GLY K 104 -21.85 -15.01 -56.04
C GLY K 104 -21.56 -13.83 -56.96
N GLY K 105 -21.00 -14.14 -58.13
CA GLY K 105 -20.64 -13.13 -59.09
C GLY K 105 -21.80 -12.69 -59.95
N THR K 106 -21.52 -11.71 -60.80
CA THR K 106 -22.51 -11.19 -61.74
C THR K 106 -21.79 -10.76 -63.01
N LYS K 107 -22.35 -11.13 -64.16
CA LYS K 107 -21.77 -10.80 -65.45
C LYS K 107 -22.56 -9.66 -66.08
N LEU K 108 -21.84 -8.67 -66.59
CA LEU K 108 -22.44 -7.51 -67.25
C LEU K 108 -22.18 -7.64 -68.75
N THR K 109 -23.24 -7.51 -69.54
CA THR K 109 -23.17 -7.64 -70.99
C THR K 109 -23.52 -6.29 -71.63
N VAL K 110 -22.70 -5.87 -72.60
CA VAL K 110 -22.89 -4.62 -73.32
C VAL K 110 -23.14 -4.94 -74.78
N LEU K 111 -24.16 -4.32 -75.36
CA LEU K 111 -24.50 -4.54 -76.77
C LEU K 111 -25.07 -3.27 -77.39
N ALA L 3 3.61 -38.24 43.18
CA ALA L 3 2.80 -38.41 41.98
C ALA L 3 1.34 -38.67 42.34
N LEU L 4 0.68 -39.48 41.52
CA LEU L 4 -0.72 -39.82 41.76
C LEU L 4 -0.80 -41.11 42.57
N THR L 5 -1.45 -41.04 43.73
CA THR L 5 -1.50 -42.15 44.66
C THR L 5 -2.95 -42.59 44.88
N GLN L 6 -3.16 -43.90 44.95
CA GLN L 6 -4.45 -44.50 45.22
C GLN L 6 -4.29 -45.61 46.24
N PRO L 7 -5.30 -45.85 47.06
CA PRO L 7 -5.20 -46.93 48.05
C PRO L 7 -5.29 -48.30 47.39
N ALA L 8 -4.90 -49.32 48.15
CA ALA L 8 -4.93 -50.69 47.66
C ALA L 8 -6.37 -51.18 47.51
N SER L 13 -18.43 -58.28 47.56
CA SER L 13 -19.47 -59.29 47.47
C SER L 13 -20.40 -58.99 46.29
N PRO L 14 -20.86 -60.04 45.61
CA PRO L 14 -21.75 -59.85 44.47
C PRO L 14 -23.05 -59.16 44.87
N GLY L 15 -23.56 -58.33 43.97
CA GLY L 15 -24.79 -57.60 44.20
C GLY L 15 -24.61 -56.25 44.85
N GLN L 16 -23.41 -55.93 45.30
CA GLN L 16 -23.14 -54.65 45.94
C GLN L 16 -22.68 -53.63 44.90
N SER L 17 -22.18 -52.49 45.36
CA SER L 17 -21.63 -51.47 44.48
C SER L 17 -20.54 -50.74 45.23
N ILE L 18 -19.39 -50.55 44.58
CA ILE L 18 -18.23 -49.92 45.21
C ILE L 18 -17.75 -48.79 44.31
N THR L 19 -17.08 -47.82 44.93
CA THR L 19 -16.53 -46.67 44.23
C THR L 19 -15.05 -46.52 44.57
N ILE L 20 -14.23 -46.36 43.54
CA ILE L 20 -12.79 -46.15 43.72
C ILE L 20 -12.49 -44.68 43.44
N SER L 21 -11.81 -44.04 44.40
CA SER L 21 -11.48 -42.63 44.30
C SER L 21 -10.02 -42.44 43.91
N CYS L 22 -9.75 -41.34 43.22
CA CYS L 22 -8.41 -40.99 42.76
C CYS L 22 -8.00 -39.68 43.39
N THR L 23 -6.81 -39.66 44.01
CA THR L 23 -6.31 -38.48 44.70
C THR L 23 -5.04 -37.99 44.01
N GLY L 24 -4.98 -36.69 43.74
CA GLY L 24 -3.83 -36.10 43.09
C GLY L 24 -3.48 -34.73 43.63
N THR L 25 -2.92 -33.87 42.78
CA THR L 25 -2.51 -32.53 43.18
C THR L 25 -2.87 -31.55 42.07
N SER L 26 -2.94 -30.27 42.44
CA SER L 26 -3.32 -29.24 41.49
C SER L 26 -2.35 -29.17 40.32
N SER L 27 -1.08 -29.52 40.54
CA SER L 27 -0.12 -29.55 39.45
C SER L 27 -0.39 -30.70 38.48
N ASP L 28 -1.09 -31.74 38.92
CA ASP L 28 -1.38 -32.89 38.09
C ASP L 28 -2.85 -33.07 37.76
N VAL L 29 -3.75 -32.59 38.62
CA VAL L 29 -5.19 -32.67 38.37
C VAL L 29 -5.80 -31.29 38.61
N GLY L 30 -7.08 -31.18 38.33
CA GLY L 30 -7.77 -29.91 38.51
C GLY L 30 -9.08 -29.88 37.74
N SER L 31 -9.38 -28.71 37.20
CA SER L 31 -10.58 -28.50 36.40
C SER L 31 -10.44 -29.02 34.98
N TYR L 32 -9.29 -29.59 34.63
CA TYR L 32 -9.06 -30.11 33.29
C TYR L 32 -9.80 -31.43 33.09
N ASN L 33 -10.08 -31.75 31.83
CA ASN L 33 -10.84 -32.93 31.47
C ASN L 33 -10.02 -33.92 30.64
N LEU L 34 -8.75 -34.08 30.99
CA LEU L 34 -7.85 -34.97 30.25
C LEU L 34 -7.25 -36.00 31.20
N VAL L 35 -8.13 -36.64 31.97
CA VAL L 35 -7.76 -37.70 32.90
C VAL L 35 -8.37 -39.00 32.40
N PHE L 36 -7.58 -40.07 32.42
CA PHE L 36 -8.02 -41.35 31.91
C PHE L 36 -8.39 -42.30 33.05
N TRP L 37 -8.72 -43.53 32.66
CA TRP L 37 -8.87 -44.65 33.58
C TRP L 37 -8.74 -45.93 32.79
N TYR L 38 -8.04 -46.91 33.35
CA TYR L 38 -7.75 -48.16 32.67
C TYR L 38 -8.15 -49.34 33.55
N GLN L 39 -8.39 -50.47 32.90
CA GLN L 39 -8.66 -51.73 33.58
C GLN L 39 -7.66 -52.77 33.12
N GLN L 40 -7.09 -53.49 34.09
CA GLN L 40 -6.10 -54.53 33.83
C GLN L 40 -6.55 -55.82 34.48
N HIS L 41 -6.61 -56.89 33.70
CA HIS L 41 -6.93 -58.20 34.22
C HIS L 41 -5.68 -59.06 34.29
N PRO L 42 -5.58 -59.96 35.28
CA PRO L 42 -4.39 -60.81 35.41
C PRO L 42 -4.17 -61.63 34.14
N GLY L 43 -2.96 -61.51 33.57
CA GLY L 43 -2.60 -62.22 32.37
C GLY L 43 -3.07 -61.60 31.07
N LYS L 44 -3.66 -60.42 31.11
CA LYS L 44 -4.19 -59.76 29.93
C LYS L 44 -3.58 -58.38 29.78
N ALA L 45 -3.84 -57.76 28.62
CA ALA L 45 -3.36 -56.43 28.28
C ALA L 45 -4.27 -55.37 28.87
N PRO L 46 -3.76 -54.15 29.06
CA PRO L 46 -4.61 -53.06 29.54
C PRO L 46 -5.73 -52.77 28.55
N LYS L 47 -6.89 -52.39 29.09
CA LYS L 47 -8.06 -52.07 28.29
C LYS L 47 -8.60 -50.72 28.73
N LEU L 48 -9.05 -49.94 27.76
CA LEU L 48 -9.62 -48.63 28.01
C LEU L 48 -11.07 -48.80 28.44
N ILE L 49 -11.41 -48.22 29.58
CA ILE L 49 -12.77 -48.31 30.12
C ILE L 49 -13.49 -46.97 30.06
N ILE L 50 -12.79 -45.87 30.34
CA ILE L 50 -13.33 -44.54 30.21
C ILE L 50 -12.22 -43.61 29.77
N TYR L 51 -12.49 -42.77 28.77
CA TYR L 51 -11.50 -41.78 28.34
C TYR L 51 -11.87 -40.38 28.81
N GLU L 52 -13.12 -39.98 28.60
CA GLU L 52 -13.61 -38.70 29.06
C GLU L 52 -14.33 -38.87 30.38
N VAL L 53 -14.33 -37.81 31.18
CA VAL L 53 -15.10 -37.81 32.42
C VAL L 53 -16.58 -37.88 32.06
N SER L 54 -17.20 -39.03 32.37
CA SER L 54 -18.65 -39.21 32.28
C SER L 54 -19.16 -39.12 30.83
N LYS L 55 -18.48 -39.81 29.91
CA LYS L 55 -19.12 -40.26 28.69
C LYS L 55 -18.36 -41.50 28.23
N ARG L 56 -19.09 -42.60 28.10
CA ARG L 56 -18.85 -44.03 27.95
C ARG L 56 -18.38 -44.36 26.53
N PRO L 57 -17.33 -45.18 26.40
CA PRO L 57 -16.85 -45.56 25.06
C PRO L 57 -17.77 -46.52 24.35
N SER L 58 -17.34 -46.99 23.17
CA SER L 58 -18.13 -47.90 22.37
C SER L 58 -17.63 -49.33 22.52
N GLY L 59 -18.52 -50.28 22.30
CA GLY L 59 -18.16 -51.68 22.38
C GLY L 59 -17.94 -52.20 23.76
N VAL L 60 -18.48 -51.54 24.78
CA VAL L 60 -18.29 -51.91 26.18
C VAL L 60 -19.62 -51.71 26.90
N SER L 61 -19.84 -52.53 27.94
CA SER L 61 -21.12 -52.65 28.60
C SER L 61 -21.36 -51.46 29.54
N TYR L 62 -22.39 -51.57 30.39
CA TYR L 62 -22.84 -50.51 31.27
C TYR L 62 -22.13 -50.46 32.61
N ARG L 63 -21.12 -51.30 32.82
CA ARG L 63 -20.61 -51.55 34.17
C ARG L 63 -20.03 -50.29 34.81
N PHE L 64 -19.32 -49.48 34.02
CA PHE L 64 -18.46 -48.44 34.56
C PHE L 64 -19.02 -47.06 34.29
N SER L 65 -18.98 -46.21 35.33
CA SER L 65 -19.34 -44.80 35.22
C SER L 65 -18.57 -44.04 36.29
N GLY L 66 -18.45 -42.74 36.10
CA GLY L 66 -17.67 -41.96 37.05
C GLY L 66 -17.96 -40.48 36.95
N SER L 67 -17.25 -39.71 37.77
CA SER L 67 -17.41 -38.27 37.83
C SER L 67 -16.12 -37.65 38.33
N LYS L 68 -16.08 -36.32 38.33
CA LYS L 68 -14.91 -35.57 38.75
C LYS L 68 -15.34 -34.28 39.43
N SER L 69 -14.72 -33.96 40.56
CA SER L 69 -15.06 -32.74 41.29
C SER L 69 -13.89 -32.38 42.20
N GLY L 70 -13.59 -31.09 42.27
CA GLY L 70 -12.51 -30.63 43.12
C GLY L 70 -11.17 -31.14 42.65
N ASN L 71 -10.41 -31.74 43.56
CA ASN L 71 -9.09 -32.27 43.26
C ASN L 71 -9.08 -33.79 43.19
N THR L 72 -10.26 -34.43 43.19
CA THR L 72 -10.36 -35.88 43.20
C THR L 72 -11.41 -36.32 42.20
N ALA L 73 -11.26 -37.56 41.72
CA ALA L 73 -12.21 -38.16 40.80
C ALA L 73 -12.66 -39.50 41.35
N SER L 74 -13.90 -39.87 41.03
CA SER L 74 -14.49 -41.11 41.52
C SER L 74 -15.01 -41.94 40.36
N LEU L 75 -14.78 -43.24 40.43
CA LEU L 75 -15.24 -44.20 39.43
C LEU L 75 -16.21 -45.16 40.08
N LYS L 76 -17.41 -45.26 39.52
CA LYS L 76 -18.47 -46.11 40.07
C LYS L 76 -18.51 -47.42 39.30
N ILE L 77 -18.43 -48.53 40.02
CA ILE L 77 -18.55 -49.87 39.46
C ILE L 77 -19.89 -50.41 39.92
N SER L 78 -20.85 -50.47 38.99
CA SER L 78 -22.21 -50.88 39.31
C SER L 78 -22.39 -52.37 39.04
N GLY L 79 -23.10 -53.04 39.94
CA GLY L 79 -23.40 -54.45 39.78
C GLY L 79 -22.18 -55.34 39.83
N LEU L 80 -21.54 -55.42 41.00
CA LEU L 80 -20.35 -56.25 41.15
C LEU L 80 -20.70 -57.72 41.04
N GLN L 81 -19.87 -58.47 40.31
CA GLN L 81 -19.98 -59.91 40.20
C GLN L 81 -18.64 -60.56 40.51
N ALA L 82 -18.58 -61.88 40.34
CA ALA L 82 -17.38 -62.63 40.69
C ALA L 82 -16.23 -62.35 39.73
N GLU L 83 -16.54 -62.14 38.46
CA GLU L 83 -15.52 -61.97 37.43
C GLU L 83 -14.94 -60.56 37.38
N ASP L 84 -15.13 -59.76 38.41
CA ASP L 84 -14.62 -58.39 38.45
C ASP L 84 -13.28 -58.28 39.15
N GLU L 85 -12.59 -59.40 39.38
CA GLU L 85 -11.28 -59.38 40.03
C GLU L 85 -10.22 -58.86 39.07
N ALA L 86 -9.92 -57.57 39.16
CA ALA L 86 -8.97 -56.93 38.25
C ALA L 86 -8.28 -55.78 38.97
N GLU L 87 -7.39 -55.10 38.25
CA GLU L 87 -6.64 -53.97 38.78
C GLU L 87 -6.81 -52.78 37.84
N TYR L 88 -7.12 -51.61 38.43
CA TYR L 88 -7.49 -50.42 37.68
C TYR L 88 -6.39 -49.38 37.80
N TYR L 89 -5.99 -48.82 36.67
CA TYR L 89 -4.95 -47.80 36.61
C TYR L 89 -5.50 -46.53 35.98
N CYS L 90 -4.92 -45.39 36.36
CA CYS L 90 -5.37 -44.10 35.87
C CYS L 90 -4.18 -43.21 35.57
N CYS L 91 -4.42 -42.21 34.70
CA CYS L 91 -3.41 -41.22 34.35
C CYS L 91 -4.10 -39.88 34.13
N SER L 92 -3.32 -38.80 34.23
CA SER L 92 -3.87 -37.46 34.14
C SER L 92 -2.96 -36.58 33.29
N TYR L 93 -3.45 -35.37 33.02
CA TYR L 93 -2.75 -34.39 32.20
C TYR L 93 -1.81 -33.56 33.07
N VAL L 94 -0.76 -33.03 32.44
CA VAL L 94 0.24 -32.23 33.15
C VAL L 94 0.51 -30.89 32.50
N GLY L 95 0.13 -30.68 31.24
CA GLY L 95 0.40 -29.45 30.54
C GLY L 95 1.21 -29.70 29.27
N SER L 96 2.04 -28.72 28.92
CA SER L 96 2.91 -28.85 27.76
C SER L 96 4.08 -29.80 28.00
N ASP L 97 4.13 -30.44 29.16
CA ASP L 97 5.19 -31.38 29.48
C ASP L 97 5.06 -32.63 28.60
N THR L 98 6.15 -33.41 28.53
CA THR L 98 6.24 -34.51 27.57
C THR L 98 5.06 -35.45 27.64
N TRP L 99 4.71 -35.92 28.83
CA TRP L 99 3.63 -36.90 28.94
C TRP L 99 3.00 -36.81 30.32
N GLY L 100 1.80 -37.37 30.44
CA GLY L 100 1.07 -37.33 31.68
C GLY L 100 1.68 -38.22 32.75
N VAL L 101 1.18 -38.03 33.97
CA VAL L 101 1.67 -38.72 35.15
C VAL L 101 0.82 -39.97 35.39
N PHE L 102 1.48 -41.09 35.63
CA PHE L 102 0.78 -42.34 35.89
C PHE L 102 0.33 -42.41 37.35
N GLY L 103 -0.82 -43.05 37.57
CA GLY L 103 -1.40 -43.15 38.89
C GLY L 103 -1.13 -44.48 39.55
N GLY L 104 -1.11 -44.47 40.88
CA GLY L 104 -0.94 -45.70 41.63
C GLY L 104 -2.13 -46.62 41.42
N GLY L 105 -1.85 -47.90 41.16
CA GLY L 105 -2.91 -48.84 40.89
C GLY L 105 -3.66 -49.26 42.15
N THR L 106 -4.85 -49.80 41.93
CA THR L 106 -5.70 -50.30 43.01
C THR L 106 -6.22 -51.68 42.64
N LYS L 107 -6.09 -52.62 43.56
CA LYS L 107 -6.57 -53.98 43.36
C LYS L 107 -7.90 -54.19 44.08
N LEU L 108 -8.76 -55.00 43.47
CA LEU L 108 -10.10 -55.26 43.99
C LEU L 108 -10.23 -56.76 44.23
N THR L 109 -10.67 -57.13 45.43
CA THR L 109 -10.89 -58.51 45.80
C THR L 109 -12.38 -58.73 46.07
N VAL L 110 -12.94 -59.77 45.45
CA VAL L 110 -14.36 -60.10 45.59
C VAL L 110 -14.46 -61.49 46.21
N LEU L 111 -15.27 -61.59 47.26
CA LEU L 111 -15.49 -62.87 47.93
C LEU L 111 -16.98 -63.15 48.08
#